data_3HCM
# 
_entry.id   3HCM 
# 
_audit_conform.dict_name       mmcif_pdbx.dic 
_audit_conform.dict_version    5.380 
_audit_conform.dict_location   http://mmcif.pdb.org/dictionaries/ascii/mmcif_pdbx.dic 
# 
loop_
_database_2.database_id 
_database_2.database_code 
_database_2.pdbx_database_accession 
_database_2.pdbx_DOI 
PDB   3HCM         pdb_00003hcm 10.2210/pdb3hcm/pdb 
RCSB  RCSB052969   ?            ?                   
WWPDB D_1000052969 ?            ?                   
# 
_pdbx_database_status.status_code                     REL 
_pdbx_database_status.entry_id                        3HCM 
_pdbx_database_status.recvd_initial_deposition_date   2009-05-06 
_pdbx_database_status.deposit_site                    RCSB 
_pdbx_database_status.process_site                    PDBJ 
_pdbx_database_status.status_code_sf                  REL 
_pdbx_database_status.status_code_mr                  ? 
_pdbx_database_status.SG_entry                        ? 
_pdbx_database_status.pdb_format_compatible           Y 
_pdbx_database_status.status_code_cs                  ? 
_pdbx_database_status.methods_development_category    ? 
_pdbx_database_status.status_code_nmr_data            ? 
# 
loop_
_audit_author.name 
_audit_author.pdbx_ordinal 
'Mangani, S.' 1 
'Cesari, L.'  2 
# 
_citation.id                        primary 
_citation.title                     
'Fragmenting the S100B-p53 Interaction: Combined Virtual/Biophysical Screening Approaches to Identify Ligands' 
_citation.journal_abbrev            Chemmedchem 
_citation.journal_volume            5 
_citation.page_first                428 
_citation.page_last                 435 
_citation.year                      2010 
_citation.journal_id_ASTM           ? 
_citation.country                   DE 
_citation.journal_id_ISSN           1860-7179 
_citation.journal_id_CSD            ? 
_citation.book_publisher            ? 
_citation.pdbx_database_id_PubMed   20077460 
_citation.pdbx_database_id_DOI      10.1002/cmdc.200900393 
# 
loop_
_citation_author.citation_id 
_citation_author.name 
_citation_author.ordinal 
_citation_author.identifier_ORCID 
primary 'Agamennone, M.' 1 ? 
primary 'Cesari, L.'     2 ? 
primary 'Lalli, D.'      3 ? 
primary 'Turlizzi, E.'   4 ? 
primary 'Del Conte, R.'  5 ? 
primary 'Turano, P.'     6 ? 
primary 'Mangani, S.'    7 ? 
primary 'Padova, A.'     8 ? 
# 
_cell.entry_id           3HCM 
_cell.length_a           35.257 
_cell.length_b           57.797 
_cell.length_c           47.745 
_cell.angle_alpha        90.00 
_cell.angle_beta         111.41 
_cell.angle_gamma        90.00 
_cell.Z_PDB              4 
_cell.pdbx_unique_axis   ? 
_cell.length_a_esd       ? 
_cell.length_b_esd       ? 
_cell.length_c_esd       ? 
_cell.angle_alpha_esd    ? 
_cell.angle_beta_esd     ? 
_cell.angle_gamma_esd    ? 
# 
_symmetry.entry_id                         3HCM 
_symmetry.space_group_name_H-M             'P 1 21 1' 
_symmetry.pdbx_full_space_group_name_H-M   ? 
_symmetry.cell_setting                     ? 
_symmetry.Int_Tables_number                4 
_symmetry.space_group_name_Hall            ? 
# 
loop_
_entity.id 
_entity.type 
_entity.src_method 
_entity.pdbx_description 
_entity.formula_weight 
_entity.pdbx_number_of_molecules 
_entity.pdbx_ec 
_entity.pdbx_mutation 
_entity.pdbx_fragment 
_entity.details 
1 polymer     man 'Protein S100-B'                                             10727.037 2  ? ? ? ? 
2 non-polymer syn 'CALCIUM ION'                                                40.078    4  ? ? ? ? 
3 non-polymer syn '(3R)-3-[3-(4-chlorophenyl)-1,2,4-oxadiazol-5-yl]piperidine' 263.723   2  ? ? ? ? 
4 non-polymer syn 'ACETATE ION'                                                59.044    1  ? ? ? ? 
5 water       nat water                                                        18.015    96 ? ? ? ? 
# 
_entity_name_com.entity_id   1 
_entity_name_com.name        'S100 calcium-binding protein B, S-100 protein subunit beta, S-100 protein beta chain' 
# 
_entity_poly.entity_id                      1 
_entity_poly.type                           'polypeptide(L)' 
_entity_poly.nstd_linkage                   no 
_entity_poly.nstd_monomer                   no 
_entity_poly.pdbx_seq_one_letter_code       
;MSELEKAMVALIDVFHQYSGREGDKHKLKKSELKELINNELSHFLEEIKEQEVVDKVMETLDNDGDGECDFQEFMAFVAM
VTTACHEFFEHE
;
_entity_poly.pdbx_seq_one_letter_code_can   
;MSELEKAMVALIDVFHQYSGREGDKHKLKKSELKELINNELSHFLEEIKEQEVVDKVMETLDNDGDGECDFQEFMAFVAM
VTTACHEFFEHE
;
_entity_poly.pdbx_strand_id                 A,B 
_entity_poly.pdbx_target_identifier         ? 
# 
loop_
_entity_poly_seq.entity_id 
_entity_poly_seq.num 
_entity_poly_seq.mon_id 
_entity_poly_seq.hetero 
1 1  MET n 
1 2  SER n 
1 3  GLU n 
1 4  LEU n 
1 5  GLU n 
1 6  LYS n 
1 7  ALA n 
1 8  MET n 
1 9  VAL n 
1 10 ALA n 
1 11 LEU n 
1 12 ILE n 
1 13 ASP n 
1 14 VAL n 
1 15 PHE n 
1 16 HIS n 
1 17 GLN n 
1 18 TYR n 
1 19 SER n 
1 20 GLY n 
1 21 ARG n 
1 22 GLU n 
1 23 GLY n 
1 24 ASP n 
1 25 LYS n 
1 26 HIS n 
1 27 LYS n 
1 28 LEU n 
1 29 LYS n 
1 30 LYS n 
1 31 SER n 
1 32 GLU n 
1 33 LEU n 
1 34 LYS n 
1 35 GLU n 
1 36 LEU n 
1 37 ILE n 
1 38 ASN n 
1 39 ASN n 
1 40 GLU n 
1 41 LEU n 
1 42 SER n 
1 43 HIS n 
1 44 PHE n 
1 45 LEU n 
1 46 GLU n 
1 47 GLU n 
1 48 ILE n 
1 49 LYS n 
1 50 GLU n 
1 51 GLN n 
1 52 GLU n 
1 53 VAL n 
1 54 VAL n 
1 55 ASP n 
1 56 LYS n 
1 57 VAL n 
1 58 MET n 
1 59 GLU n 
1 60 THR n 
1 61 LEU n 
1 62 ASP n 
1 63 ASN n 
1 64 ASP n 
1 65 GLY n 
1 66 ASP n 
1 67 GLY n 
1 68 GLU n 
1 69 CYS n 
1 70 ASP n 
1 71 PHE n 
1 72 GLN n 
1 73 GLU n 
1 74 PHE n 
1 75 MET n 
1 76 ALA n 
1 77 PHE n 
1 78 VAL n 
1 79 ALA n 
1 80 MET n 
1 81 VAL n 
1 82 THR n 
1 83 THR n 
1 84 ALA n 
1 85 CYS n 
1 86 HIS n 
1 87 GLU n 
1 88 PHE n 
1 89 PHE n 
1 90 GLU n 
1 91 HIS n 
1 92 GLU n 
# 
_entity_src_gen.entity_id                          1 
_entity_src_gen.pdbx_src_id                        1 
_entity_src_gen.pdbx_alt_source_flag               sample 
_entity_src_gen.pdbx_seq_type                      ? 
_entity_src_gen.pdbx_beg_seq_num                   ? 
_entity_src_gen.pdbx_end_seq_num                   ? 
_entity_src_gen.gene_src_common_name               human 
_entity_src_gen.gene_src_genus                     ? 
_entity_src_gen.pdbx_gene_src_gene                 ? 
_entity_src_gen.gene_src_species                   ? 
_entity_src_gen.gene_src_strain                    ? 
_entity_src_gen.gene_src_tissue                    ? 
_entity_src_gen.gene_src_tissue_fraction           ? 
_entity_src_gen.gene_src_details                   ? 
_entity_src_gen.pdbx_gene_src_fragment             ? 
_entity_src_gen.pdbx_gene_src_scientific_name      'Homo sapiens' 
_entity_src_gen.pdbx_gene_src_ncbi_taxonomy_id     9606 
_entity_src_gen.pdbx_gene_src_variant              ? 
_entity_src_gen.pdbx_gene_src_cell_line            ? 
_entity_src_gen.pdbx_gene_src_atcc                 ? 
_entity_src_gen.pdbx_gene_src_organ                ? 
_entity_src_gen.pdbx_gene_src_organelle            ? 
_entity_src_gen.pdbx_gene_src_cell                 ? 
_entity_src_gen.pdbx_gene_src_cellular_location    ? 
_entity_src_gen.host_org_common_name               ? 
_entity_src_gen.pdbx_host_org_scientific_name      'Escherichia coli' 
_entity_src_gen.pdbx_host_org_ncbi_taxonomy_id     562 
_entity_src_gen.host_org_genus                     ? 
_entity_src_gen.pdbx_host_org_gene                 ? 
_entity_src_gen.pdbx_host_org_organ                ? 
_entity_src_gen.host_org_species                   ? 
_entity_src_gen.pdbx_host_org_tissue               ? 
_entity_src_gen.pdbx_host_org_tissue_fraction      ? 
_entity_src_gen.pdbx_host_org_strain               ? 
_entity_src_gen.pdbx_host_org_variant              ? 
_entity_src_gen.pdbx_host_org_cell_line            ? 
_entity_src_gen.pdbx_host_org_atcc                 ? 
_entity_src_gen.pdbx_host_org_culture_collection   ? 
_entity_src_gen.pdbx_host_org_cell                 ? 
_entity_src_gen.pdbx_host_org_organelle            ? 
_entity_src_gen.pdbx_host_org_cellular_location    ? 
_entity_src_gen.pdbx_host_org_vector_type          ? 
_entity_src_gen.pdbx_host_org_vector               ? 
_entity_src_gen.host_org_details                   ? 
_entity_src_gen.expression_system_id               ? 
_entity_src_gen.plasmid_name                       ? 
_entity_src_gen.plasmid_details                    ? 
_entity_src_gen.pdbx_description                   'The protein was purchased from a commercial source.' 
# 
_struct_ref.id                         1 
_struct_ref.db_name                    UNP 
_struct_ref.db_code                    S100B_HUMAN 
_struct_ref.pdbx_db_accession          P04271 
_struct_ref.entity_id                  1 
_struct_ref.pdbx_seq_one_letter_code   
;MSELEKAMVALIDVFHQYSGREGDKHKLKKSELKELINNELSHFLEEIKEQEVVDKVMETLDNDGDGECDFQEFMAFVAM
VTTACHEFFEHE
;
_struct_ref.pdbx_align_begin           1 
_struct_ref.pdbx_db_isoform            ? 
# 
loop_
_struct_ref_seq.align_id 
_struct_ref_seq.ref_id 
_struct_ref_seq.pdbx_PDB_id_code 
_struct_ref_seq.pdbx_strand_id 
_struct_ref_seq.seq_align_beg 
_struct_ref_seq.pdbx_seq_align_beg_ins_code 
_struct_ref_seq.seq_align_end 
_struct_ref_seq.pdbx_seq_align_end_ins_code 
_struct_ref_seq.pdbx_db_accession 
_struct_ref_seq.db_align_beg 
_struct_ref_seq.pdbx_db_align_beg_ins_code 
_struct_ref_seq.db_align_end 
_struct_ref_seq.pdbx_db_align_end_ins_code 
_struct_ref_seq.pdbx_auth_seq_align_beg 
_struct_ref_seq.pdbx_auth_seq_align_end 
1 1 3HCM A 1 ? 92 ? P04271 1 ? 92 ? 0 91 
2 1 3HCM B 1 ? 92 ? P04271 1 ? 92 ? 0 91 
# 
loop_
_chem_comp.id 
_chem_comp.type 
_chem_comp.mon_nstd_flag 
_chem_comp.name 
_chem_comp.pdbx_synonyms 
_chem_comp.formula 
_chem_comp.formula_weight 
ACT non-polymer         . 'ACETATE ION'                                                ? 'C2 H3 O2 -1'     59.044  
ALA 'L-peptide linking' y ALANINE                                                      ? 'C3 H7 N O2'      89.093  
ARG 'L-peptide linking' y ARGININE                                                     ? 'C6 H15 N4 O2 1'  175.209 
ASN 'L-peptide linking' y ASPARAGINE                                                   ? 'C4 H8 N2 O3'     132.118 
ASP 'L-peptide linking' y 'ASPARTIC ACID'                                              ? 'C4 H7 N O4'      133.103 
CA  non-polymer         . 'CALCIUM ION'                                                ? 'Ca 2'            40.078  
CYS 'L-peptide linking' y CYSTEINE                                                     ? 'C3 H7 N O2 S'    121.158 
GLN 'L-peptide linking' y GLUTAMINE                                                    ? 'C5 H10 N2 O3'    146.144 
GLU 'L-peptide linking' y 'GLUTAMIC ACID'                                              ? 'C5 H9 N O4'      147.129 
GLY 'peptide linking'   y GLYCINE                                                      ? 'C2 H5 N O2'      75.067  
HIS 'L-peptide linking' y HISTIDINE                                                    ? 'C6 H10 N3 O2 1'  156.162 
HOH non-polymer         . WATER                                                        ? 'H2 O'            18.015  
ILE 'L-peptide linking' y ISOLEUCINE                                                   ? 'C6 H13 N O2'     131.173 
LEU 'L-peptide linking' y LEUCINE                                                      ? 'C6 H13 N O2'     131.173 
LYS 'L-peptide linking' y LYSINE                                                       ? 'C6 H15 N2 O2 1'  147.195 
MET 'L-peptide linking' y METHIONINE                                                   ? 'C5 H11 N O2 S'   149.211 
PHE 'L-peptide linking' y PHENYLALANINE                                                ? 'C9 H11 N O2'     165.189 
S45 non-polymer         . '(3R)-3-[3-(4-chlorophenyl)-1,2,4-oxadiazol-5-yl]piperidine' ? 'C13 H14 Cl N3 O' 263.723 
SER 'L-peptide linking' y SERINE                                                       ? 'C3 H7 N O3'      105.093 
THR 'L-peptide linking' y THREONINE                                                    ? 'C4 H9 N O3'      119.119 
TYR 'L-peptide linking' y TYROSINE                                                     ? 'C9 H11 N O3'     181.189 
VAL 'L-peptide linking' y VALINE                                                       ? 'C5 H11 N O2'     117.146 
# 
_exptl.entry_id          3HCM 
_exptl.method            'X-RAY DIFFRACTION' 
_exptl.crystals_number   1 
# 
_exptl_crystal.id                    1 
_exptl_crystal.density_meas          ? 
_exptl_crystal.density_Matthews      2.21 
_exptl_crystal.density_percent_sol   44.31 
_exptl_crystal.description           ? 
_exptl_crystal.F_000                 ? 
_exptl_crystal.preparation           ? 
# 
_exptl_crystal_grow.crystal_id      1 
_exptl_crystal_grow.method          'VAPOR DIFFUSION, SITTING DROP' 
_exptl_crystal_grow.temp            298 
_exptl_crystal_grow.temp_details    ? 
_exptl_crystal_grow.pH              4.6 
_exptl_crystal_grow.pdbx_details    
'0.1M sodium acetate, 0.02M calcium chloride, 45% methylpenthanediol, pH4.6, VAPOR DIFFUSION, SITTING DROP, temperature 298K' 
_exptl_crystal_grow.pdbx_pH_range   . 
# 
_diffrn.id                     1 
_diffrn.ambient_temp           100 
_diffrn.ambient_temp_details   ? 
_diffrn.crystal_id             1 
# 
_diffrn_detector.diffrn_id              1 
_diffrn_detector.detector               'IMAGE PLATE' 
_diffrn_detector.type                   'MAR555 FLAT PANEL' 
_diffrn_detector.pdbx_collection_date   2006-10-24 
_diffrn_detector.details                ? 
# 
_diffrn_radiation.diffrn_id                        1 
_diffrn_radiation.wavelength_id                    1 
_diffrn_radiation.pdbx_monochromatic_or_laue_m_l   M 
_diffrn_radiation.monochromator                    'Si [111]' 
_diffrn_radiation.pdbx_diffrn_protocol             'SINGLE WAVELENGTH' 
_diffrn_radiation.pdbx_scattering_type             x-ray 
# 
_diffrn_radiation_wavelength.id           1 
_diffrn_radiation_wavelength.wavelength   0.814 
_diffrn_radiation_wavelength.wt           1.0 
# 
_diffrn_source.diffrn_id                   1 
_diffrn_source.source                      SYNCHROTRON 
_diffrn_source.type                        'EMBL/DESY, HAMBURG BEAMLINE X11' 
_diffrn_source.pdbx_synchrotron_site       'EMBL/DESY, HAMBURG' 
_diffrn_source.pdbx_synchrotron_beamline   X11 
_diffrn_source.pdbx_wavelength             ? 
_diffrn_source.pdbx_wavelength_list        0.814 
# 
_reflns.entry_id                     3HCM 
_reflns.observed_criterion_sigma_I   2.0 
_reflns.observed_criterion_sigma_F   0.0 
_reflns.d_resolution_low             17.68 
_reflns.d_resolution_high            2.00 
_reflns.number_obs                   9406 
_reflns.number_all                   12148 
_reflns.percent_possible_obs         81.5 
_reflns.pdbx_Rmerge_I_obs            ? 
_reflns.pdbx_Rsym_value              0.041 
_reflns.pdbx_netI_over_sigmaI        11.5 
_reflns.B_iso_Wilson_estimate        29.93 
_reflns.pdbx_redundancy              4.3 
_reflns.R_free_details               ? 
_reflns.limit_h_max                  ? 
_reflns.limit_h_min                  ? 
_reflns.limit_k_max                  ? 
_reflns.limit_k_min                  ? 
_reflns.limit_l_max                  ? 
_reflns.limit_l_min                  ? 
_reflns.observed_criterion_F_max     ? 
_reflns.observed_criterion_F_min     ? 
_reflns.pdbx_chi_squared             ? 
_reflns.pdbx_scaling_rejects         ? 
_reflns.pdbx_diffrn_id               1 
_reflns.pdbx_ordinal                 1 
# 
_reflns_shell.d_res_high             2.00 
_reflns_shell.d_res_low              2.11 
_reflns_shell.percent_possible_all   81.5 
_reflns_shell.Rmerge_I_obs           0.075 
_reflns_shell.pdbx_Rsym_value        ? 
_reflns_shell.meanI_over_sigI_obs    9.1 
_reflns_shell.pdbx_redundancy        4.1 
_reflns_shell.percent_possible_obs   ? 
_reflns_shell.number_unique_all      1337 
_reflns_shell.number_measured_all    ? 
_reflns_shell.number_measured_obs    ? 
_reflns_shell.number_unique_obs      ? 
_reflns_shell.pdbx_chi_squared       ? 
_reflns_shell.pdbx_diffrn_id         ? 
_reflns_shell.pdbx_ordinal           1 
# 
_refine.entry_id                                 3HCM 
_refine.ls_number_reflns_obs                     9406 
_refine.ls_number_reflns_all                     9406 
_refine.pdbx_ls_sigma_I                          2.0 
_refine.pdbx_ls_sigma_F                          0.0 
_refine.pdbx_data_cutoff_high_absF               ? 
_refine.pdbx_data_cutoff_low_absF                ? 
_refine.pdbx_data_cutoff_high_rms_absF           ? 
_refine.ls_d_res_low                             17.63 
_refine.ls_d_res_high                            2.00 
_refine.ls_percent_reflns_obs                    81.19 
_refine.ls_R_factor_obs                          0.23105 
_refine.ls_R_factor_all                          0.23105 
_refine.ls_R_factor_R_work                       0.22722 
_refine.ls_R_factor_R_free                       0.31149 
_refine.ls_R_factor_R_free_error                 ? 
_refine.ls_R_factor_R_free_error_details         ? 
_refine.ls_percent_reflns_R_free                 4.6 
_refine.ls_number_reflns_R_free                  457 
_refine.ls_number_parameters                     ? 
_refine.ls_number_restraints                     ? 
_refine.occupancy_min                            ? 
_refine.occupancy_max                            ? 
_refine.correlation_coeff_Fo_to_Fc               0.913 
_refine.correlation_coeff_Fo_to_Fc_free          0.840 
_refine.B_iso_mean                               33.961 
_refine.aniso_B[1][1]                            0.00 
_refine.aniso_B[2][2]                            0.00 
_refine.aniso_B[3][3]                            0.00 
_refine.aniso_B[1][2]                            0.00 
_refine.aniso_B[1][3]                            0.00 
_refine.aniso_B[2][3]                            0.00 
_refine.solvent_model_details                    MASK 
_refine.solvent_model_param_ksol                 ? 
_refine.solvent_model_param_bsol                 ? 
_refine.pdbx_solvent_vdw_probe_radii             1.20 
_refine.pdbx_solvent_ion_probe_radii             0.80 
_refine.pdbx_solvent_shrinkage_radii             0.80 
_refine.pdbx_ls_cross_valid_method               THROUGHOUT 
_refine.details                                  'HYDROGENS HAVE BEEN ADDED IN THE RIDING POSITIONS' 
_refine.pdbx_starting_model                      'PDB ENTRY 2H61' 
_refine.pdbx_method_to_determine_struct          'MOLECULAR REPLACEMENT' 
_refine.pdbx_isotropic_thermal_model             ? 
_refine.pdbx_stereochemistry_target_values       'MAXIMUM LIKELIHOOD' 
_refine.pdbx_stereochem_target_val_spec_case     ? 
_refine.pdbx_R_Free_selection_details            RANDOM 
_refine.pdbx_overall_ESU_R                       0.365 
_refine.pdbx_overall_ESU_R_Free                  0.281 
_refine.overall_SU_ML                            0.173 
_refine.overall_SU_B                             5.870 
_refine.ls_redundancy_reflns_obs                 ? 
_refine.B_iso_min                                ? 
_refine.B_iso_max                                ? 
_refine.overall_SU_R_Cruickshank_DPI             ? 
_refine.overall_SU_R_free                        ? 
_refine.ls_wR_factor_R_free                      ? 
_refine.ls_wR_factor_R_work                      ? 
_refine.overall_FOM_free_R_set                   ? 
_refine.overall_FOM_work_R_set                   ? 
_refine.pdbx_refine_id                           'X-RAY DIFFRACTION' 
_refine.pdbx_overall_phase_error                 ? 
_refine.pdbx_diffrn_id                           1 
_refine.pdbx_TLS_residual_ADP_flag               ? 
_refine.pdbx_overall_SU_R_free_Cruickshank_DPI   ? 
_refine.pdbx_overall_SU_R_Blow_DPI               ? 
_refine.pdbx_overall_SU_R_free_Blow_DPI          ? 
# 
_refine_hist.pdbx_refine_id                   'X-RAY DIFFRACTION' 
_refine_hist.cycle_id                         LAST 
_refine_hist.pdbx_number_atoms_protein        1471 
_refine_hist.pdbx_number_atoms_nucleic_acid   0 
_refine_hist.pdbx_number_atoms_ligand         44 
_refine_hist.number_atoms_solvent             96 
_refine_hist.number_atoms_total               1611 
_refine_hist.d_res_high                       2.00 
_refine_hist.d_res_low                        17.63 
# 
loop_
_refine_ls_restr.type 
_refine_ls_restr.dev_ideal 
_refine_ls_restr.dev_ideal_target 
_refine_ls_restr.weight 
_refine_ls_restr.number 
_refine_ls_restr.pdbx_refine_id 
_refine_ls_restr.pdbx_restraint_function 
r_bond_refined_d             0.016  0.021  ? 1538 'X-RAY DIFFRACTION' ? 
r_bond_other_d               ?      ?      ? ?    'X-RAY DIFFRACTION' ? 
r_angle_refined_deg          1.687  1.978  ? 2057 'X-RAY DIFFRACTION' ? 
r_angle_other_deg            ?      ?      ? ?    'X-RAY DIFFRACTION' ? 
r_dihedral_angle_1_deg       5.602  5.000  ? 181  'X-RAY DIFFRACTION' ? 
r_dihedral_angle_2_deg       36.336 26.506 ? 83   'X-RAY DIFFRACTION' ? 
r_dihedral_angle_3_deg       18.147 15.000 ? 294  'X-RAY DIFFRACTION' ? 
r_dihedral_angle_4_deg       23.357 15.000 ? 2    'X-RAY DIFFRACTION' ? 
r_chiral_restr               0.115  0.200  ? 218  'X-RAY DIFFRACTION' ? 
r_gen_planes_refined         0.007  0.020  ? 1156 'X-RAY DIFFRACTION' ? 
r_gen_planes_other           ?      ?      ? ?    'X-RAY DIFFRACTION' ? 
r_nbd_refined                0.250  0.200  ? 834  'X-RAY DIFFRACTION' ? 
r_nbd_other                  ?      ?      ? ?    'X-RAY DIFFRACTION' ? 
r_nbtor_refined              0.306  0.200  ? 1046 'X-RAY DIFFRACTION' ? 
r_nbtor_other                ?      ?      ? ?    'X-RAY DIFFRACTION' ? 
r_xyhbond_nbd_refined        0.214  0.200  ? 98   'X-RAY DIFFRACTION' ? 
r_xyhbond_nbd_other          ?      ?      ? ?    'X-RAY DIFFRACTION' ? 
r_metal_ion_refined          0.129  0.200  ? 13   'X-RAY DIFFRACTION' ? 
r_metal_ion_other            ?      ?      ? ?    'X-RAY DIFFRACTION' ? 
r_symmetry_vdw_refined       0.279  0.200  ? 47   'X-RAY DIFFRACTION' ? 
r_symmetry_vdw_other         ?      ?      ? ?    'X-RAY DIFFRACTION' ? 
r_symmetry_hbond_refined     0.199  0.200  ? 4    'X-RAY DIFFRACTION' ? 
r_symmetry_hbond_other       ?      ?      ? ?    'X-RAY DIFFRACTION' ? 
r_symmetry_metal_ion_refined ?      ?      ? ?    'X-RAY DIFFRACTION' ? 
r_symmetry_metal_ion_other   ?      ?      ? ?    'X-RAY DIFFRACTION' ? 
r_mcbond_it                  1.135  1.500  ? 938  'X-RAY DIFFRACTION' ? 
r_mcbond_other               ?      ?      ? ?    'X-RAY DIFFRACTION' ? 
r_mcangle_it                 1.678  2.000  ? 1442 'X-RAY DIFFRACTION' ? 
r_scbond_it                  2.533  3.000  ? 674  'X-RAY DIFFRACTION' ? 
r_scangle_it                 3.645  4.500  ? 614  'X-RAY DIFFRACTION' ? 
r_rigid_bond_restr           ?      ?      ? ?    'X-RAY DIFFRACTION' ? 
r_sphericity_free            ?      ?      ? ?    'X-RAY DIFFRACTION' ? 
r_sphericity_bonded          ?      ?      ? ?    'X-RAY DIFFRACTION' ? 
# 
_refine_ls_shell.pdbx_total_number_of_bins_used   20 
_refine_ls_shell.d_res_high                       2.000 
_refine_ls_shell.d_res_low                        2.051 
_refine_ls_shell.number_reflns_R_work             736 
_refine_ls_shell.R_factor_R_work                  0.199 
_refine_ls_shell.percent_reflns_obs               86.94 
_refine_ls_shell.R_factor_R_free                  0.327 
_refine_ls_shell.R_factor_R_free_error            ? 
_refine_ls_shell.percent_reflns_R_free            ? 
_refine_ls_shell.number_reflns_R_free             43 
_refine_ls_shell.number_reflns_all                ? 
_refine_ls_shell.R_factor_all                     ? 
_refine_ls_shell.number_reflns_obs                ? 
_refine_ls_shell.redundancy_reflns_obs            ? 
_refine_ls_shell.pdbx_refine_id                   'X-RAY DIFFRACTION' 
# 
_struct.entry_id                  3HCM 
_struct.title                     'Crystal structure of human S100B in complex with S45' 
_struct.pdbx_model_details        ? 
_struct.pdbx_CASP_flag            ? 
_struct.pdbx_model_type_details   ? 
# 
_struct_keywords.entry_id        3HCM 
_struct_keywords.pdbx_keywords   'METAL BINDING PROTEIN' 
_struct_keywords.text            
'S100B, calcium binding protein, inhibitor, Calcium, Cytoplasm, Metal-binding, Nucleus, METAL BINDING PROTEIN' 
# 
loop_
_struct_asym.id 
_struct_asym.pdbx_blank_PDB_chainid_flag 
_struct_asym.pdbx_modified 
_struct_asym.entity_id 
_struct_asym.details 
A N N 1 ? 
B N N 1 ? 
C N N 2 ? 
D N N 2 ? 
E N N 3 ? 
F N N 4 ? 
G N N 2 ? 
H N N 2 ? 
I N N 3 ? 
J N N 5 ? 
K N N 5 ? 
# 
loop_
_struct_conf.conf_type_id 
_struct_conf.id 
_struct_conf.pdbx_PDB_helix_id 
_struct_conf.beg_label_comp_id 
_struct_conf.beg_label_asym_id 
_struct_conf.beg_label_seq_id 
_struct_conf.pdbx_beg_PDB_ins_code 
_struct_conf.end_label_comp_id 
_struct_conf.end_label_asym_id 
_struct_conf.end_label_seq_id 
_struct_conf.pdbx_end_PDB_ins_code 
_struct_conf.beg_auth_comp_id 
_struct_conf.beg_auth_asym_id 
_struct_conf.beg_auth_seq_id 
_struct_conf.end_auth_comp_id 
_struct_conf.end_auth_asym_id 
_struct_conf.end_auth_seq_id 
_struct_conf.pdbx_PDB_helix_class 
_struct_conf.details 
_struct_conf.pdbx_PDB_helix_length 
HELX_P HELX_P1 1 SER A 2  ? GLY A 20 ? SER A 1  GLY A 19 1 ? 19 
HELX_P HELX_P2 2 LYS A 29 ? LEU A 41 ? LYS A 28 LEU A 40 1 ? 13 
HELX_P HELX_P3 3 GLU A 50 ? ASP A 62 ? GLU A 49 ASP A 61 1 ? 13 
HELX_P HELX_P4 4 ASP A 70 ? GLU A 87 ? ASP A 69 GLU A 86 1 ? 18 
HELX_P HELX_P5 5 SER B 2  ? GLY B 20 ? SER B 1  GLY B 19 1 ? 19 
HELX_P HELX_P6 6 LYS B 29 ? LEU B 41 ? LYS B 28 LEU B 40 1 ? 13 
HELX_P HELX_P7 7 GLU B 50 ? ASP B 62 ? GLU B 49 ASP B 61 1 ? 13 
HELX_P HELX_P8 8 PHE B 71 ? PHE B 89 ? PHE B 70 PHE B 88 1 ? 19 
# 
_struct_conf_type.id          HELX_P 
_struct_conf_type.criteria    ? 
_struct_conf_type.reference   ? 
# 
loop_
_struct_conn.id 
_struct_conn.conn_type_id 
_struct_conn.pdbx_leaving_atom_flag 
_struct_conn.pdbx_PDB_id 
_struct_conn.ptnr1_label_asym_id 
_struct_conn.ptnr1_label_comp_id 
_struct_conn.ptnr1_label_seq_id 
_struct_conn.ptnr1_label_atom_id 
_struct_conn.pdbx_ptnr1_label_alt_id 
_struct_conn.pdbx_ptnr1_PDB_ins_code 
_struct_conn.pdbx_ptnr1_standard_comp_id 
_struct_conn.ptnr1_symmetry 
_struct_conn.ptnr2_label_asym_id 
_struct_conn.ptnr2_label_comp_id 
_struct_conn.ptnr2_label_seq_id 
_struct_conn.ptnr2_label_atom_id 
_struct_conn.pdbx_ptnr2_label_alt_id 
_struct_conn.pdbx_ptnr2_PDB_ins_code 
_struct_conn.ptnr1_auth_asym_id 
_struct_conn.ptnr1_auth_comp_id 
_struct_conn.ptnr1_auth_seq_id 
_struct_conn.ptnr2_auth_asym_id 
_struct_conn.ptnr2_auth_comp_id 
_struct_conn.ptnr2_auth_seq_id 
_struct_conn.ptnr2_symmetry 
_struct_conn.pdbx_ptnr3_label_atom_id 
_struct_conn.pdbx_ptnr3_label_seq_id 
_struct_conn.pdbx_ptnr3_label_comp_id 
_struct_conn.pdbx_ptnr3_label_asym_id 
_struct_conn.pdbx_ptnr3_label_alt_id 
_struct_conn.pdbx_ptnr3_PDB_ins_code 
_struct_conn.details 
_struct_conn.pdbx_dist_value 
_struct_conn.pdbx_value_order 
_struct_conn.pdbx_role 
metalc1  metalc ? ? A SER 19 O   ? ? ? 1_555 C CA  . CA ? ? A SER 18 A CA  92  1_555 ? ? ? ? ? ? ? 2.215 ? ? 
metalc2  metalc ? ? A GLU 22 O   ? ? ? 1_555 C CA  . CA ? ? A GLU 21 A CA  92  1_555 ? ? ? ? ? ? ? 2.736 ? ? 
metalc3  metalc ? ? A ASP 24 O   ? ? ? 1_555 C CA  . CA ? ? A ASP 23 A CA  92  1_555 ? ? ? ? ? ? ? 2.426 ? ? 
metalc4  metalc ? ? A LYS 27 O   ? ? ? 1_555 C CA  . CA ? ? A LYS 26 A CA  92  1_555 ? ? ? ? ? ? ? 2.345 ? ? 
metalc5  metalc ? ? A GLU 32 OE1 ? ? ? 1_555 C CA  . CA ? ? A GLU 31 A CA  92  1_555 ? ? ? ? ? ? ? 2.375 ? ? 
metalc6  metalc ? ? A GLU 32 OE2 ? ? ? 1_555 C CA  . CA ? ? A GLU 31 A CA  92  1_555 ? ? ? ? ? ? ? 2.647 ? ? 
metalc7  metalc ? ? A ASP 62 OD1 ? ? ? 1_555 D CA  . CA ? ? A ASP 61 A CA  93  1_555 ? ? ? ? ? ? ? 2.156 ? ? 
metalc8  metalc ? ? A ASP 64 OD1 ? ? ? 1_555 D CA  . CA ? ? A ASP 63 A CA  93  1_555 ? ? ? ? ? ? ? 2.339 ? ? 
metalc9  metalc ? ? A ASP 66 OD1 ? ? ? 1_555 D CA  . CA ? ? A ASP 65 A CA  93  1_555 ? ? ? ? ? ? ? 2.596 ? ? 
metalc10 metalc ? ? A GLU 68 O   ? ? ? 1_555 D CA  . CA ? ? A GLU 67 A CA  93  1_555 ? ? ? ? ? ? ? 2.462 ? ? 
metalc11 metalc ? ? A GLU 73 OE1 ? ? ? 1_555 D CA  . CA ? ? A GLU 72 A CA  93  1_555 ? ? ? ? ? ? ? 2.433 ? ? 
metalc12 metalc ? ? A GLU 73 OE2 ? ? ? 1_555 D CA  . CA ? ? A GLU 72 A CA  93  1_555 ? ? ? ? ? ? ? 2.697 ? ? 
metalc13 metalc ? ? D CA  .  CA  ? ? ? 1_555 J HOH . O  ? ? A CA  93 A HOH 139 1_555 ? ? ? ? ? ? ? 2.377 ? ? 
metalc14 metalc ? ? B SER 19 O   ? ? ? 1_555 G CA  . CA ? ? B SER 18 B CA  92  1_555 ? ? ? ? ? ? ? 2.329 ? ? 
metalc15 metalc ? ? B GLU 22 O   ? ? ? 1_555 G CA  . CA ? ? B GLU 21 B CA  92  1_555 ? ? ? ? ? ? ? 2.409 ? ? 
metalc16 metalc ? ? B ASP 24 O   ? ? ? 1_555 G CA  . CA ? ? B ASP 23 B CA  92  1_555 ? ? ? ? ? ? ? 2.206 ? ? 
metalc17 metalc ? ? B LYS 27 O   ? ? ? 1_555 G CA  . CA ? ? B LYS 26 B CA  92  1_555 ? ? ? ? ? ? ? 2.537 ? ? 
metalc18 metalc ? ? B GLU 32 OE1 ? ? ? 1_555 G CA  . CA ? ? B GLU 31 B CA  92  1_555 ? ? ? ? ? ? ? 2.752 ? ? 
metalc19 metalc ? ? B GLU 32 OE2 ? ? ? 1_555 G CA  . CA ? ? B GLU 31 B CA  92  1_555 ? ? ? ? ? ? ? 2.661 ? ? 
metalc20 metalc ? ? B ASP 62 OD1 ? ? ? 1_555 H CA  . CA ? ? B ASP 61 B CA  93  1_555 ? ? ? ? ? ? ? 2.406 ? ? 
metalc21 metalc ? ? B ASP 64 OD1 ? ? ? 1_555 H CA  . CA ? ? B ASP 63 B CA  93  1_555 ? ? ? ? ? ? ? 2.481 ? ? 
metalc22 metalc ? ? B ASP 66 OD1 ? ? ? 1_555 H CA  . CA ? ? B ASP 65 B CA  93  1_555 ? ? ? ? ? ? ? 2.657 ? ? 
metalc23 metalc ? ? B GLU 68 O   ? ? ? 1_555 H CA  . CA ? ? B GLU 67 B CA  93  1_555 ? ? ? ? ? ? ? 2.346 ? ? 
metalc24 metalc ? ? B GLU 73 OE1 ? ? ? 1_555 H CA  . CA ? ? B GLU 72 B CA  93  1_555 ? ? ? ? ? ? ? 2.338 ? ? 
metalc25 metalc ? ? B GLU 73 OE2 ? ? ? 1_555 H CA  . CA ? ? B GLU 72 B CA  93  1_555 ? ? ? ? ? ? ? 2.509 ? ? 
metalc26 metalc ? ? G CA  .  CA  ? ? ? 1_555 K HOH . O  ? ? B CA  92 B HOH 123 1_555 ? ? ? ? ? ? ? 2.449 ? ? 
metalc27 metalc ? ? H CA  .  CA  ? ? ? 1_555 K HOH . O  ? ? B CA  93 B HOH 131 1_555 ? ? ? ? ? ? ? 2.274 ? ? 
# 
_struct_conn_type.id          metalc 
_struct_conn_type.criteria    ? 
_struct_conn_type.reference   ? 
# 
_struct_sheet.id               A 
_struct_sheet.type             ? 
_struct_sheet.number_strands   2 
_struct_sheet.details          ? 
# 
_struct_sheet_order.sheet_id     A 
_struct_sheet_order.range_id_1   1 
_struct_sheet_order.range_id_2   2 
_struct_sheet_order.offset       ? 
_struct_sheet_order.sense        anti-parallel 
# 
loop_
_struct_sheet_range.sheet_id 
_struct_sheet_range.id 
_struct_sheet_range.beg_label_comp_id 
_struct_sheet_range.beg_label_asym_id 
_struct_sheet_range.beg_label_seq_id 
_struct_sheet_range.pdbx_beg_PDB_ins_code 
_struct_sheet_range.end_label_comp_id 
_struct_sheet_range.end_label_asym_id 
_struct_sheet_range.end_label_seq_id 
_struct_sheet_range.pdbx_end_PDB_ins_code 
_struct_sheet_range.beg_auth_comp_id 
_struct_sheet_range.beg_auth_asym_id 
_struct_sheet_range.beg_auth_seq_id 
_struct_sheet_range.end_auth_comp_id 
_struct_sheet_range.end_auth_asym_id 
_struct_sheet_range.end_auth_seq_id 
A 1 LYS B 27 ? LEU B 28 ? LYS B 26 LEU B 27 
A 2 CYS B 69 ? ASP B 70 ? CYS B 68 ASP B 69 
# 
_pdbx_struct_sheet_hbond.sheet_id                A 
_pdbx_struct_sheet_hbond.range_id_1              1 
_pdbx_struct_sheet_hbond.range_id_2              2 
_pdbx_struct_sheet_hbond.range_1_label_atom_id   N 
_pdbx_struct_sheet_hbond.range_1_label_comp_id   LEU 
_pdbx_struct_sheet_hbond.range_1_label_asym_id   B 
_pdbx_struct_sheet_hbond.range_1_label_seq_id    28 
_pdbx_struct_sheet_hbond.range_1_PDB_ins_code    ? 
_pdbx_struct_sheet_hbond.range_1_auth_atom_id    N 
_pdbx_struct_sheet_hbond.range_1_auth_comp_id    LEU 
_pdbx_struct_sheet_hbond.range_1_auth_asym_id    B 
_pdbx_struct_sheet_hbond.range_1_auth_seq_id     27 
_pdbx_struct_sheet_hbond.range_2_label_atom_id   O 
_pdbx_struct_sheet_hbond.range_2_label_comp_id   CYS 
_pdbx_struct_sheet_hbond.range_2_label_asym_id   B 
_pdbx_struct_sheet_hbond.range_2_label_seq_id    69 
_pdbx_struct_sheet_hbond.range_2_PDB_ins_code    ? 
_pdbx_struct_sheet_hbond.range_2_auth_atom_id    O 
_pdbx_struct_sheet_hbond.range_2_auth_comp_id    CYS 
_pdbx_struct_sheet_hbond.range_2_auth_asym_id    B 
_pdbx_struct_sheet_hbond.range_2_auth_seq_id     68 
# 
loop_
_struct_site.id 
_struct_site.pdbx_evidence_code 
_struct_site.pdbx_auth_asym_id 
_struct_site.pdbx_auth_comp_id 
_struct_site.pdbx_auth_seq_id 
_struct_site.pdbx_auth_ins_code 
_struct_site.pdbx_num_residues 
_struct_site.details 
AC1 Software A CA  92 ? 5 'BINDING SITE FOR RESIDUE CA A 92'  
AC2 Software A CA  93 ? 6 'BINDING SITE FOR RESIDUE CA A 93'  
AC3 Software A S45 94 ? 5 'BINDING SITE FOR RESIDUE S45 A 94' 
AC4 Software A ACT 95 ? 1 'BINDING SITE FOR RESIDUE ACT A 95' 
AC5 Software B CA  92 ? 6 'BINDING SITE FOR RESIDUE CA B 92'  
AC6 Software B CA  93 ? 6 'BINDING SITE FOR RESIDUE CA B 93'  
AC7 Software B S45 94 ? 6 'BINDING SITE FOR RESIDUE S45 B 94' 
# 
loop_
_struct_site_gen.id 
_struct_site_gen.site_id 
_struct_site_gen.pdbx_num_res 
_struct_site_gen.label_comp_id 
_struct_site_gen.label_asym_id 
_struct_site_gen.label_seq_id 
_struct_site_gen.pdbx_auth_ins_code 
_struct_site_gen.auth_comp_id 
_struct_site_gen.auth_asym_id 
_struct_site_gen.auth_seq_id 
_struct_site_gen.label_atom_id 
_struct_site_gen.label_alt_id 
_struct_site_gen.symmetry 
_struct_site_gen.details 
1  AC1 5 SER A 19 ? SER A 18  . ? 1_555 ? 
2  AC1 5 GLU A 22 ? GLU A 21  . ? 1_555 ? 
3  AC1 5 ASP A 24 ? ASP A 23  . ? 1_555 ? 
4  AC1 5 LYS A 27 ? LYS A 26  . ? 1_555 ? 
5  AC1 5 GLU A 32 ? GLU A 31  . ? 1_555 ? 
6  AC2 6 ASP A 62 ? ASP A 61  . ? 1_555 ? 
7  AC2 6 ASP A 64 ? ASP A 63  . ? 1_555 ? 
8  AC2 6 ASP A 66 ? ASP A 65  . ? 1_555 ? 
9  AC2 6 GLU A 68 ? GLU A 67  . ? 1_555 ? 
10 AC2 6 GLU A 73 ? GLU A 72  . ? 1_555 ? 
11 AC2 6 HOH J .  ? HOH A 139 . ? 1_555 ? 
12 AC3 5 LEU A 45 ? LEU A 44  . ? 1_555 ? 
13 AC3 5 LEU A 61 ? LEU A 60  . ? 1_555 ? 
14 AC3 5 PHE A 77 ? PHE A 76  . ? 1_555 ? 
15 AC3 5 MET A 80 ? MET A 79  . ? 1_555 ? 
16 AC3 5 HOH J .  ? HOH A 143 . ? 1_555 ? 
17 AC4 1 GLU A 46 ? GLU A 45  . ? 1_555 ? 
18 AC5 6 SER B 19 ? SER B 18  . ? 1_555 ? 
19 AC5 6 GLU B 22 ? GLU B 21  . ? 1_555 ? 
20 AC5 6 ASP B 24 ? ASP B 23  . ? 1_555 ? 
21 AC5 6 LYS B 27 ? LYS B 26  . ? 1_555 ? 
22 AC5 6 GLU B 32 ? GLU B 31  . ? 1_555 ? 
23 AC5 6 HOH K .  ? HOH B 123 . ? 1_555 ? 
24 AC6 6 ASP B 62 ? ASP B 61  . ? 1_555 ? 
25 AC6 6 ASP B 64 ? ASP B 63  . ? 1_555 ? 
26 AC6 6 ASP B 66 ? ASP B 65  . ? 1_555 ? 
27 AC6 6 GLU B 68 ? GLU B 67  . ? 1_555 ? 
28 AC6 6 GLU B 73 ? GLU B 72  . ? 1_555 ? 
29 AC6 6 HOH K .  ? HOH B 131 . ? 1_555 ? 
30 AC7 6 LEU B 45 ? LEU B 44  . ? 1_555 ? 
31 AC7 6 GLU B 46 ? GLU B 45  . ? 1_555 ? 
32 AC7 6 VAL B 57 ? VAL B 56  . ? 1_555 ? 
33 AC7 6 PHE B 77 ? PHE B 76  . ? 1_555 ? 
34 AC7 6 MET B 80 ? MET B 79  . ? 1_555 ? 
35 AC7 6 HOH K .  ? HOH B 127 . ? 1_555 ? 
# 
_atom_sites.entry_id                    3HCM 
_atom_sites.fract_transf_matrix[1][1]   -0.02147735 
_atom_sites.fract_transf_matrix[1][2]   -0.01179890 
_atom_sites.fract_transf_matrix[1][3]   -0.01810379 
_atom_sites.fract_transf_matrix[2][1]   -0.01098451 
_atom_sites.fract_transf_matrix[2][2]   -0.00050177 
_atom_sites.fract_transf_matrix[2][3]   0.01335844 
_atom_sites.fract_transf_matrix[3][1]   -0.01241363 
_atom_sites.fract_transf_matrix[3][2]   0.01612022 
_atom_sites.fract_transf_matrix[3][3]   -0.00960209 
_atom_sites.fract_transf_vector[1]      0.271460 
_atom_sites.fract_transf_vector[2]      0.000021 
_atom_sites.fract_transf_vector[3]      0.481258 
# 
loop_
_atom_type.symbol 
C  
CA 
CL 
N  
O  
S  
# 
loop_
_atom_site.group_PDB 
_atom_site.id 
_atom_site.type_symbol 
_atom_site.label_atom_id 
_atom_site.label_alt_id 
_atom_site.label_comp_id 
_atom_site.label_asym_id 
_atom_site.label_entity_id 
_atom_site.label_seq_id 
_atom_site.pdbx_PDB_ins_code 
_atom_site.Cartn_x 
_atom_site.Cartn_y 
_atom_site.Cartn_z 
_atom_site.occupancy 
_atom_site.B_iso_or_equiv 
_atom_site.pdbx_formal_charge 
_atom_site.auth_seq_id 
_atom_site.auth_comp_id 
_atom_site.auth_asym_id 
_atom_site.auth_atom_id 
_atom_site.pdbx_PDB_model_num 
ATOM   1    N  N   . MET A 1 1  ? 1.144   -16.324 -8.990  1.00 41.62 ? 0   MET A N   1 
ATOM   2    C  CA  . MET A 1 1  ? 1.280   -15.054 -8.206  1.00 40.86 ? 0   MET A CA  1 
ATOM   3    C  C   . MET A 1 1  ? 0.429   -15.088 -6.938  1.00 39.59 ? 0   MET A C   1 
ATOM   4    O  O   . MET A 1 1  ? -0.714  -15.573 -6.942  1.00 40.54 ? 0   MET A O   1 
ATOM   5    C  CB  . MET A 1 1  ? 0.930   -13.850 -9.076  1.00 41.52 ? 0   MET A CB  1 
ATOM   6    C  CG  . MET A 1 1  ? 2.010   -13.441 -10.065 1.00 44.13 ? 0   MET A CG  1 
ATOM   7    S  SD  . MET A 1 1  ? 2.970   -12.058 -9.432  1.00 46.04 ? 0   MET A SD  1 
ATOM   8    C  CE  . MET A 1 1  ? 4.501   -12.191 -10.382 1.00 43.75 ? 0   MET A CE  1 
ATOM   9    N  N   . SER A 1 2  ? 0.983   -14.594 -5.838  1.00 37.78 ? 1   SER A N   1 
ATOM   10   C  CA  . SER A 1 2  ? 0.263   -14.641 -4.555  1.00 36.06 ? 1   SER A CA  1 
ATOM   11   C  C   . SER A 1 2  ? -0.739  -13.491 -4.480  1.00 35.55 ? 1   SER A C   1 
ATOM   12   O  O   . SER A 1 2  ? -0.682  -12.564 -5.288  1.00 35.10 ? 1   SER A O   1 
ATOM   13   C  CB  . SER A 1 2  ? 1.239   -14.556 -3.375  1.00 36.56 ? 1   SER A CB  1 
ATOM   14   O  OG  . SER A 1 2  ? 1.749   -13.236 -3.236  1.00 31.21 ? 1   SER A OG  1 
ATOM   15   N  N   . GLU A 1 3  ? -1.638  -13.558 -3.508  1.00 34.39 ? 2   GLU A N   1 
ATOM   16   C  CA  . GLU A 1 3  ? -2.666  -12.539 -3.323  1.00 34.87 ? 2   GLU A CA  1 
ATOM   17   C  C   . GLU A 1 3  ? -2.072  -11.155 -3.055  1.00 33.68 ? 2   GLU A C   1 
ATOM   18   O  O   . GLU A 1 3  ? -2.397  -10.182 -3.744  1.00 34.50 ? 2   GLU A O   1 
ATOM   19   C  CB  . GLU A 1 3  ? -3.632  -12.966 -2.212  1.00 35.68 ? 2   GLU A CB  1 
ATOM   20   C  CG  . GLU A 1 3  ? -4.361  -14.254 -2.572  1.00 37.62 ? 2   GLU A CG  1 
ATOM   21   C  CD  . GLU A 1 3  ? -4.733  -14.292 -4.051  1.00 41.37 ? 2   GLU A CD  1 
ATOM   22   O  OE1 . GLU A 1 3  ? -5.553  -13.441 -4.488  1.00 42.46 ? 2   GLU A OE1 1 
ATOM   23   O  OE2 . GLU A 1 3  ? -4.179  -15.149 -4.778  1.00 43.85 ? 2   GLU A OE2 1 
ATOM   24   N  N   . LEU A 1 4  ? -1.166  -11.094 -2.087  1.00 32.79 ? 3   LEU A N   1 
ATOM   25   C  CA  . LEU A 1 4  ? -0.348  -9.897  -1.842  1.00 29.82 ? 3   LEU A CA  1 
ATOM   26   C  C   . LEU A 1 4  ? 0.327   -9.343  -3.121  1.00 29.85 ? 3   LEU A C   1 
ATOM   27   O  O   . LEU A 1 4  ? 0.181   -8.168  -3.436  1.00 28.55 ? 3   LEU A O   1 
ATOM   28   C  CB  . LEU A 1 4  ? 0.695   -10.182 -0.745  1.00 29.01 ? 3   LEU A CB  1 
ATOM   29   C  CG  . LEU A 1 4  ? 1.498   -8.979  -0.256  1.00 27.31 ? 3   LEU A CG  1 
ATOM   30   C  CD1 . LEU A 1 4  ? 0.591   -7.832  0.270   1.00 23.20 ? 3   LEU A CD1 1 
ATOM   31   C  CD2 . LEU A 1 4  ? 2.524   -9.354  0.791   1.00 26.77 ? 3   LEU A CD2 1 
ATOM   32   N  N   . GLU A 1 5  ? 1.042   -10.190 -3.856  1.00 30.18 ? 4   GLU A N   1 
ATOM   33   C  CA  . GLU A 1 5  ? 1.672   -9.791  -5.133  1.00 30.82 ? 4   GLU A CA  1 
ATOM   34   C  C   . GLU A 1 5  ? 0.730   -9.238  -6.188  1.00 31.78 ? 4   GLU A C   1 
ATOM   35   O  O   . GLU A 1 5  ? 1.090   -8.308  -6.941  1.00 32.29 ? 4   GLU A O   1 
ATOM   36   C  CB  . GLU A 1 5  ? 2.431   -10.966 -5.737  1.00 31.05 ? 4   GLU A CB  1 
ATOM   37   C  CG  . GLU A 1 5  ? 3.788   -11.142 -5.108  1.00 30.97 ? 4   GLU A CG  1 
ATOM   38   C  CD  . GLU A 1 5  ? 4.392   -12.466 -5.455  1.00 33.50 ? 4   GLU A CD  1 
ATOM   39   O  OE1 . GLU A 1 5  ? 3.621   -13.420 -5.737  1.00 36.46 ? 4   GLU A OE1 1 
ATOM   40   O  OE2 . GLU A 1 5  ? 5.627   -12.541 -5.456  1.00 33.07 ? 4   GLU A OE2 1 
ATOM   41   N  N   . LYS A 1 6  ? -0.447  -9.857  -6.263  1.00 31.89 ? 5   LYS A N   1 
ATOM   42   C  CA  . LYS A 1 6  ? -1.562  -9.388  -7.087  1.00 32.21 ? 5   LYS A CA  1 
ATOM   43   C  C   . LYS A 1 6  ? -2.098  -8.056  -6.568  1.00 31.53 ? 5   LYS A C   1 
ATOM   44   O  O   . LYS A 1 6  ? -2.496  -7.192  -7.350  1.00 32.53 ? 5   LYS A O   1 
ATOM   45   C  CB  . LYS A 1 6  ? -2.710  -10.405 -7.048  1.00 31.98 ? 5   LYS A CB  1 
ATOM   46   C  CG  . LYS A 1 6  ? -2.478  -11.710 -7.801  1.00 31.00 ? 5   LYS A CG  1 
ATOM   47   C  CD  . LYS A 1 6  ? -3.627  -12.656 -7.540  1.00 29.46 ? 5   LYS A CD  1 
ATOM   48   C  CE  . LYS A 1 6  ? -3.188  -14.123 -7.559  1.00 32.02 ? 5   LYS A CE  1 
ATOM   49   N  NZ  . LYS A 1 6  ? -3.515  -14.868 -8.805  1.00 34.69 ? 5   LYS A NZ  1 
ATOM   50   N  N   . ALA A 1 7  ? -2.158  -7.896  -5.251  1.00 30.88 ? 6   ALA A N   1 
ATOM   51   C  CA  . ALA A 1 7  ? -2.697  -6.640  -4.692  1.00 29.36 ? 6   ALA A CA  1 
ATOM   52   C  C   . ALA A 1 7  ? -1.778  -5.490  -4.988  1.00 28.53 ? 6   ALA A C   1 
ATOM   53   O  O   . ALA A 1 7  ? -2.243  -4.403  -5.314  1.00 28.44 ? 6   ALA A O   1 
ATOM   54   C  CB  . ALA A 1 7  ? -2.989  -6.765  -3.181  1.00 29.23 ? 6   ALA A CB  1 
ATOM   55   N  N   . MET A 1 8  ? -0.476  -5.744  -4.897  1.00 27.72 ? 7   MET A N   1 
ATOM   56   C  CA  . MET A 1 8  ? 0.548   -4.761  -5.236  1.00 28.61 ? 7   MET A CA  1 
ATOM   57   C  C   . MET A 1 8  ? 0.469   -4.331  -6.696  1.00 28.63 ? 7   MET A C   1 
ATOM   58   O  O   . MET A 1 8  ? 0.574   -3.159  -7.004  1.00 26.37 ? 7   MET A O   1 
ATOM   59   C  CB  . MET A 1 8  ? 1.941   -5.299  -4.910  1.00 28.38 ? 7   MET A CB  1 
ATOM   60   C  CG  . MET A 1 8  ? 2.137   -5.473  -3.412  1.00 26.56 ? 7   MET A CG  1 
ATOM   61   S  SD  . MET A 1 8  ? 3.732   -6.245  -3.132  1.00 29.18 ? 7   MET A SD  1 
ATOM   62   C  CE  . MET A 1 8  ? 3.672   -6.275  -1.326  1.00 30.19 ? 7   MET A CE  1 
ATOM   63   N  N   . VAL A 1 9  ? 0.246   -5.301  -7.575  1.00 29.59 ? 8   VAL A N   1 
ATOM   64   C  CA  . VAL A 1 9  ? 0.118   -5.045  -9.010  1.00 30.78 ? 8   VAL A CA  1 
ATOM   65   C  C   . VAL A 1 9  ? -1.100  -4.162  -9.342  1.00 30.42 ? 8   VAL A C   1 
ATOM   66   O  O   . VAL A 1 9  ? -0.980  -3.167  -10.062 1.00 30.61 ? 8   VAL A O   1 
ATOM   67   C  CB  . VAL A 1 9  ? 0.078   -6.392  -9.757  1.00 31.27 ? 8   VAL A CB  1 
ATOM   68   C  CG1 . VAL A 1 9  ? -0.565  -6.263  -11.142 1.00 32.12 ? 8   VAL A CG1 1 
ATOM   69   C  CG2 . VAL A 1 9  ? 1.507   -6.981  -9.823  1.00 31.77 ? 8   VAL A CG2 1 
ATOM   70   N  N   . ALA A 1 10 ? -2.251  -4.536  -8.788  1.00 30.52 ? 9   ALA A N   1 
ATOM   71   C  CA  . ALA A 1 10 ? -3.507  -3.792  -8.894  1.00 30.90 ? 9   ALA A CA  1 
ATOM   72   C  C   . ALA A 1 10 ? -3.393  -2.334  -8.455  1.00 30.90 ? 9   ALA A C   1 
ATOM   73   O  O   . ALA A 1 10 ? -4.122  -1.479  -8.982  1.00 31.53 ? 9   ALA A O   1 
ATOM   74   C  CB  . ALA A 1 10 ? -4.590  -4.499  -8.104  1.00 29.34 ? 9   ALA A CB  1 
ATOM   75   N  N   . LEU A 1 11 ? -2.477  -2.069  -7.503  1.00 30.33 ? 10  LEU A N   1 
ATOM   76   C  CA  . LEU A 1 11 ? -2.226  -0.724  -6.960  1.00 29.34 ? 10  LEU A CA  1 
ATOM   77   C  C   . LEU A 1 11 ? -1.543  0.113   -8.009  1.00 28.78 ? 10  LEU A C   1 
ATOM   78   O  O   . LEU A 1 11 ? -1.922  1.247   -8.215  1.00 26.04 ? 10  LEU A O   1 
ATOM   79   C  CB  . LEU A 1 11 ? -1.339  -0.753  -5.695  1.00 29.36 ? 10  LEU A CB  1 
ATOM   80   C  CG  . LEU A 1 11 ? -1.938  -1.376  -4.438  1.00 29.48 ? 10  LEU A CG  1 
ATOM   81   C  CD1 . LEU A 1 11 ? -0.991  -1.261  -3.218  1.00 23.72 ? 10  LEU A CD1 1 
ATOM   82   C  CD2 . LEU A 1 11 ? -3.324  -0.757  -4.141  1.00 27.49 ? 10  LEU A CD2 1 
ATOM   83   N  N   . ILE A 1 12 ? -0.530  -0.469  -8.678  1.00 28.64 ? 11  ILE A N   1 
ATOM   84   C  CA  . ILE A 1 12 ? 0.114   0.177   -9.839  1.00 27.76 ? 11  ILE A CA  1 
ATOM   85   C  C   . ILE A 1 12 ? -0.880  0.335   -11.015 1.00 28.03 ? 11  ILE A C   1 
ATOM   86   O  O   . ILE A 1 12 ? -0.990  1.395   -11.630 1.00 30.05 ? 11  ILE A O   1 
ATOM   87   C  CB  . ILE A 1 12 ? 1.373   -0.679  -10.266 1.00 29.14 ? 11  ILE A CB  1 
ATOM   88   C  CG1 . ILE A 1 12 ? 2.431   -0.675  -9.141  1.00 27.65 ? 11  ILE A CG1 1 
ATOM   89   C  CG2 . ILE A 1 12 ? 2.023   -0.140  -11.533 1.00 25.90 ? 11  ILE A CG2 1 
ATOM   90   C  CD1 . ILE A 1 12 ? 3.484   -1.812  -9.261  1.00 26.82 ? 11  ILE A CD1 1 
ATOM   91   N  N   . ASP A 1 13 ? -1.639  -0.710  -11.283 1.00 27.59 ? 12  ASP A N   1 
ATOM   92   C  CA  . ASP A 1 13 ? -2.603  -0.738  -12.390 1.00 27.59 ? 12  ASP A CA  1 
ATOM   93   C  C   . ASP A 1 13 ? -3.743  0.288   -12.244 1.00 27.01 ? 12  ASP A C   1 
ATOM   94   O  O   . ASP A 1 13 ? -4.057  0.975   -13.205 1.00 25.54 ? 12  ASP A O   1 
ATOM   95   C  CB  . ASP A 1 13 ? -3.148  -2.158  -12.541 1.00 28.00 ? 12  ASP A CB  1 
ATOM   96   C  CG  . ASP A 1 13 ? -4.263  -2.260  -13.588 1.00 31.51 ? 12  ASP A CG  1 
ATOM   97   O  OD1 . ASP A 1 13 ? -4.151  -1.659  -14.684 1.00 37.37 ? 12  ASP A OD1 1 
ATOM   98   O  OD2 . ASP A 1 13 ? -5.218  -2.978  -13.336 1.00 27.56 ? 12  ASP A OD2 1 
ATOM   99   N  N   . VAL A 1 14 ? -4.324  0.422   -11.044 1.00 26.53 ? 13  VAL A N   1 
ATOM   100  C  CA  . VAL A 1 14 ? -5.332  1.478   -10.805 1.00 27.35 ? 13  VAL A CA  1 
ATOM   101  C  C   . VAL A 1 14 ? -4.703  2.885   -10.809 1.00 27.68 ? 13  VAL A C   1 
ATOM   102  O  O   . VAL A 1 14 ? -5.327  3.813   -11.337 1.00 28.47 ? 13  VAL A O   1 
ATOM   103  C  CB  . VAL A 1 14 ? -6.275  1.210   -9.551  1.00 27.90 ? 13  VAL A CB  1 
ATOM   104  C  CG1 . VAL A 1 14 ? -5.506  1.354   -8.235  1.00 28.12 ? 13  VAL A CG1 1 
ATOM   105  C  CG2 . VAL A 1 14 ? -7.503  2.185   -9.530  1.00 27.03 ? 13  VAL A CG2 1 
ATOM   106  N  N   . PHE A 1 15 ? -3.492  3.054   -10.257 1.00 28.06 ? 14  PHE A N   1 
ATOM   107  C  CA  . PHE A 1 15 ? -2.776  4.350   -10.382 1.00 29.46 ? 14  PHE A CA  1 
ATOM   108  C  C   . PHE A 1 15 ? -2.547  4.735   -11.856 1.00 30.25 ? 14  PHE A C   1 
ATOM   109  O  O   . PHE A 1 15 ? -2.686  5.904   -12.247 1.00 30.58 ? 14  PHE A O   1 
ATOM   110  C  CB  . PHE A 1 15 ? -1.428  4.348   -9.654  1.00 30.33 ? 14  PHE A CB  1 
ATOM   111  C  CG  . PHE A 1 15 ? -0.673  5.672   -9.758  1.00 32.26 ? 14  PHE A CG  1 
ATOM   112  C  CD1 . PHE A 1 15 ? -1.140  6.819   -9.117  1.00 31.95 ? 14  PHE A CD1 1 
ATOM   113  C  CD2 . PHE A 1 15 ? 0.499   5.758   -10.488 1.00 31.16 ? 14  PHE A CD2 1 
ATOM   114  C  CE1 . PHE A 1 15 ? -0.482  8.041   -9.239  1.00 29.93 ? 14  PHE A CE1 1 
ATOM   115  C  CE2 . PHE A 1 15 ? 1.191   6.962   -10.593 1.00 31.86 ? 14  PHE A CE2 1 
ATOM   116  C  CZ  . PHE A 1 15 ? 0.699   8.113   -9.972  1.00 31.48 ? 14  PHE A CZ  1 
ATOM   117  N  N   . HIS A 1 16 ? -2.209  3.748   -12.664 1.00 31.05 ? 15  HIS A N   1 
ATOM   118  C  CA  . HIS A 1 16 ? -1.889  4.043   -14.050 1.00 32.08 ? 15  HIS A CA  1 
ATOM   119  C  C   . HIS A 1 16 ? -3.115  4.325   -14.896 1.00 30.84 ? 15  HIS A C   1 
ATOM   120  O  O   . HIS A 1 16 ? -3.131  5.248   -15.690 1.00 29.35 ? 15  HIS A O   1 
ATOM   121  C  CB  . HIS A 1 16 ? -0.911  3.020   -14.619 1.00 32.18 ? 15  HIS A CB  1 
ATOM   122  C  CG  . HIS A 1 16 ? 0.508   3.380   -14.336 1.00 37.16 ? 15  HIS A CG  1 
ATOM   123  N  ND1 . HIS A 1 16 ? 0.975   4.670   -14.487 1.00 40.17 ? 15  HIS A ND1 1 
ATOM   124  C  CD2 . HIS A 1 16 ? 1.561   2.647   -13.898 1.00 39.57 ? 15  HIS A CD2 1 
ATOM   125  C  CE1 . HIS A 1 16 ? 2.248   4.719   -14.136 1.00 42.27 ? 15  HIS A CE1 1 
ATOM   126  N  NE2 . HIS A 1 16 ? 2.631   3.507   -13.784 1.00 40.16 ? 15  HIS A NE2 1 
ATOM   127  N  N   . GLN A 1 17 ? -4.167  3.563   -14.638 1.00 32.20 ? 16  GLN A N   1 
ATOM   128  C  CA  . GLN A 1 17 ? -5.484  3.802   -15.211 1.00 33.66 ? 16  GLN A CA  1 
ATOM   129  C  C   . GLN A 1 17 ? -5.876  5.266   -15.120 1.00 33.15 ? 16  GLN A C   1 
ATOM   130  O  O   . GLN A 1 17 ? -6.132  5.925   -16.138 1.00 33.66 ? 16  GLN A O   1 
ATOM   131  C  CB  . GLN A 1 17 ? -6.501  2.921   -14.485 1.00 32.76 ? 16  GLN A CB  1 
ATOM   132  C  CG  . GLN A 1 17 ? -7.933  3.061   -14.975 1.00 36.24 ? 16  GLN A CG  1 
ATOM   133  C  CD  . GLN A 1 17 ? -8.910  2.103   -14.269 1.00 36.41 ? 16  GLN A CD  1 
ATOM   134  O  OE1 . GLN A 1 17 ? -8.502  1.059   -13.734 1.00 41.05 ? 16  GLN A OE1 1 
ATOM   135  N  NE2 . GLN A 1 17 ? -10.205 2.451   -14.281 1.00 37.14 ? 16  GLN A NE2 1 
ATOM   136  N  N   . TYR A 1 18 ? -5.895  5.784   -13.890 1.00 31.80 ? 17  TYR A N   1 
ATOM   137  C  CA  . TYR A 1 18 ? -6.315  7.147   -13.657 1.00 30.57 ? 17  TYR A CA  1 
ATOM   138  C  C   . TYR A 1 18 ? -5.203  8.159   -13.960 1.00 30.60 ? 17  TYR A C   1 
ATOM   139  O  O   . TYR A 1 18 ? -5.470  9.187   -14.510 1.00 30.25 ? 17  TYR A O   1 
ATOM   140  C  CB  . TYR A 1 18 ? -6.986  7.294   -12.263 1.00 29.94 ? 17  TYR A CB  1 
ATOM   141  C  CG  . TYR A 1 18 ? -8.337  6.588   -12.248 1.00 27.38 ? 17  TYR A CG  1 
ATOM   142  C  CD1 . TYR A 1 18 ? -8.461  5.268   -11.865 1.00 28.16 ? 17  TYR A CD1 1 
ATOM   143  C  CD2 . TYR A 1 18 ? -9.490  7.248   -12.662 1.00 30.31 ? 17  TYR A CD2 1 
ATOM   144  C  CE1 . TYR A 1 18 ? -9.701  4.595   -11.912 1.00 25.35 ? 17  TYR A CE1 1 
ATOM   145  C  CE2 . TYR A 1 18 ? -10.728 6.582   -12.700 1.00 26.74 ? 17  TYR A CE2 1 
ATOM   146  C  CZ  . TYR A 1 18 ? -10.820 5.285   -12.328 1.00 28.98 ? 17  TYR A CZ  1 
ATOM   147  O  OH  . TYR A 1 18 ? -12.075 4.673   -12.357 1.00 31.04 ? 17  TYR A OH  1 
ATOM   148  N  N   . SER A 1 19 ? -3.951  7.864   -13.663 1.00 30.99 ? 18  SER A N   1 
ATOM   149  C  CA  . SER A 1 19 ? -2.923  8.871   -13.935 1.00 32.60 ? 18  SER A CA  1 
ATOM   150  C  C   . SER A 1 19 ? -2.668  9.155   -15.450 1.00 33.13 ? 18  SER A C   1 
ATOM   151  O  O   . SER A 1 19 ? -2.229  10.249  -15.803 1.00 34.56 ? 18  SER A O   1 
ATOM   152  C  CB  . SER A 1 19 ? -1.617  8.525   -13.232 1.00 32.03 ? 18  SER A CB  1 
ATOM   153  O  OG  . SER A 1 19 ? -0.980  7.499   -13.962 1.00 34.26 ? 18  SER A OG  1 
ATOM   154  N  N   . GLY A 1 20 ? -2.975  8.207   -16.321 1.00 34.72 ? 19  GLY A N   1 
ATOM   155  C  CA  . GLY A 1 20 ? -2.702  8.347   -17.770 1.00 37.18 ? 19  GLY A CA  1 
ATOM   156  C  C   . GLY A 1 20 ? -3.838  8.925   -18.607 1.00 38.07 ? 19  GLY A C   1 
ATOM   157  O  O   . GLY A 1 20 ? -3.864  8.765   -19.823 1.00 38.77 ? 19  GLY A O   1 
ATOM   158  N  N   . ARG A 1 21 ? -4.777  9.607   -17.973 1.00 38.81 ? 20  ARG A N   1 
ATOM   159  C  CA  . ARG A 1 21 ? -5.944  10.108  -18.680 1.00 40.30 ? 20  ARG A CA  1 
ATOM   160  C  C   . ARG A 1 21 ? -5.647  11.461  -19.301 1.00 40.38 ? 20  ARG A C   1 
ATOM   161  O  O   . ARG A 1 21 ? -5.840  11.668  -20.481 1.00 41.32 ? 20  ARG A O   1 
ATOM   162  C  CB  . ARG A 1 21 ? -7.180  10.150  -17.745 1.00 39.92 ? 20  ARG A CB  1 
ATOM   163  C  CG  . ARG A 1 21 ? -7.632  8.740   -17.383 1.00 40.98 ? 20  ARG A CG  1 
ATOM   164  C  CD  . ARG A 1 21 ? -8.848  8.588   -16.471 1.00 40.68 ? 20  ARG A CD  1 
ATOM   165  N  NE  . ARG A 1 21 ? -9.093  7.143   -16.431 1.00 44.63 ? 20  ARG A NE  1 
ATOM   166  C  CZ  . ARG A 1 21 ? -10.188 6.524   -16.000 1.00 45.46 ? 20  ARG A CZ  1 
ATOM   167  N  NH1 . ARG A 1 21 ? -11.201 7.224   -15.495 1.00 42.70 ? 20  ARG A NH1 1 
ATOM   168  N  NH2 . ARG A 1 21 ? -10.251 5.176   -16.068 1.00 43.30 ? 20  ARG A NH2 1 
ATOM   169  N  N   . GLU A 1 22 ? -5.136  12.363  -18.492 1.00 41.15 ? 21  GLU A N   1 
ATOM   170  C  CA  . GLU A 1 22 ? -5.012  13.737  -18.858 1.00 42.28 ? 21  GLU A CA  1 
ATOM   171  C  C   . GLU A 1 22 ? -3.615  14.187  -18.462 1.00 42.32 ? 21  GLU A C   1 
ATOM   172  O  O   . GLU A 1 22 ? -3.102  13.818  -17.392 1.00 42.67 ? 21  GLU A O   1 
ATOM   173  C  CB  . GLU A 1 22 ? -6.085  14.566  -18.148 1.00 41.89 ? 21  GLU A CB  1 
ATOM   174  C  CG  . GLU A 1 22 ? -7.432  13.833  -17.938 1.00 42.92 ? 21  GLU A CG  1 
ATOM   175  C  CD  . GLU A 1 22 ? -8.442  14.674  -17.175 1.00 43.96 ? 21  GLU A CD  1 
ATOM   176  O  OE1 . GLU A 1 22 ? -8.573  15.862  -17.547 1.00 43.51 ? 21  GLU A OE1 1 
ATOM   177  O  OE2 . GLU A 1 22 ? -9.084  14.153  -16.208 1.00 43.92 ? 21  GLU A OE2 1 
ATOM   178  N  N   . GLY A 1 23 ? -2.987  14.960  -19.341 1.00 41.78 ? 22  GLY A N   1 
ATOM   179  C  CA  . GLY A 1 23 ? -1.757  15.661  -18.985 1.00 41.68 ? 22  GLY A CA  1 
ATOM   180  C  C   . GLY A 1 23 ? -0.639  14.686  -18.690 1.00 41.26 ? 22  GLY A C   1 
ATOM   181  O  O   . GLY A 1 23 ? -0.472  13.698  -19.395 1.00 41.70 ? 22  GLY A O   1 
ATOM   182  N  N   . ASP A 1 24 ? 0.132   14.988  -17.654 1.00 40.90 ? 23  ASP A N   1 
ATOM   183  C  CA  . ASP A 1 24 ? 1.173   14.105  -17.129 1.00 40.87 ? 23  ASP A CA  1 
ATOM   184  C  C   . ASP A 1 24 ? 0.653   12.663  -17.001 1.00 40.49 ? 23  ASP A C   1 
ATOM   185  O  O   . ASP A 1 24 ? -0.240  12.388  -16.187 1.00 41.29 ? 23  ASP A O   1 
ATOM   186  C  CB  . ASP A 1 24 ? 1.587   14.673  -15.765 1.00 40.75 ? 23  ASP A CB  1 
ATOM   187  C  CG  . ASP A 1 24 ? 2.871   14.066  -15.204 1.00 42.26 ? 23  ASP A CG  1 
ATOM   188  O  OD1 . ASP A 1 24 ? 3.132   12.862  -15.392 1.00 42.65 ? 23  ASP A OD1 1 
ATOM   189  O  OD2 . ASP A 1 24 ? 3.604   14.823  -14.519 1.00 43.98 ? 23  ASP A OD2 1 
ATOM   190  N  N   . LYS A 1 25 ? 1.188   11.737  -17.804 1.00 39.84 ? 24  LYS A N   1 
ATOM   191  C  CA  . LYS A 1 25 ? 0.759   10.331  -17.735 1.00 38.76 ? 24  LYS A CA  1 
ATOM   192  C  C   . LYS A 1 25 ? 1.036   9.693   -16.362 1.00 37.90 ? 24  LYS A C   1 
ATOM   193  O  O   . LYS A 1 25 ? 0.371   8.724   -15.963 1.00 38.99 ? 24  LYS A O   1 
ATOM   194  C  CB  . LYS A 1 25 ? 1.400   9.495   -18.861 1.00 39.56 ? 24  LYS A CB  1 
ATOM   195  C  CG  . LYS A 1 25 ? 1.138   10.019  -20.296 1.00 41.08 ? 24  LYS A CG  1 
ATOM   196  C  CD  . LYS A 1 25 ? 0.074   9.243   -21.040 1.00 41.58 ? 24  LYS A CD  1 
ATOM   197  C  CE  . LYS A 1 25 ? 0.636   8.024   -21.825 1.00 45.00 ? 24  LYS A CE  1 
ATOM   198  N  NZ  . LYS A 1 25 ? 1.490   8.376   -23.041 1.00 45.91 ? 24  LYS A NZ  1 
ATOM   199  N  N   . HIS A 1 26 ? 1.997   10.257  -15.636 1.00 37.52 ? 25  HIS A N   1 
ATOM   200  C  CA  . HIS A 1 26 ? 2.576   9.636   -14.435 1.00 36.14 ? 25  HIS A CA  1 
ATOM   201  C  C   . HIS A 1 26 ? 2.000   10.153  -13.137 1.00 35.04 ? 25  HIS A C   1 
ATOM   202  O  O   . HIS A 1 26 ? 2.379   9.670   -12.067 1.00 35.08 ? 25  HIS A O   1 
ATOM   203  C  CB  . HIS A 1 26 ? 4.071   9.919   -14.369 1.00 36.97 ? 25  HIS A CB  1 
ATOM   204  C  CG  . HIS A 1 26 ? 4.802   9.632   -15.644 1.00 36.60 ? 25  HIS A CG  1 
ATOM   205  N  ND1 . HIS A 1 26 ? 5.151   8.355   -16.024 1.00 37.67 ? 25  HIS A ND1 1 
ATOM   206  C  CD2 . HIS A 1 26 ? 5.241   10.455  -16.622 1.00 38.09 ? 25  HIS A CD2 1 
ATOM   207  C  CE1 . HIS A 1 26 ? 5.782   8.405   -17.185 1.00 38.46 ? 25  HIS A CE1 1 
ATOM   208  N  NE2 . HIS A 1 26 ? 5.841   9.665   -17.576 1.00 36.12 ? 25  HIS A NE2 1 
ATOM   209  N  N   . LYS A 1 27 ? 1.134   11.151  -13.224 1.00 32.94 ? 26  LYS A N   1 
ATOM   210  C  CA  . LYS A 1 27 ? 0.711   11.891  -12.048 1.00 31.91 ? 26  LYS A CA  1 
ATOM   211  C  C   . LYS A 1 27 ? -0.814  11.921  -12.058 1.00 30.68 ? 26  LYS A C   1 
ATOM   212  O  O   . LYS A 1 27 ? -1.410  11.802  -13.143 1.00 28.79 ? 26  LYS A O   1 
ATOM   213  C  CB  . LYS A 1 27 ? 1.288   13.317  -12.086 1.00 32.75 ? 26  LYS A CB  1 
ATOM   214  C  CG  . LYS A 1 27 ? 2.770   13.419  -11.676 1.00 30.44 ? 26  LYS A CG  1 
ATOM   215  C  CD  . LYS A 1 27 ? 3.282   14.850  -11.732 1.00 33.48 ? 26  LYS A CD  1 
ATOM   216  C  CE  . LYS A 1 27 ? 4.815   14.955  -11.489 1.00 35.12 ? 26  LYS A CE  1 
ATOM   217  N  NZ  . LYS A 1 27 ? 5.225   16.375  -11.748 1.00 38.12 ? 26  LYS A NZ  1 
ATOM   218  N  N   . LEU A 1 28 ? -1.428  12.027  -10.872 1.00 27.65 ? 27  LEU A N   1 
ATOM   219  C  CA  . LEU A 1 28 ? -2.884  12.268  -10.760 1.00 26.51 ? 27  LEU A CA  1 
ATOM   220  C  C   . LEU A 1 28 ? -3.214  13.734  -10.489 1.00 25.30 ? 27  LEU A C   1 
ATOM   221  O  O   . LEU A 1 28 ? -2.878  14.292  -9.428  1.00 24.48 ? 27  LEU A O   1 
ATOM   222  C  CB  . LEU A 1 28 ? -3.549  11.410  -9.664  1.00 26.23 ? 27  LEU A CB  1 
ATOM   223  C  CG  . LEU A 1 28 ? -3.543  9.899   -9.562  1.00 26.06 ? 27  LEU A CG  1 
ATOM   224  C  CD1 . LEU A 1 28 ? -4.187  9.561   -8.187  1.00 28.46 ? 27  LEU A CD1 1 
ATOM   225  C  CD2 . LEU A 1 28 ? -4.333  9.195   -10.682 1.00 26.95 ? 27  LEU A CD2 1 
ATOM   226  N  N   . LYS A 1 29 ? -3.864  14.382  -11.448 1.00 24.25 ? 28  LYS A N   1 
ATOM   227  C  CA  . LYS A 1 29 ? -4.353  15.707  -11.176 1.00 25.55 ? 28  LYS A CA  1 
ATOM   228  C  C   . LYS A 1 29 ? -5.599  15.567  -10.333 1.00 23.52 ? 28  LYS A C   1 
ATOM   229  O  O   . LYS A 1 29 ? -6.138  14.457  -10.165 1.00 22.28 ? 28  LYS A O   1 
ATOM   230  C  CB  . LYS A 1 29 ? -4.636  16.510  -12.472 1.00 26.23 ? 28  LYS A CB  1 
ATOM   231  C  CG  . LYS A 1 29 ? -5.295  15.723  -13.632 1.00 27.99 ? 28  LYS A CG  1 
ATOM   232  C  CD  . LYS A 1 29 ? -5.401  16.571  -14.945 1.00 29.14 ? 28  LYS A CD  1 
ATOM   233  C  CE  . LYS A 1 29 ? -4.039  17.115  -15.387 1.00 32.83 ? 28  LYS A CE  1 
ATOM   234  N  NZ  . LYS A 1 29 ? -3.971  17.785  -16.734 1.00 33.02 ? 28  LYS A NZ  1 
ATOM   235  N  N   . LYS A 1 30 ? -6.121  16.686  -9.863  1.00 23.25 ? 29  LYS A N   1 
ATOM   236  C  CA  . LYS A 1 30 ? -7.356  16.651  -9.050  1.00 24.51 ? 29  LYS A CA  1 
ATOM   237  C  C   . LYS A 1 30 ? -8.569  15.885  -9.630  1.00 24.35 ? 29  LYS A C   1 
ATOM   238  O  O   . LYS A 1 30 ? -9.274  15.152  -8.923  1.00 23.79 ? 29  LYS A O   1 
ATOM   239  C  CB  . LYS A 1 30 ? -7.737  18.076  -8.738  1.00 25.01 ? 29  LYS A CB  1 
ATOM   240  C  CG  . LYS A 1 30 ? -6.771  18.768  -7.825  1.00 26.00 ? 29  LYS A CG  1 
ATOM   241  C  CD  . LYS A 1 30 ? -7.536  19.940  -7.180  1.00 30.35 ? 29  LYS A CD  1 
ATOM   242  C  CE  . LYS A 1 30 ? -6.640  20.956  -6.503  1.00 35.44 ? 29  LYS A CE  1 
ATOM   243  N  NZ  . LYS A 1 30 ? -7.369  22.291  -6.393  1.00 37.76 ? 29  LYS A NZ  1 
ATOM   244  N  N   . SER A 1 31 ? -8.812  16.074  -10.918 1.00 25.01 ? 30  SER A N   1 
ATOM   245  C  CA  . SER A 1 31 ? -9.961  15.494  -11.565 1.00 26.06 ? 30  SER A CA  1 
ATOM   246  C  C   . SER A 1 31 ? -9.769  13.991  -11.786 1.00 25.64 ? 30  SER A C   1 
ATOM   247  O  O   . SER A 1 31 ? -10.739 13.244  -11.860 1.00 27.36 ? 30  SER A O   1 
ATOM   248  C  CB  . SER A 1 31 ? -10.212 16.227  -12.871 1.00 26.66 ? 30  SER A CB  1 
ATOM   249  O  OG  . SER A 1 31 ? -9.215  15.914  -13.827 1.00 28.31 ? 30  SER A OG  1 
ATOM   250  N  N   . GLU A 1 32 ? -8.517  13.549  -11.922 1.00 25.85 ? 31  GLU A N   1 
ATOM   251  C  CA  . GLU A 1 32 ? -8.200  12.120  -12.036 1.00 25.83 ? 31  GLU A CA  1 
ATOM   252  C  C   . GLU A 1 32 ? -8.280  11.471  -10.646 1.00 25.19 ? 31  GLU A C   1 
ATOM   253  O  O   . GLU A 1 32 ? -8.779  10.343  -10.477 1.00 24.78 ? 31  GLU A O   1 
ATOM   254  C  CB  . GLU A 1 32 ? -6.800  11.953  -12.619 1.00 25.19 ? 31  GLU A CB  1 
ATOM   255  C  CG  . GLU A 1 32 ? -6.685  12.397  -14.107 1.00 26.21 ? 31  GLU A CG  1 
ATOM   256  C  CD  . GLU A 1 32 ? -5.246  12.427  -14.591 1.00 25.87 ? 31  GLU A CD  1 
ATOM   257  O  OE1 . GLU A 1 32 ? -4.339  12.521  -13.750 1.00 23.72 ? 31  GLU A OE1 1 
ATOM   258  O  OE2 . GLU A 1 32 ? -5.009  12.351  -15.826 1.00 29.58 ? 31  GLU A OE2 1 
ATOM   259  N  N   . LEU A 1 33 ? -7.797  12.190  -9.650  1.00 23.94 ? 32  LEU A N   1 
ATOM   260  C  CA  . LEU A 1 33 ? -7.906  11.737  -8.258  1.00 25.17 ? 32  LEU A CA  1 
ATOM   261  C  C   . LEU A 1 33 ? -9.364  11.599  -7.805  1.00 25.05 ? 32  LEU A C   1 
ATOM   262  O  O   . LEU A 1 33 ? -9.719  10.645  -7.111  1.00 26.73 ? 32  LEU A O   1 
ATOM   263  C  CB  . LEU A 1 33 ? -7.191  12.742  -7.324  1.00 24.50 ? 32  LEU A CB  1 
ATOM   264  C  CG  . LEU A 1 33 ? -7.246  12.436  -5.818  1.00 23.87 ? 32  LEU A CG  1 
ATOM   265  C  CD1 . LEU A 1 33 ? -6.639  11.062  -5.494  1.00 23.60 ? 32  LEU A CD1 1 
ATOM   266  C  CD2 . LEU A 1 33 ? -6.575  13.519  -5.012  1.00 26.40 ? 32  LEU A CD2 1 
ATOM   267  N  N   . LYS A 1 34 ? -10.201 12.570  -8.162  1.00 25.74 ? 33  LYS A N   1 
ATOM   268  C  CA  . LYS A 1 34 ? -11.606 12.568  -7.739  1.00 26.20 ? 33  LYS A CA  1 
ATOM   269  C  C   . LYS A 1 34 ? -12.390 11.383  -8.371  1.00 25.34 ? 33  LYS A C   1 
ATOM   270  O  O   . LYS A 1 34 ? -13.175 10.729  -7.685  1.00 26.12 ? 33  LYS A O   1 
ATOM   271  C  CB  . LYS A 1 34 ? -12.273 13.929  -8.038  1.00 26.97 ? 33  LYS A CB  1 
ATOM   272  C  CG  . LYS A 1 34 ? -13.739 14.031  -7.579  1.00 29.17 ? 33  LYS A CG  1 
ATOM   273  C  CD  . LYS A 1 34 ? -14.493 15.107  -8.415  1.00 29.44 ? 33  LYS A CD  1 
ATOM   274  C  CE  . LYS A 1 34 ? -15.989 15.110  -8.069  1.00 30.88 ? 33  LYS A CE  1 
ATOM   275  N  NZ  . LYS A 1 34 ? -16.813 16.202  -8.685  1.00 37.68 ? 33  LYS A NZ  1 
ATOM   276  N  N   . GLU A 1 35 ? -12.117 11.075  -9.648  1.00 24.76 ? 34  GLU A N   1 
ATOM   277  C  CA  . GLU A 1 35 ? -12.746 9.959   -10.333 1.00 23.96 ? 34  GLU A CA  1 
ATOM   278  C  C   . GLU A 1 35 ? -12.201 8.640   -9.794  1.00 23.52 ? 34  GLU A C   1 
ATOM   279  O  O   . GLU A 1 35 ? -12.935 7.656   -9.700  1.00 24.13 ? 34  GLU A O   1 
ATOM   280  C  CB  . GLU A 1 35 ? -12.609 10.051  -11.868 1.00 25.38 ? 34  GLU A CB  1 
ATOM   281  C  CG  . GLU A 1 35 ? -13.093 11.384  -12.521 1.00 25.76 ? 34  GLU A CG  1 
ATOM   282  C  CD  . GLU A 1 35 ? -14.625 11.668  -12.380 1.00 32.65 ? 34  GLU A CD  1 
ATOM   283  O  OE1 . GLU A 1 35 ? -15.366 10.895  -11.698 1.00 31.30 ? 34  GLU A OE1 1 
ATOM   284  O  OE2 . GLU A 1 35 ? -15.095 12.651  -13.000 1.00 32.59 ? 34  GLU A OE2 1 
ATOM   285  N  N   . LEU A 1 36 ? -10.931 8.598   -9.400  1.00 21.59 ? 35  LEU A N   1 
ATOM   286  C  CA  . LEU A 1 36 ? -10.393 7.390   -8.761  1.00 22.29 ? 35  LEU A CA  1 
ATOM   287  C  C   . LEU A 1 36 ? -11.100 7.040   -7.440  1.00 21.32 ? 35  LEU A C   1 
ATOM   288  O  O   . LEU A 1 36 ? -11.517 5.862   -7.221  1.00 22.53 ? 35  LEU A O   1 
ATOM   289  C  CB  . LEU A 1 36 ? -8.877  7.548   -8.520  1.00 21.38 ? 35  LEU A CB  1 
ATOM   290  C  CG  . LEU A 1 36 ? -8.208  6.319   -7.904  1.00 21.07 ? 35  LEU A CG  1 
ATOM   291  C  CD1 . LEU A 1 36 ? -6.758  6.372   -8.416  1.00 25.34 ? 35  LEU A CD1 1 
ATOM   292  C  CD2 . LEU A 1 36 ? -8.269  6.300   -6.349  1.00 22.09 ? 35  LEU A CD2 1 
ATOM   293  N  N   . ILE A 1 37 ? -11.272 8.049   -6.578  1.00 21.05 ? 36  ILE A N   1 
ATOM   294  C  CA  . ILE A 1 37 ? -11.971 7.874   -5.227  1.00 22.08 ? 36  ILE A CA  1 
ATOM   295  C  C   . ILE A 1 37 ? -13.402 7.453   -5.473  1.00 23.26 ? 36  ILE A C   1 
ATOM   296  O  O   . ILE A 1 37 ? -13.881 6.499   -4.879  1.00 23.86 ? 36  ILE A O   1 
ATOM   297  C  CB  . ILE A 1 37 ? -11.870 9.130   -4.295  1.00 21.02 ? 36  ILE A CB  1 
ATOM   298  C  CG1 . ILE A 1 37 ? -10.414 9.306   -3.839  1.00 20.70 ? 36  ILE A CG1 1 
ATOM   299  C  CG2 . ILE A 1 37 ? -12.904 9.093   -3.017  1.00 21.35 ? 36  ILE A CG2 1 
ATOM   300  C  CD1 . ILE A 1 37 ? -10.062 10.627  -3.296  1.00 18.08 ? 36  ILE A CD1 1 
ATOM   301  N  N   . ASN A 1 38 ? -14.054 8.139   -6.407  1.00 25.10 ? 37  ASN A N   1 
ATOM   302  C  CA  . ASN A 1 38 ? -15.500 8.010   -6.623  1.00 25.78 ? 37  ASN A CA  1 
ATOM   303  C  C   . ASN A 1 38 ? -15.913 6.715   -7.309  1.00 26.78 ? 37  ASN A C   1 
ATOM   304  O  O   . ASN A 1 38 ? -17.002 6.216   -7.070  1.00 26.63 ? 37  ASN A O   1 
ATOM   305  C  CB  . ASN A 1 38 ? -16.045 9.207   -7.415  1.00 26.37 ? 37  ASN A CB  1 
ATOM   306  C  CG  . ASN A 1 38 ? -16.264 10.433  -6.567  1.00 27.22 ? 37  ASN A CG  1 
ATOM   307  O  OD1 . ASN A 1 38 ? -16.761 11.466  -7.077  1.00 31.38 ? 37  ASN A OD1 1 
ATOM   308  N  ND2 . ASN A 1 38 ? -15.955 10.344  -5.268  1.00 27.02 ? 37  ASN A ND2 1 
ATOM   309  N  N   . ASN A 1 39 ? -15.028 6.176   -8.135  1.00 26.28 ? 38  ASN A N   1 
ATOM   310  C  CA  . ASN A 1 39 ? -15.292 5.010   -8.940  1.00 27.07 ? 38  ASN A CA  1 
ATOM   311  C  C   . ASN A 1 39 ? -14.719 3.767   -8.303  1.00 26.07 ? 38  ASN A C   1 
ATOM   312  O  O   . ASN A 1 39 ? -15.180 2.644   -8.552  1.00 25.84 ? 38  ASN A O   1 
ATOM   313  C  CB  . ASN A 1 39 ? -14.656 5.180   -10.338 1.00 27.60 ? 38  ASN A CB  1 
ATOM   314  C  CG  . ASN A 1 39 ? -15.320 6.279   -11.160 1.00 30.28 ? 38  ASN A CG  1 
ATOM   315  O  OD1 . ASN A 1 39 ? -16.414 6.755   -10.834 1.00 30.93 ? 38  ASN A OD1 1 
ATOM   316  N  ND2 . ASN A 1 39 ? -14.682 6.657   -12.245 1.00 30.81 ? 38  ASN A ND2 1 
ATOM   317  N  N   . GLU A 1 40 ? -13.679 3.952   -7.517  1.00 25.05 ? 39  GLU A N   1 
ATOM   318  C  CA  . GLU A 1 40 ? -12.923 2.787   -7.085  1.00 25.89 ? 39  GLU A CA  1 
ATOM   319  C  C   . GLU A 1 40 ? -12.861 2.607   -5.571  1.00 25.25 ? 39  GLU A C   1 
ATOM   320  O  O   . GLU A 1 40 ? -12.395 1.591   -5.112  1.00 25.09 ? 39  GLU A O   1 
ATOM   321  C  CB  . GLU A 1 40 ? -11.528 2.767   -7.719  1.00 25.48 ? 39  GLU A CB  1 
ATOM   322  C  CG  . GLU A 1 40 ? -11.438 3.266   -9.213  1.00 27.66 ? 39  GLU A CG  1 
ATOM   323  C  CD  . GLU A 1 40 ? -12.167 2.352   -10.219 1.00 28.35 ? 39  GLU A CD  1 
ATOM   324  O  OE1 . GLU A 1 40 ? -12.542 1.247   -9.853  1.00 28.29 ? 39  GLU A OE1 1 
ATOM   325  O  OE2 . GLU A 1 40 ? -12.365 2.758   -11.379 1.00 30.92 ? 39  GLU A OE2 1 
ATOM   326  N  N   . LEU A 1 41 ? -13.352 3.597   -4.819  1.00 25.67 ? 40  LEU A N   1 
ATOM   327  C  CA  . LEU A 1 41 ? -13.376 3.557   -3.345  1.00 25.39 ? 40  LEU A CA  1 
ATOM   328  C  C   . LEU A 1 41 ? -14.771 3.896   -2.804  1.00 27.09 ? 40  LEU A C   1 
ATOM   329  O  O   . LEU A 1 41 ? -14.905 4.292   -1.655  1.00 28.11 ? 40  LEU A O   1 
ATOM   330  C  CB  . LEU A 1 41 ? -12.302 4.496   -2.731  1.00 24.09 ? 40  LEU A CB  1 
ATOM   331  C  CG  . LEU A 1 41 ? -10.837 4.127   -3.031  1.00 18.88 ? 40  LEU A CG  1 
ATOM   332  C  CD1 . LEU A 1 41 ? -9.886  5.228   -2.544  1.00 15.38 ? 40  LEU A CD1 1 
ATOM   333  C  CD2 . LEU A 1 41 ? -10.493 2.732   -2.429  1.00 17.83 ? 40  LEU A CD2 1 
ATOM   334  N  N   . SER A 1 42 ? -15.786 3.647   -3.638  1.00 29.69 ? 41  SER A N   1 
ATOM   335  C  CA  . SER A 1 42 ? -17.201 3.846   -3.368  1.00 31.32 ? 41  SER A CA  1 
ATOM   336  C  C   . SER A 1 42 ? -17.714 3.122   -2.136  1.00 33.00 ? 41  SER A C   1 
ATOM   337  O  O   . SER A 1 42 ? -18.689 3.559   -1.501  1.00 33.93 ? 41  SER A O   1 
ATOM   338  C  CB  . SER A 1 42 ? -18.011 3.339   -4.565  1.00 31.27 ? 41  SER A CB  1 
ATOM   339  O  OG  . SER A 1 42 ? -18.177 1.929   -4.455  1.00 32.75 ? 41  SER A OG  1 
ATOM   340  N  N   . HIS A 1 43 ? -17.091 1.992   -1.831  1.00 33.38 ? 42  HIS A N   1 
ATOM   341  C  CA  . HIS A 1 43 ? -17.494 1.197   -0.703  1.00 34.28 ? 42  HIS A CA  1 
ATOM   342  C  C   . HIS A 1 43 ? -16.732 1.632   0.534   1.00 34.02 ? 42  HIS A C   1 
ATOM   343  O  O   . HIS A 1 43 ? -17.166 1.385   1.657   1.00 35.57 ? 42  HIS A O   1 
ATOM   344  C  CB  . HIS A 1 43 ? -17.363 -0.298  -1.004  1.00 35.14 ? 42  HIS A CB  1 
ATOM   345  C  CG  . HIS A 1 43 ? -18.275 -0.772  -2.094  1.00 37.38 ? 42  HIS A CG  1 
ATOM   346  N  ND1 . HIS A 1 43 ? -17.842 -0.993  -3.384  1.00 39.98 ? 42  HIS A ND1 1 
ATOM   347  C  CD2 . HIS A 1 43 ? -19.594 -1.076  -2.088  1.00 39.58 ? 42  HIS A CD2 1 
ATOM   348  C  CE1 . HIS A 1 43 ? -18.854 -1.400  -4.129  1.00 38.24 ? 42  HIS A CE1 1 
ATOM   349  N  NE2 . HIS A 1 43 ? -19.930 -1.454  -3.366  1.00 39.95 ? 42  HIS A NE2 1 
ATOM   350  N  N   . PHE A 1 44 ? -15.621 2.335   0.333   1.00 33.00 ? 43  PHE A N   1 
ATOM   351  C  CA  . PHE A 1 44 ? -14.827 2.827   1.458   1.00 31.40 ? 43  PHE A CA  1 
ATOM   352  C  C   . PHE A 1 44 ? -15.012 4.303   1.845   1.00 31.28 ? 43  PHE A C   1 
ATOM   353  O  O   . PHE A 1 44 ? -15.233 4.606   2.999   1.00 32.40 ? 43  PHE A O   1 
ATOM   354  C  CB  . PHE A 1 44 ? -13.354 2.486   1.254   1.00 30.68 ? 43  PHE A CB  1 
ATOM   355  C  CG  . PHE A 1 44 ? -13.074 1.003   1.191   1.00 29.58 ? 43  PHE A CG  1 
ATOM   356  C  CD1 . PHE A 1 44 ? -14.080 0.056   1.428   1.00 30.16 ? 43  PHE A CD1 1 
ATOM   357  C  CD2 . PHE A 1 44 ? -11.788 0.554   0.966   1.00 28.63 ? 43  PHE A CD2 1 
ATOM   358  C  CE1 . PHE A 1 44 ? -13.814 -1.323  1.366   1.00 30.04 ? 43  PHE A CE1 1 
ATOM   359  C  CE2 . PHE A 1 44 ? -11.501 -0.801  0.920   1.00 28.77 ? 43  PHE A CE2 1 
ATOM   360  C  CZ  . PHE A 1 44 ? -12.524 -1.751  1.112   1.00 28.93 ? 43  PHE A CZ  1 
ATOM   361  N  N   . LEU A 1 45 ? -14.890 5.226   0.903   1.00 31.07 ? 44  LEU A N   1 
ATOM   362  C  CA  . LEU A 1 45 ? -14.994 6.664   1.219   1.00 29.89 ? 44  LEU A CA  1 
ATOM   363  C  C   . LEU A 1 45 ? -16.272 7.239   0.657   1.00 30.65 ? 44  LEU A C   1 
ATOM   364  O  O   . LEU A 1 45 ? -16.796 6.693   -0.306  1.00 30.66 ? 44  LEU A O   1 
ATOM   365  C  CB  . LEU A 1 45 ? -13.818 7.429   0.597   1.00 29.13 ? 44  LEU A CB  1 
ATOM   366  C  CG  . LEU A 1 45 ? -12.414 6.839   0.795   1.00 28.58 ? 44  LEU A CG  1 
ATOM   367  C  CD1 . LEU A 1 45 ? -11.408 7.588   -0.086  1.00 26.47 ? 44  LEU A CD1 1 
ATOM   368  C  CD2 . LEU A 1 45 ? -11.978 6.857   2.262   1.00 27.79 ? 44  LEU A CD2 1 
ATOM   369  N  N   . GLU A 1 46 ? -16.715 8.372   1.220   1.00 31.92 ? 45  GLU A N   1 
ATOM   370  C  CA  . GLU A 1 46 ? -17.904 9.114   0.760   1.00 33.68 ? 45  GLU A CA  1 
ATOM   371  C  C   . GLU A 1 46 ? -17.689 9.680   -0.650  1.00 32.88 ? 45  GLU A C   1 
ATOM   372  O  O   . GLU A 1 46 ? -16.631 10.233  -0.926  1.00 33.92 ? 45  GLU A O   1 
ATOM   373  C  CB  . GLU A 1 46 ? -18.236 10.259  1.743   1.00 33.42 ? 45  GLU A CB  1 
ATOM   374  C  CG  . GLU A 1 46 ? -18.388 9.799   3.204   1.00 36.12 ? 45  GLU A CG  1 
ATOM   375  C  CD  . GLU A 1 46 ? -19.279 10.682  4.083   1.00 37.23 ? 45  GLU A CD  1 
ATOM   376  O  OE1 . GLU A 1 46 ? -18.999 11.904  4.215   1.00 40.67 ? 45  GLU A OE1 1 
ATOM   377  O  OE2 . GLU A 1 46 ? -20.247 10.133  4.697   1.00 44.42 ? 45  GLU A OE2 1 
ATOM   378  N  N   . GLU A 1 47 ? -18.666 9.531   -1.541  1.00 32.16 ? 46  GLU A N   1 
ATOM   379  C  CA  . GLU A 1 47 ? -18.598 10.158  -2.865  1.00 32.63 ? 46  GLU A CA  1 
ATOM   380  C  C   . GLU A 1 47 ? -18.218 11.638  -2.736  1.00 32.47 ? 46  GLU A C   1 
ATOM   381  O  O   . GLU A 1 47 ? -18.776 12.370  -1.903  1.00 31.42 ? 46  GLU A O   1 
ATOM   382  C  CB  . GLU A 1 47 ? -19.931 10.029  -3.626  1.00 32.61 ? 46  GLU A CB  1 
ATOM   383  C  CG  . GLU A 1 47 ? -19.734 10.112  -5.160  1.00 33.32 ? 46  GLU A CG  1 
ATOM   384  C  CD  . GLU A 1 47 ? -21.001 10.295  -5.983  1.00 35.22 ? 46  GLU A CD  1 
ATOM   385  O  OE1 . GLU A 1 47 ? -22.081 9.773   -5.616  1.00 39.28 ? 46  GLU A OE1 1 
ATOM   386  O  OE2 . GLU A 1 47 ? -20.906 10.938  -7.055  1.00 40.27 ? 46  GLU A OE2 1 
ATOM   387  N  N   . ILE A 1 48 ? -17.272 12.078  -3.558  1.00 32.17 ? 47  ILE A N   1 
ATOM   388  C  CA  . ILE A 1 48 ? -16.893 13.490  -3.588  1.00 31.06 ? 47  ILE A CA  1 
ATOM   389  C  C   . ILE A 1 48 ? -17.813 14.191  -4.574  1.00 30.91 ? 47  ILE A C   1 
ATOM   390  O  O   . ILE A 1 48 ? -17.900 13.827  -5.720  1.00 30.77 ? 47  ILE A O   1 
ATOM   391  C  CB  . ILE A 1 48 ? -15.410 13.712  -3.994  1.00 30.75 ? 47  ILE A CB  1 
ATOM   392  C  CG1 . ILE A 1 48 ? -14.458 12.979  -3.059  1.00 30.08 ? 47  ILE A CG1 1 
ATOM   393  C  CG2 . ILE A 1 48 ? -15.054 15.201  -4.049  1.00 30.62 ? 47  ILE A CG2 1 
ATOM   394  C  CD1 . ILE A 1 48 ? -13.124 12.752  -3.698  1.00 26.05 ? 47  ILE A CD1 1 
ATOM   395  N  N   . LYS A 1 49 ? -18.524 15.201  -4.101  1.00 32.07 ? 48  LYS A N   1 
ATOM   396  C  CA  . LYS A 1 49 ? -19.346 16.025  -4.977  1.00 32.74 ? 48  LYS A CA  1 
ATOM   397  C  C   . LYS A 1 49 ? -19.153 17.517  -4.732  1.00 33.33 ? 48  LYS A C   1 
ATOM   398  O  O   . LYS A 1 49 ? -19.943 18.323  -5.221  1.00 34.17 ? 48  LYS A O   1 
ATOM   399  C  CB  . LYS A 1 49 ? -20.813 15.657  -4.788  1.00 33.66 ? 48  LYS A CB  1 
ATOM   400  C  CG  . LYS A 1 49 ? -21.073 14.182  -5.061  1.00 31.14 ? 48  LYS A CG  1 
ATOM   401  C  CD  . LYS A 1 49 ? -20.963 13.365  -3.791  1.00 33.83 ? 48  LYS A CD  1 
ATOM   402  C  CE  . LYS A 1 49 ? -22.357 13.034  -3.275  1.00 36.04 ? 48  LYS A CE  1 
ATOM   403  N  NZ  . LYS A 1 49 ? -23.302 13.866  -4.060  1.00 35.93 ? 48  LYS A NZ  1 
ATOM   404  N  N   . GLU A 1 50 ? -18.112 17.871  -3.974  1.00 33.59 ? 49  GLU A N   1 
ATOM   405  C  CA  . GLU A 1 50 ? -17.813 19.253  -3.588  1.00 32.08 ? 49  GLU A CA  1 
ATOM   406  C  C   . GLU A 1 50 ? -16.370 19.562  -3.936  1.00 32.55 ? 49  GLU A C   1 
ATOM   407  O  O   . GLU A 1 50 ? -15.472 18.815  -3.535  1.00 31.05 ? 49  GLU A O   1 
ATOM   408  C  CB  . GLU A 1 50 ? -18.014 19.417  -2.090  1.00 33.42 ? 49  GLU A CB  1 
ATOM   409  C  CG  . GLU A 1 50 ? -19.456 19.600  -1.689  1.00 32.49 ? 49  GLU A CG  1 
ATOM   410  C  CD  . GLU A 1 50 ? -19.822 18.758  -0.493  1.00 39.18 ? 49  GLU A CD  1 
ATOM   411  O  OE1 . GLU A 1 50 ? -19.819 19.306  0.635   1.00 43.28 ? 49  GLU A OE1 1 
ATOM   412  O  OE2 . GLU A 1 50 ? -20.113 17.548  -0.671  1.00 41.82 ? 49  GLU A OE2 1 
ATOM   413  N  N   . GLN A 1 51 ? -16.141 20.641  -4.705  1.00 31.74 ? 50  GLN A N   1 
ATOM   414  C  CA  . GLN A 1 51 ? -14.782 21.042  -5.078  1.00 31.75 ? 50  GLN A CA  1 
ATOM   415  C  C   . GLN A 1 51 ? -13.905 21.214  -3.844  1.00 31.28 ? 50  GLN A C   1 
ATOM   416  O  O   . GLN A 1 51 ? -12.735 20.846  -3.843  1.00 32.99 ? 50  GLN A O   1 
ATOM   417  C  CB  . GLN A 1 51 ? -14.768 22.384  -5.838  1.00 31.45 ? 50  GLN A CB  1 
ATOM   418  C  CG  . GLN A 1 51 ? -13.344 22.809  -6.247  1.00 32.00 ? 50  GLN A CG  1 
ATOM   419  C  CD  . GLN A 1 51 ? -12.765 21.932  -7.352  1.00 34.07 ? 50  GLN A CD  1 
ATOM   420  O  OE1 . GLN A 1 51 ? -13.494 21.484  -8.240  1.00 35.27 ? 50  GLN A OE1 1 
ATOM   421  N  NE2 . GLN A 1 51 ? -11.451 21.671  -7.298  1.00 34.24 ? 50  GLN A NE2 1 
ATOM   422  N  N   . GLU A 1 52 ? -14.469 21.820  -2.811  1.00 30.36 ? 51  GLU A N   1 
ATOM   423  C  CA  . GLU A 1 52 ? -13.761 22.013  -1.572  1.00 30.12 ? 51  GLU A CA  1 
ATOM   424  C  C   . GLU A 1 52 ? -13.137 20.669  -1.091  1.00 29.58 ? 51  GLU A C   1 
ATOM   425  O  O   . GLU A 1 52 ? -12.054 20.628  -0.512  1.00 27.67 ? 51  GLU A O   1 
ATOM   426  C  CB  . GLU A 1 52 ? -14.734 22.597  -0.547  1.00 30.43 ? 51  GLU A CB  1 
ATOM   427  C  CG  . GLU A 1 52 ? -15.317 24.020  -0.866  1.00 33.70 ? 51  GLU A CG  1 
ATOM   428  C  CD  . GLU A 1 52 ? -16.034 24.196  -2.223  1.00 38.46 ? 51  GLU A CD  1 
ATOM   429  O  OE1 . GLU A 1 52 ? -16.935 23.369  -2.541  1.00 34.01 ? 51  GLU A OE1 1 
ATOM   430  O  OE2 . GLU A 1 52 ? -15.706 25.194  -2.952  1.00 39.55 ? 51  GLU A OE2 1 
ATOM   431  N  N   . VAL A 1 53 ? -13.835 19.572  -1.365  1.00 28.06 ? 52  VAL A N   1 
ATOM   432  C  CA  . VAL A 1 53 ? -13.400 18.245  -0.903  1.00 27.99 ? 52  VAL A CA  1 
ATOM   433  C  C   . VAL A 1 53 ? -12.278 17.670  -1.797  1.00 27.35 ? 52  VAL A C   1 
ATOM   434  O  O   . VAL A 1 53 ? -11.306 17.112  -1.286  1.00 26.79 ? 52  VAL A O   1 
ATOM   435  C  CB  . VAL A 1 53 ? -14.608 17.292  -0.760  1.00 27.81 ? 52  VAL A CB  1 
ATOM   436  C  CG1 . VAL A 1 53 ? -14.147 15.868  -0.470  1.00 28.27 ? 52  VAL A CG1 1 
ATOM   437  C  CG2 . VAL A 1 53 ? -15.528 17.813  0.382   1.00 27.76 ? 52  VAL A CG2 1 
ATOM   438  N  N   . VAL A 1 54 ? -12.427 17.820  -3.107  1.00 27.01 ? 53  VAL A N   1 
ATOM   439  C  CA  . VAL A 1 54 ? -11.331 17.624  -4.073  1.00 28.87 ? 53  VAL A CA  1 
ATOM   440  C  C   . VAL A 1 54 ? -10.026 18.341  -3.626  1.00 28.34 ? 53  VAL A C   1 
ATOM   441  O  O   . VAL A 1 54 ? -8.934  17.741  -3.594  1.00 28.32 ? 53  VAL A O   1 
ATOM   442  C  CB  . VAL A 1 54 ? -11.758 18.102  -5.503  1.00 28.42 ? 53  VAL A CB  1 
ATOM   443  C  CG1 . VAL A 1 54 ? -10.646 17.889  -6.540  1.00 30.65 ? 53  VAL A CG1 1 
ATOM   444  C  CG2 . VAL A 1 54 ? -13.056 17.383  -5.967  1.00 32.55 ? 53  VAL A CG2 1 
ATOM   445  N  N   . ASP A 1 55 ? -10.149 19.624  -3.282  1.00 29.22 ? 54  ASP A N   1 
ATOM   446  C  CA  . ASP A 1 55 ? -9.004  20.462  -2.900  1.00 28.93 ? 54  ASP A CA  1 
ATOM   447  C  C   . ASP A 1 55 ? -8.410  19.971  -1.576  1.00 28.72 ? 54  ASP A C   1 
ATOM   448  O  O   . ASP A 1 55 ? -7.208  19.804  -1.455  1.00 28.07 ? 54  ASP A O   1 
ATOM   449  C  CB  . ASP A 1 55 ? -9.416  21.940  -2.706  1.00 29.46 ? 54  ASP A CB  1 
ATOM   450  C  CG  . ASP A 1 55 ? -9.975  22.599  -3.977  1.00 31.43 ? 54  ASP A CG  1 
ATOM   451  O  OD1 . ASP A 1 55 ? -9.639  22.197  -5.103  1.00 32.23 ? 54  ASP A OD1 1 
ATOM   452  O  OD2 . ASP A 1 55 ? -10.744 23.584  -3.845  1.00 34.07 ? 54  ASP A OD2 1 
ATOM   453  N  N   . LYS A 1 56 ? -9.242  19.784  -0.558  1.00 28.40 ? 55  LYS A N   1 
ATOM   454  C  CA  . LYS A 1 56 ? -8.692  19.319  0.714   1.00 29.28 ? 55  LYS A CA  1 
ATOM   455  C  C   . LYS A 1 56 ? -7.949  17.991  0.636   1.00 28.07 ? 55  LYS A C   1 
ATOM   456  O  O   . LYS A 1 56 ? -6.890  17.827  1.245   1.00 27.56 ? 55  LYS A O   1 
ATOM   457  C  CB  . LYS A 1 56 ? -9.701  19.349  1.858   1.00 29.37 ? 55  LYS A CB  1 
ATOM   458  C  CG  . LYS A 1 56 ? -10.060 20.773  2.249   1.00 32.39 ? 55  LYS A CG  1 
ATOM   459  C  CD  . LYS A 1 56 ? -8.842  21.552  2.737   1.00 34.87 ? 55  LYS A CD  1 
ATOM   460  C  CE  . LYS A 1 56 ? -9.076  23.050  2.672   1.00 35.95 ? 55  LYS A CE  1 
ATOM   461  N  NZ  . LYS A 1 56 ? -7.809  23.846  2.676   1.00 37.96 ? 55  LYS A NZ  1 
ATOM   462  N  N   . VAL A 1 57 ? -8.507  17.052  -0.099  1.00 28.18 ? 56  VAL A N   1 
ATOM   463  C  CA  . VAL A 1 57 ? -7.878  15.749  -0.257  1.00 27.70 ? 56  VAL A CA  1 
ATOM   464  C  C   . VAL A 1 57 ? -6.550  15.900  -0.975  1.00 28.45 ? 56  VAL A C   1 
ATOM   465  O  O   . VAL A 1 57 ? -5.561  15.341  -0.511  1.00 29.23 ? 56  VAL A O   1 
ATOM   466  C  CB  . VAL A 1 57 ? -8.847  14.728  -0.910  1.00 27.91 ? 56  VAL A CB  1 
ATOM   467  C  CG1 . VAL A 1 57 ? -8.096  13.496  -1.513  1.00 25.81 ? 56  VAL A CG1 1 
ATOM   468  C  CG2 . VAL A 1 57 ? -9.865  14.291  0.145   1.00 24.56 ? 56  VAL A CG2 1 
ATOM   469  N  N   . MET A 1 58 ? -6.505  16.699  -2.050  1.00 28.66 ? 57  MET A N   1 
ATOM   470  C  CA  . MET A 1 58 ? -5.258  16.898  -2.798  1.00 28.54 ? 57  MET A CA  1 
ATOM   471  C  C   . MET A 1 58 ? -4.192  17.601  -1.980  1.00 29.55 ? 57  MET A C   1 
ATOM   472  O  O   . MET A 1 58 ? -3.000  17.253  -2.079  1.00 26.87 ? 57  MET A O   1 
ATOM   473  C  CB  . MET A 1 58 ? -5.450  17.672  -4.090  1.00 29.42 ? 57  MET A CB  1 
ATOM   474  C  CG  . MET A 1 58 ? -4.144  17.805  -4.964  1.00 28.40 ? 57  MET A CG  1 
ATOM   475  S  SD  . MET A 1 58 ? -3.333  16.291  -5.582  1.00 29.13 ? 57  MET A SD  1 
ATOM   476  C  CE  . MET A 1 58 ? -4.446  15.774  -6.873  1.00 31.67 ? 57  MET A CE  1 
ATOM   477  N  N   . GLU A 1 59 ? -4.626  18.624  -1.234  1.00 30.28 ? 58  GLU A N   1 
ATOM   478  C  CA  . GLU A 1 59 ? -3.739  19.371  -0.373  1.00 32.96 ? 58  GLU A CA  1 
ATOM   479  C  C   . GLU A 1 59 ? -3.133  18.380  0.645   1.00 32.96 ? 58  GLU A C   1 
ATOM   480  O  O   . GLU A 1 59 ? -1.939  18.392  0.863   1.00 33.58 ? 58  GLU A O   1 
ATOM   481  C  CB  . GLU A 1 59 ? -4.499  20.462  0.369   1.00 32.73 ? 58  GLU A CB  1 
ATOM   482  C  CG  . GLU A 1 59 ? -4.890  21.684  -0.485  1.00 34.14 ? 58  GLU A CG  1 
ATOM   483  C  CD  . GLU A 1 59 ? -5.362  22.874  0.353   1.00 37.23 ? 58  GLU A CD  1 
ATOM   484  O  OE1 . GLU A 1 59 ? -5.335  22.805  1.626   1.00 38.50 ? 58  GLU A OE1 1 
ATOM   485  O  OE2 . GLU A 1 59 ? -5.763  23.888  -0.284  1.00 42.19 ? 58  GLU A OE2 1 
ATOM   486  N  N   . THR A 1 60 ? -3.979  17.578  1.286   1.00 33.01 ? 59  THR A N   1 
ATOM   487  C  CA  . THR A 1 60 ? -3.539  16.496  2.185   1.00 32.86 ? 59  THR A CA  1 
ATOM   488  C  C   . THR A 1 60 ? -2.509  15.520  1.584   1.00 31.87 ? 59  THR A C   1 
ATOM   489  O  O   . THR A 1 60 ? -1.554  15.134  2.260   1.00 32.09 ? 59  THR A O   1 
ATOM   490  C  CB  . THR A 1 60 ? -4.722  15.667  2.669   1.00 33.18 ? 59  THR A CB  1 
ATOM   491  O  OG1 . THR A 1 60 ? -5.769  16.534  3.093   1.00 34.70 ? 59  THR A OG1 1 
ATOM   492  C  CG2 . THR A 1 60 ? -4.311  14.748  3.811   1.00 33.51 ? 59  THR A CG2 1 
ATOM   493  N  N   . LEU A 1 61 ? -2.705  15.109  0.335   1.00 31.51 ? 60  LEU A N   1 
ATOM   494  C  CA  . LEU A 1 61 ? -1.821  14.112  -0.308  1.00 31.20 ? 60  LEU A CA  1 
ATOM   495  C  C   . LEU A 1 61 ? -0.555  14.654  -0.944  1.00 30.84 ? 60  LEU A C   1 
ATOM   496  O  O   . LEU A 1 61 ? 0.444   13.952  -1.045  1.00 26.41 ? 60  LEU A O   1 
ATOM   497  C  CB  . LEU A 1 61 ? -2.583  13.310  -1.382  1.00 30.64 ? 60  LEU A CB  1 
ATOM   498  C  CG  . LEU A 1 61 ? -3.821  12.606  -0.865  1.00 29.23 ? 60  LEU A CG  1 
ATOM   499  C  CD1 . LEU A 1 61 ? -4.521  11.856  -2.013  1.00 27.95 ? 60  LEU A CD1 1 
ATOM   500  C  CD2 . LEU A 1 61 ? -3.460  11.686  0.306   1.00 28.97 ? 60  LEU A CD2 1 
ATOM   501  N  N   . ASP A 1 62 ? -0.627  15.885  -1.438  1.00 32.29 ? 61  ASP A N   1 
ATOM   502  C  CA  . ASP A 1 62 ? 0.486   16.457  -2.177  1.00 34.30 ? 61  ASP A CA  1 
ATOM   503  C  C   . ASP A 1 62 ? 1.603   16.976  -1.259  1.00 36.32 ? 61  ASP A C   1 
ATOM   504  O  O   . ASP A 1 62 ? 1.495   18.073  -0.711  1.00 37.43 ? 61  ASP A O   1 
ATOM   505  C  CB  . ASP A 1 62 ? -0.013  17.608  -3.056  1.00 34.42 ? 61  ASP A CB  1 
ATOM   506  C  CG  . ASP A 1 62 ? 1.014   18.071  -4.061  1.00 31.94 ? 61  ASP A CG  1 
ATOM   507  O  OD1 . ASP A 1 62 ? 1.943   17.291  -4.440  1.00 34.42 ? 61  ASP A OD1 1 
ATOM   508  O  OD2 . ASP A 1 62 ? 0.845   19.209  -4.540  1.00 31.04 ? 61  ASP A OD2 1 
ATOM   509  N  N   . ASN A 1 63 ? 2.674   16.196  -1.123  1.00 37.96 ? 62  ASN A N   1 
ATOM   510  C  CA  . ASN A 1 63 ? 3.785   16.517  -0.221  1.00 39.21 ? 62  ASN A CA  1 
ATOM   511  C  C   . ASN A 1 63 ? 4.899   17.352  -0.838  1.00 39.94 ? 62  ASN A C   1 
ATOM   512  O  O   . ASN A 1 63 ? 5.697   17.963  -0.123  1.00 40.27 ? 62  ASN A O   1 
ATOM   513  C  CB  . ASN A 1 63 ? 4.413   15.220  0.277   1.00 40.20 ? 62  ASN A CB  1 
ATOM   514  C  CG  . ASN A 1 63 ? 3.713   14.667  1.460   1.00 40.45 ? 62  ASN A CG  1 
ATOM   515  O  OD1 . ASN A 1 63 ? 2.921   15.351  2.103   1.00 42.26 ? 62  ASN A OD1 1 
ATOM   516  N  ND2 . ASN A 1 63 ? 4.014   13.416  1.784   1.00 43.87 ? 62  ASN A ND2 1 
ATOM   517  N  N   . ASP A 1 64 ? 5.004   17.331  -2.155  1.00 40.18 ? 63  ASP A N   1 
ATOM   518  C  CA  . ASP A 1 64 ? 5.986   18.191  -2.801  1.00 41.58 ? 63  ASP A CA  1 
ATOM   519  C  C   . ASP A 1 64 ? 5.362   19.503  -3.313  1.00 41.16 ? 63  ASP A C   1 
ATOM   520  O  O   . ASP A 1 64 ? 6.058   20.356  -3.819  1.00 42.37 ? 63  ASP A O   1 
ATOM   521  C  CB  . ASP A 1 64 ? 6.817   17.442  -3.867  1.00 41.37 ? 63  ASP A CB  1 
ATOM   522  C  CG  . ASP A 1 64 ? 5.967   16.649  -4.860  1.00 42.19 ? 63  ASP A CG  1 
ATOM   523  O  OD1 . ASP A 1 64 ? 4.794   16.989  -5.087  1.00 39.90 ? 63  ASP A OD1 1 
ATOM   524  O  OD2 . ASP A 1 64 ? 6.493   15.686  -5.448  1.00 46.73 ? 63  ASP A OD2 1 
ATOM   525  N  N   . GLY A 1 65 ? 4.044   19.654  -3.155  1.00 41.70 ? 64  GLY A N   1 
ATOM   526  C  CA  . GLY A 1 65 ? 3.317   20.866  -3.583  1.00 40.96 ? 64  GLY A CA  1 
ATOM   527  C  C   . GLY A 1 65 ? 3.397   21.255  -5.055  1.00 41.11 ? 64  GLY A C   1 
ATOM   528  O  O   . GLY A 1 65 ? 3.421   22.457  -5.381  1.00 40.92 ? 64  GLY A O   1 
ATOM   529  N  N   . ASP A 1 66 ? 3.417   20.243  -5.931  1.00 40.43 ? 65  ASP A N   1 
ATOM   530  C  CA  . ASP A 1 66 ? 3.295   20.402  -7.378  1.00 40.21 ? 65  ASP A CA  1 
ATOM   531  C  C   . ASP A 1 66 ? 1.844   20.280  -7.865  1.00 39.84 ? 65  ASP A C   1 
ATOM   532  O  O   . ASP A 1 66 ? 1.587   20.206  -9.069  1.00 40.53 ? 65  ASP A O   1 
ATOM   533  C  CB  . ASP A 1 66 ? 4.198   19.399  -8.136  1.00 39.66 ? 65  ASP A CB  1 
ATOM   534  C  CG  . ASP A 1 66 ? 3.667   17.934  -8.120  1.00 40.25 ? 65  ASP A CG  1 
ATOM   535  O  OD1 . ASP A 1 66 ? 2.608   17.632  -7.525  1.00 39.69 ? 65  ASP A OD1 1 
ATOM   536  O  OD2 . ASP A 1 66 ? 4.338   17.061  -8.704  1.00 38.53 ? 65  ASP A OD2 1 
ATOM   537  N  N   . GLY A 1 67 ? 0.916   20.204  -6.916  1.00 39.47 ? 66  GLY A N   1 
ATOM   538  C  CA  . GLY A 1 67 ? -0.521  20.171  -7.209  1.00 37.94 ? 66  GLY A CA  1 
ATOM   539  C  C   . GLY A 1 67 ? -1.040  18.874  -7.822  1.00 36.84 ? 66  GLY A C   1 
ATOM   540  O  O   . GLY A 1 67 ? -2.220  18.802  -8.196  1.00 36.80 ? 66  GLY A O   1 
ATOM   541  N  N   . GLU A 1 68 ? -0.158  17.871  -7.952  1.00 35.21 ? 67  GLU A N   1 
ATOM   542  C  CA  . GLU A 1 68 ? -0.513  16.526  -8.448  1.00 32.53 ? 67  GLU A CA  1 
ATOM   543  C  C   . GLU A 1 68 ? -0.158  15.453  -7.412  1.00 31.58 ? 67  GLU A C   1 
ATOM   544  O  O   . GLU A 1 68 ? 0.514   15.744  -6.407  1.00 30.49 ? 67  GLU A O   1 
ATOM   545  C  CB  . GLU A 1 68 ? 0.111   16.227  -9.834  1.00 33.26 ? 67  GLU A CB  1 
ATOM   546  C  CG  . GLU A 1 68 ? -0.242  17.284  -10.874 1.00 33.18 ? 67  GLU A CG  1 
ATOM   547  C  CD  . GLU A 1 68 ? -0.507  16.782  -12.290 1.00 34.82 ? 67  GLU A CD  1 
ATOM   548  O  OE1 . GLU A 1 68 ? -0.551  15.571  -12.587 1.00 38.19 ? 67  GLU A OE1 1 
ATOM   549  O  OE2 . GLU A 1 68 ? -0.708  17.642  -13.152 1.00 39.09 ? 67  GLU A OE2 1 
ATOM   550  N  N   . CYS A 1 69 ? -0.679  14.250  -7.610  1.00 28.94 ? 68  CYS A N   1 
ATOM   551  C  CA  . CYS A 1 69 ? -0.425  13.135  -6.702  1.00 29.27 ? 68  CYS A CA  1 
ATOM   552  C  C   . CYS A 1 69 ? 0.359   12.147  -7.532  1.00 29.59 ? 68  CYS A C   1 
ATOM   553  O  O   . CYS A 1 69 ? -0.136  11.602  -8.532  1.00 28.43 ? 68  CYS A O   1 
ATOM   554  C  CB  . CYS A 1 69 ? -1.741  12.534  -6.128  1.00 29.60 ? 68  CYS A CB  1 
ATOM   555  S  SG  . CYS A 1 69 ? -1.532  11.135  -4.952  1.00 27.50 ? 68  CYS A SG  1 
ATOM   556  N  N   . ASP A 1 70 ? 1.634   11.994  -7.195  1.00 30.69 ? 69  ASP A N   1 
ATOM   557  C  CA  . ASP A 1 70 ? 2.478   11.047  -7.894  1.00 31.91 ? 69  ASP A CA  1 
ATOM   558  C  C   . ASP A 1 70 ? 2.401   9.683   -7.190  1.00 31.08 ? 69  ASP A C   1 
ATOM   559  O  O   . ASP A 1 70 ? 1.655   9.547   -6.210  1.00 29.78 ? 69  ASP A O   1 
ATOM   560  C  CB  . ASP A 1 70 ? 3.914   11.587  -7.975  1.00 33.84 ? 69  ASP A CB  1 
ATOM   561  C  CG  . ASP A 1 70 ? 4.744   11.224  -6.762  1.00 37.26 ? 69  ASP A CG  1 
ATOM   562  O  OD1 . ASP A 1 70 ? 5.224   10.072  -6.693  1.00 44.29 ? 69  ASP A OD1 1 
ATOM   563  O  OD2 . ASP A 1 70 ? 4.963   12.095  -5.908  1.00 42.94 ? 69  ASP A OD2 1 
ATOM   564  N  N   . PHE A 1 71 ? 3.162   8.688   -7.676  1.00 30.30 ? 70  PHE A N   1 
ATOM   565  C  CA  . PHE A 1 71 ? 3.027   7.315   -7.173  1.00 31.18 ? 70  PHE A CA  1 
ATOM   566  C  C   . PHE A 1 71 ? 3.296   7.112   -5.683  1.00 30.17 ? 70  PHE A C   1 
ATOM   567  O  O   . PHE A 1 71 ? 2.595   6.334   -5.037  1.00 28.12 ? 70  PHE A O   1 
ATOM   568  C  CB  . PHE A 1 71 ? 3.736   6.226   -8.027  1.00 32.40 ? 70  PHE A CB  1 
ATOM   569  C  CG  . PHE A 1 71 ? 3.249   4.836   -7.702  1.00 33.10 ? 70  PHE A CG  1 
ATOM   570  C  CD1 . PHE A 1 71 ? 1.946   4.457   -8.007  1.00 34.63 ? 70  PHE A CD1 1 
ATOM   571  C  CD2 . PHE A 1 71 ? 4.050   3.944   -7.002  1.00 34.80 ? 70  PHE A CD2 1 
ATOM   572  C  CE1 . PHE A 1 71 ? 1.471   3.222   -7.665  1.00 36.56 ? 70  PHE A CE1 1 
ATOM   573  C  CE2 . PHE A 1 71 ? 3.575   2.688   -6.653  1.00 34.52 ? 70  PHE A CE2 1 
ATOM   574  C  CZ  . PHE A 1 71 ? 2.289   2.326   -6.978  1.00 36.06 ? 70  PHE A CZ  1 
ATOM   575  N  N   . GLN A 1 72 ? 4.277   7.838   -5.141  1.00 29.42 ? 71  GLN A N   1 
ATOM   576  C  CA  . GLN A 1 72 ? 4.592   7.729   -3.722  1.00 28.93 ? 71  GLN A CA  1 
ATOM   577  C  C   . GLN A 1 72 ? 3.477   8.288   -2.869  1.00 27.63 ? 71  GLN A C   1 
ATOM   578  O  O   . GLN A 1 72 ? 3.166   7.780   -1.779  1.00 26.25 ? 71  GLN A O   1 
ATOM   579  C  CB  . GLN A 1 72 ? 5.862   8.497   -3.405  1.00 30.61 ? 71  GLN A CB  1 
ATOM   580  C  CG  . GLN A 1 72 ? 6.170   8.525   -1.927  1.00 33.54 ? 71  GLN A CG  1 
ATOM   581  C  CD  . GLN A 1 72 ? 7.254   9.508   -1.599  1.00 39.54 ? 71  GLN A CD  1 
ATOM   582  O  OE1 . GLN A 1 72 ? 7.640   10.330  -2.439  1.00 43.15 ? 71  GLN A OE1 1 
ATOM   583  N  NE2 . GLN A 1 72 ? 7.764   9.432   -0.376  1.00 41.34 ? 71  GLN A NE2 1 
ATOM   584  N  N   . GLU A 1 73 ? 2.877   9.340   -3.379  1.00 25.11 ? 72  GLU A N   1 
ATOM   585  C  CA  . GLU A 1 73 ? 1.818   10.047  -2.674  1.00 26.11 ? 72  GLU A CA  1 
ATOM   586  C  C   . GLU A 1 73 ? 0.529   9.271   -2.709  1.00 24.61 ? 72  GLU A C   1 
ATOM   587  O  O   . GLU A 1 73 ? -0.291  9.330   -1.757  1.00 26.38 ? 72  GLU A O   1 
ATOM   588  C  CB  . GLU A 1 73 ? 1.626   11.428  -3.309  1.00 25.65 ? 72  GLU A CB  1 
ATOM   589  C  CG  . GLU A 1 73 ? 2.714   12.419  -2.882  1.00 28.27 ? 72  GLU A CG  1 
ATOM   590  C  CD  . GLU A 1 73 ? 2.959   13.508  -3.907  1.00 30.04 ? 72  GLU A CD  1 
ATOM   591  O  OE1 . GLU A 1 73 ? 2.251   13.577  -4.944  1.00 29.81 ? 72  GLU A OE1 1 
ATOM   592  O  OE2 . GLU A 1 73 ? 3.882   14.297  -3.704  1.00 32.83 ? 72  GLU A OE2 1 
ATOM   593  N  N   . PHE A 1 74 ? 0.345   8.525   -3.793  1.00 24.56 ? 73  PHE A N   1 
ATOM   594  C  CA  . PHE A 1 74 ? -0.826  7.667   -3.943  1.00 23.77 ? 73  PHE A CA  1 
ATOM   595  C  C   . PHE A 1 74 ? -0.686  6.488   -2.987  1.00 23.50 ? 73  PHE A C   1 
ATOM   596  O  O   . PHE A 1 74 ? -1.635  6.120   -2.300  1.00 22.90 ? 73  PHE A O   1 
ATOM   597  C  CB  . PHE A 1 74 ? -1.034  7.231   -5.399  1.00 23.47 ? 73  PHE A CB  1 
ATOM   598  C  CG  . PHE A 1 74 ? -2.093  6.211   -5.548  1.00 25.51 ? 73  PHE A CG  1 
ATOM   599  C  CD1 . PHE A 1 74 ? -3.434  6.538   -5.283  1.00 24.48 ? 73  PHE A CD1 1 
ATOM   600  C  CD2 . PHE A 1 74 ? -1.760  4.877   -5.891  1.00 24.24 ? 73  PHE A CD2 1 
ATOM   601  C  CE1 . PHE A 1 74 ? -4.425  5.562   -5.397  1.00 20.17 ? 73  PHE A CE1 1 
ATOM   602  C  CE2 . PHE A 1 74 ? -2.741  3.924   -6.013  1.00 24.64 ? 73  PHE A CE2 1 
ATOM   603  C  CZ  . PHE A 1 74 ? -4.084  4.271   -5.729  1.00 23.19 ? 73  PHE A CZ  1 
ATOM   604  N  N   . MET A 1 75 ? 0.529   5.979   -2.838  1.00 23.61 ? 74  MET A N   1 
ATOM   605  C  CA  . MET A 1 75 ? 0.825   4.932   -1.813  1.00 23.78 ? 74  MET A CA  1 
ATOM   606  C  C   . MET A 1 75 ? 0.546   5.345   -0.341  1.00 23.31 ? 74  MET A C   1 
ATOM   607  O  O   . MET A 1 75 ? 0.056   4.525   0.481   1.00 22.00 ? 74  MET A O   1 
ATOM   608  C  CB  . MET A 1 75 ? 2.268   4.388   -2.003  1.00 25.66 ? 74  MET A CB  1 
ATOM   609  C  CG  . MET A 1 75 ? 2.402   3.215   -3.054  1.00 27.92 ? 74  MET A CG  1 
ATOM   610  S  SD  . MET A 1 75 ? 1.176   1.881   -3.106  1.00 38.06 ? 74  MET A SD  1 
ATOM   611  C  CE  . MET A 1 75 ? 1.187   1.240   -1.412  1.00 38.02 ? 74  MET A CE  1 
ATOM   612  N  N   . ALA A 1 76 ? 0.861   6.592   0.024   1.00 22.64 ? 75  ALA A N   1 
ATOM   613  C  CA  . ALA A 1 76 ? 0.561   7.050   1.370   1.00 22.82 ? 75  ALA A CA  1 
ATOM   614  C  C   . ALA A 1 76 ? -0.964  7.131   1.540   1.00 22.80 ? 75  ALA A C   1 
ATOM   615  O  O   . ALA A 1 76 ? -1.517  6.767   2.581   1.00 23.21 ? 75  ALA A O   1 
ATOM   616  C  CB  . ALA A 1 76 ? 1.226   8.399   1.676   1.00 23.21 ? 75  ALA A CB  1 
ATOM   617  N  N   . PHE A 1 77 ? -1.634  7.567   0.491   1.00 22.81 ? 76  PHE A N   1 
ATOM   618  C  CA  . PHE A 1 77 ? -3.109  7.537   0.449   1.00 23.52 ? 76  PHE A CA  1 
ATOM   619  C  C   . PHE A 1 77 ? -3.641  6.115   0.657   1.00 22.78 ? 76  PHE A C   1 
ATOM   620  O  O   . PHE A 1 77 ? -4.477  5.881   1.545   1.00 22.39 ? 76  PHE A O   1 
ATOM   621  C  CB  . PHE A 1 77 ? -3.650  8.201   -0.836  1.00 21.37 ? 76  PHE A CB  1 
ATOM   622  C  CG  . PHE A 1 77 ? -5.183  8.215   -0.952  1.00 21.98 ? 76  PHE A CG  1 
ATOM   623  C  CD1 . PHE A 1 77 ? -5.968  8.758   0.058   1.00 17.06 ? 76  PHE A CD1 1 
ATOM   624  C  CD2 . PHE A 1 77 ? -5.818  7.732   -2.107  1.00 23.83 ? 76  PHE A CD2 1 
ATOM   625  C  CE1 . PHE A 1 77 ? -7.370  8.791   -0.030  1.00 22.75 ? 76  PHE A CE1 1 
ATOM   626  C  CE2 . PHE A 1 77 ? -7.228  7.780   -2.250  1.00 19.46 ? 76  PHE A CE2 1 
ATOM   627  C  CZ  . PHE A 1 77 ? -8.007  8.267   -1.211  1.00 22.37 ? 76  PHE A CZ  1 
ATOM   628  N  N   . VAL A 1 78 ? -3.125  5.156   -0.111  1.00 22.99 ? 77  VAL A N   1 
ATOM   629  C  CA  . VAL A 1 78 ? -3.565  3.764   -0.004  1.00 24.34 ? 77  VAL A CA  1 
ATOM   630  C  C   . VAL A 1 78 ? -3.473  3.254   1.456   1.00 25.53 ? 77  VAL A C   1 
ATOM   631  O  O   . VAL A 1 78 ? -4.425  2.641   1.978   1.00 27.52 ? 77  VAL A O   1 
ATOM   632  C  CB  . VAL A 1 78 ? -2.732  2.789   -0.925  1.00 23.46 ? 77  VAL A CB  1 
ATOM   633  C  CG1 . VAL A 1 78 ? -3.112  1.361   -0.629  1.00 23.91 ? 77  VAL A CG1 1 
ATOM   634  C  CG2 . VAL A 1 78 ? -2.994  3.081   -2.396  1.00 23.23 ? 77  VAL A CG2 1 
ATOM   635  N  N   . ALA A 1 79 ? -2.333  3.521   2.085   1.00 25.97 ? 78  ALA A N   1 
ATOM   636  C  CA  . ALA A 1 79 ? -2.020  3.086   3.433   1.00 27.21 ? 78  ALA A CA  1 
ATOM   637  C  C   . ALA A 1 79 ? -2.937  3.775   4.450   1.00 27.50 ? 78  ALA A C   1 
ATOM   638  O  O   . ALA A 1 79 ? -3.431  3.149   5.365   1.00 26.95 ? 78  ALA A O   1 
ATOM   639  C  CB  . ALA A 1 79 ? -0.520  3.374   3.735   1.00 27.75 ? 78  ALA A CB  1 
ATOM   640  N  N   . MET A 1 80 ? -3.240  5.051   4.254   1.00 28.79 ? 79  MET A N   1 
ATOM   641  C  CA  . MET A 1 80 ? -4.196  5.687   5.157   1.00 31.58 ? 79  MET A CA  1 
ATOM   642  C  C   . MET A 1 80 ? -5.630  5.210   5.008   1.00 29.77 ? 79  MET A C   1 
ATOM   643  O  O   . MET A 1 80 ? -6.346  5.148   5.997   1.00 30.36 ? 79  MET A O   1 
ATOM   644  C  CB  . MET A 1 80 ? -4.116  7.201   5.084   1.00 32.02 ? 79  MET A CB  1 
ATOM   645  C  CG  . MET A 1 80 ? -3.038  7.805   5.964   1.00 32.46 ? 79  MET A CG  1 
ATOM   646  S  SD  . MET A 1 80 ? -3.590  9.304   6.798   1.00 40.82 ? 79  MET A SD  1 
ATOM   647  C  CE  . MET A 1 80 ? -4.319  8.676   8.324   1.00 38.79 ? 79  MET A CE  1 
ATOM   648  N  N   . VAL A 1 81 ? -6.078  4.869   3.799   1.00 28.97 ? 80  VAL A N   1 
ATOM   649  C  CA  . VAL A 1 81 ? -7.425  4.308   3.699   1.00 27.88 ? 80  VAL A CA  1 
ATOM   650  C  C   . VAL A 1 81 ? -7.440  2.907   4.328   1.00 28.38 ? 80  VAL A C   1 
ATOM   651  O  O   . VAL A 1 81 ? -8.294  2.606   5.159   1.00 28.17 ? 80  VAL A O   1 
ATOM   652  C  CB  . VAL A 1 81 ? -7.979  4.286   2.262   1.00 27.42 ? 80  VAL A CB  1 
ATOM   653  C  CG1 . VAL A 1 81 ? -9.396  3.739   2.256   1.00 25.77 ? 80  VAL A CG1 1 
ATOM   654  C  CG2 . VAL A 1 81 ? -7.973  5.695   1.667   1.00 27.24 ? 80  VAL A CG2 1 
ATOM   655  N  N   . THR A 1 82 ? -6.486  2.070   3.913   1.00 28.75 ? 81  THR A N   1 
ATOM   656  C  CA  . THR A 1 82 ? -6.290  0.710   4.431   1.00 30.71 ? 81  THR A CA  1 
ATOM   657  C  C   . THR A 1 82 ? -6.276  0.676   5.966   1.00 32.86 ? 81  THR A C   1 
ATOM   658  O  O   . THR A 1 82 ? -6.964  -0.138  6.585   1.00 34.12 ? 81  THR A O   1 
ATOM   659  C  CB  . THR A 1 82 ? -5.008  0.099   3.819   1.00 29.14 ? 81  THR A CB  1 
ATOM   660  O  OG1 . THR A 1 82 ? -5.069  0.257   2.391   1.00 27.18 ? 81  THR A OG1 1 
ATOM   661  C  CG2 . THR A 1 82 ? -4.880  -1.368  4.116   1.00 29.16 ? 81  THR A CG2 1 
ATOM   662  N  N   . THR A 1 83 ? -5.517  1.571   6.568   1.00 35.45 ? 82  THR A N   1 
ATOM   663  C  CA  . THR A 1 83 ? -5.529  1.743   8.034   1.00 38.24 ? 82  THR A CA  1 
ATOM   664  C  C   . THR A 1 83 ? -6.922  2.114   8.590   1.00 39.24 ? 82  THR A C   1 
ATOM   665  O  O   . THR A 1 83 ? -7.419  1.413   9.483   1.00 39.65 ? 82  THR A O   1 
ATOM   666  C  CB  . THR A 1 83 ? -4.441  2.719   8.518   1.00 38.00 ? 82  THR A CB  1 
ATOM   667  O  OG1 . THR A 1 83 ? -3.198  2.385   7.888   1.00 38.88 ? 82  THR A OG1 1 
ATOM   668  C  CG2 . THR A 1 83 ? -4.280  2.608   10.044  1.00 38.54 ? 82  THR A CG2 1 
ATOM   669  N  N   . ALA A 1 84 ? -7.574  3.150   8.049   1.00 40.55 ? 83  ALA A N   1 
ATOM   670  C  CA  . ALA A 1 84 ? -8.963  3.476   8.473   1.00 41.45 ? 83  ALA A CA  1 
ATOM   671  C  C   . ALA A 1 84 ? -9.981  2.352   8.202   1.00 42.87 ? 83  ALA A C   1 
ATOM   672  O  O   . ALA A 1 84 ? -11.057 2.320   8.815   1.00 42.87 ? 83  ALA A O   1 
ATOM   673  C  CB  . ALA A 1 84 ? -9.451  4.798   7.873   1.00 41.57 ? 83  ALA A CB  1 
ATOM   674  N  N   . CYS A 1 85 ? -9.645  1.443   7.291   1.00 44.13 ? 84  CYS A N   1 
ATOM   675  C  CA  . CYS A 1 85 ? -10.348 0.170   7.181   1.00 45.67 ? 84  CYS A CA  1 
ATOM   676  C  C   . CYS A 1 85 ? -9.902  -0.825  8.265   1.00 46.84 ? 84  CYS A C   1 
ATOM   677  O  O   . CYS A 1 85 ? -10.738 -1.452  8.892   1.00 46.87 ? 84  CYS A O   1 
ATOM   678  C  CB  . CYS A 1 85 ? -10.186 -0.446  5.778   1.00 45.50 ? 84  CYS A CB  1 
ATOM   679  S  SG  . CYS A 1 85 ? -10.852 -2.104  5.677   0.75 45.74 ? 84  CYS A SG  1 
ATOM   680  N  N   . HIS A 1 86 ? -8.593  -0.969  8.478   1.00 48.96 ? 85  HIS A N   1 
ATOM   681  C  CA  . HIS A 1 86 ? -8.068  -1.927  9.466   1.00 50.83 ? 85  HIS A CA  1 
ATOM   682  C  C   . HIS A 1 86 ? -8.669  -1.685  10.845  1.00 52.08 ? 85  HIS A C   1 
ATOM   683  O  O   . HIS A 1 86 ? -9.044  -2.637  11.511  1.00 52.52 ? 85  HIS A O   1 
ATOM   684  C  CB  . HIS A 1 86 ? -6.528  -1.954  9.508   1.00 50.98 ? 85  HIS A CB  1 
ATOM   685  C  CG  . HIS A 1 86 ? -5.955  -2.904  10.521  1.00 51.09 ? 85  HIS A CG  1 
ATOM   686  N  ND1 . HIS A 1 86 ? -4.991  -2.529  11.433  1.00 51.59 ? 85  HIS A ND1 1 
ATOM   687  C  CD2 . HIS A 1 86 ? -6.221  -4.210  10.771  1.00 51.98 ? 85  HIS A CD2 1 
ATOM   688  C  CE1 . HIS A 1 86 ? -4.685  -3.560  12.200  1.00 51.41 ? 85  HIS A CE1 1 
ATOM   689  N  NE2 . HIS A 1 86 ? -5.427  -4.589  11.829  1.00 53.05 ? 85  HIS A NE2 1 
ATOM   690  N  N   . GLU A 1 87 ? -8.798  -0.420  11.245  1.00 53.37 ? 86  GLU A N   1 
ATOM   691  C  CA  . GLU A 1 87 ? -9.504  -0.049  12.489  1.00 54.72 ? 86  GLU A CA  1 
ATOM   692  C  C   . GLU A 1 87 ? -10.936 -0.628  12.607  1.00 55.33 ? 86  GLU A C   1 
ATOM   693  O  O   . GLU A 1 87 ? -11.629 -0.386  13.601  1.00 55.36 ? 86  GLU A O   1 
ATOM   694  C  CB  . GLU A 1 87 ? -9.564  1.482   12.643  1.00 54.60 ? 86  GLU A CB  1 
ATOM   695  C  CG  . GLU A 1 87 ? -8.230  2.193   12.588  1.00 55.38 ? 86  GLU A CG  1 
ATOM   696  C  CD  . GLU A 1 87 ? -7.452  2.136   13.888  1.00 56.84 ? 86  GLU A CD  1 
ATOM   697  O  OE1 . GLU A 1 87 ? -6.204  2.181   13.810  1.00 57.91 ? 86  GLU A OE1 1 
ATOM   698  O  OE2 . GLU A 1 87 ? -8.077  2.067   14.978  1.00 57.13 ? 86  GLU A OE2 1 
ATOM   699  N  N   . PHE A 1 88 ? -11.366 -1.365  11.578  1.00 56.23 ? 87  PHE A N   1 
ATOM   700  C  CA  . PHE A 1 88 ? -12.680 -2.033  11.523  1.00 56.71 ? 87  PHE A CA  1 
ATOM   701  C  C   . PHE A 1 88 ? -12.527 -3.504  11.897  1.00 56.92 ? 87  PHE A C   1 
ATOM   702  O  O   . PHE A 1 88 ? -13.472 -4.150  12.382  1.00 57.15 ? 87  PHE A O   1 
ATOM   703  C  CB  . PHE A 1 88 ? -13.339 -1.824  10.133  1.00 56.94 ? 87  PHE A CB  1 
ATOM   704  C  CG  . PHE A 1 88 ? -14.030 -3.051  9.563   1.00 56.88 ? 87  PHE A CG  1 
ATOM   705  C  CD1 . PHE A 1 88 ? -15.315 -3.402  9.968   1.00 56.60 ? 87  PHE A CD1 1 
ATOM   706  C  CD2 . PHE A 1 88 ? -13.399 -3.832  8.601   1.00 56.35 ? 87  PHE A CD2 1 
ATOM   707  C  CE1 . PHE A 1 88 ? -15.951 -4.528  9.445   1.00 56.75 ? 87  PHE A CE1 1 
ATOM   708  C  CE2 . PHE A 1 88 ? -14.016 -4.953  8.072   1.00 57.30 ? 87  PHE A CE2 1 
ATOM   709  C  CZ  . PHE A 1 88 ? -15.300 -5.308  8.497   1.00 57.76 ? 87  PHE A CZ  1 
ATOM   710  N  N   . PHE A 1 89 ? -11.325 -4.024  11.659  1.00 57.38 ? 88  PHE A N   1 
ATOM   711  C  CA  . PHE A 1 89 ? -10.906 -5.309  12.195  1.00 57.55 ? 88  PHE A CA  1 
ATOM   712  C  C   . PHE A 1 89 ? -10.335 -5.064  13.589  1.00 57.45 ? 88  PHE A C   1 
ATOM   713  O  O   . PHE A 1 89 ? -9.413  -5.759  14.004  1.00 57.97 ? 88  PHE A O   1 
ATOM   714  C  CB  . PHE A 1 89 ? -9.824  -5.949  11.309  1.00 57.81 ? 88  PHE A CB  1 
ATOM   715  C  CG  . PHE A 1 89 ? -10.281 -6.293  9.912   1.00 57.77 ? 88  PHE A CG  1 
ATOM   716  C  CD1 . PHE A 1 89 ? -10.229 -5.348  8.895   1.00 57.24 ? 88  PHE A CD1 1 
ATOM   717  C  CD2 . PHE A 1 89 ? -10.746 -7.575  9.613   1.00 57.66 ? 88  PHE A CD2 1 
ATOM   718  C  CE1 . PHE A 1 89 ? -10.644 -5.666  7.597   1.00 58.10 ? 88  PHE A CE1 1 
ATOM   719  C  CE2 . PHE A 1 89 ? -11.161 -7.910  8.316   1.00 58.87 ? 88  PHE A CE2 1 
ATOM   720  C  CZ  . PHE A 1 89 ? -11.107 -6.954  7.305   1.00 58.31 ? 88  PHE A CZ  1 
ATOM   721  N  N   . GLU A 1 90 ? -10.872 -4.070  14.301  1.00 57.33 ? 89  GLU A N   1 
ATOM   722  C  CA  . GLU A 1 90 ? -10.418 -3.744  15.661  1.00 57.09 ? 89  GLU A CA  1 
ATOM   723  C  C   . GLU A 1 90 ? -11.143 -4.545  16.738  1.00 56.81 ? 89  GLU A C   1 
ATOM   724  O  O   . GLU A 1 90 ? -11.370 -4.043  17.847  1.00 56.84 ? 89  GLU A O   1 
ATOM   725  C  CB  . GLU A 1 90 ? -10.574 -2.252  15.956  1.00 56.95 ? 89  GLU A CB  1 
ATOM   726  C  CG  . GLU A 1 90 ? -9.311  -1.409  15.769  1.00 57.40 ? 89  GLU A CG  1 
ATOM   727  C  CD  . GLU A 1 90 ? -8.175  -1.778  16.708  1.00 57.51 ? 89  GLU A CD  1 
ATOM   728  O  OE1 . GLU A 1 90 ? -8.420  -2.333  17.801  1.00 58.44 ? 89  GLU A OE1 1 
ATOM   729  O  OE2 . GLU A 1 90 ? -7.023  -1.500  16.342  1.00 57.56 ? 89  GLU A OE2 1 
ATOM   730  N  N   . MET B 1 1  ? -16.267 -5.829  -4.838  1.00 38.18 ? 0   MET B N   1 
ATOM   731  C  CA  . MET B 1 1  ? -15.386 -4.680  -4.536  1.00 37.49 ? 0   MET B CA  1 
ATOM   732  C  C   . MET B 1 1  ? -14.626 -4.341  -5.820  1.00 35.68 ? 0   MET B C   1 
ATOM   733  O  O   . MET B 1 1  ? -14.529 -5.177  -6.725  1.00 34.46 ? 0   MET B O   1 
ATOM   734  C  CB  . MET B 1 1  ? -14.387 -5.004  -3.403  1.00 37.63 ? 0   MET B CB  1 
ATOM   735  C  CG  . MET B 1 1  ? -14.547 -6.338  -2.628  1.00 39.22 ? 0   MET B CG  1 
ATOM   736  S  SD  . MET B 1 1  ? -13.173 -6.675  -1.466  1.00 42.62 ? 0   MET B SD  1 
ATOM   737  C  CE  . MET B 1 1  ? -13.181 -5.191  -0.481  1.00 40.66 ? 0   MET B CE  1 
ATOM   738  N  N   . SER B 1 2  ? -14.073 -3.125  -5.904  1.00 33.54 ? 1   SER B N   1 
ATOM   739  C  CA  . SER B 1 2  ? -13.324 -2.753  -7.106  1.00 31.36 ? 1   SER B CA  1 
ATOM   740  C  C   . SER B 1 2  ? -11.967 -3.436  -7.072  1.00 30.40 ? 1   SER B C   1 
ATOM   741  O  O   . SER B 1 2  ? -11.653 -4.163  -6.137  1.00 29.65 ? 1   SER B O   1 
ATOM   742  C  CB  . SER B 1 2  ? -13.209 -1.231  -7.285  1.00 30.46 ? 1   SER B CB  1 
ATOM   743  O  OG  . SER B 1 2  ? -12.367 -0.613  -6.302  1.00 30.87 ? 1   SER B OG  1 
ATOM   744  N  N   . GLU B 1 3  ? -11.172 -3.222  -8.106  1.00 30.49 ? 2   GLU B N   1 
ATOM   745  C  CA  . GLU B 1 3  ? -9.838  -3.809  -8.154  1.00 30.18 ? 2   GLU B CA  1 
ATOM   746  C  C   . GLU B 1 3  ? -8.924  -3.213  -7.064  1.00 28.10 ? 2   GLU B C   1 
ATOM   747  O  O   . GLU B 1 3  ? -8.101  -3.921  -6.488  1.00 30.66 ? 2   GLU B O   1 
ATOM   748  C  CB  . GLU B 1 3  ? -9.268  -3.710  -9.573  1.00 30.50 ? 2   GLU B CB  1 
ATOM   749  C  CG  . GLU B 1 3  ? -9.248  -5.033  -10.402 1.00 34.98 ? 2   GLU B CG  1 
ATOM   750  C  CD  . GLU B 1 3  ? -10.375 -6.028  -10.109 1.00 41.98 ? 2   GLU B CD  1 
ATOM   751  O  OE1 . GLU B 1 3  ? -10.133 -7.240  -10.329 1.00 44.53 ? 2   GLU B OE1 1 
ATOM   752  O  OE2 . GLU B 1 3  ? -11.489 -5.629  -9.668  1.00 42.49 ? 2   GLU B OE2 1 
ATOM   753  N  N   . LEU B 1 4  ? -9.130  -1.947  -6.717  1.00 26.63 ? 3   LEU B N   1 
ATOM   754  C  CA  . LEU B 1 4  ? -8.430  -1.304  -5.592  1.00 23.47 ? 3   LEU B CA  1 
ATOM   755  C  C   . LEU B 1 4  ? -8.910  -1.763  -4.218  1.00 22.65 ? 3   LEU B C   1 
ATOM   756  O  O   . LEU B 1 4  ? -8.097  -2.038  -3.325  1.00 18.64 ? 3   LEU B O   1 
ATOM   757  C  CB  . LEU B 1 4  ? -8.550  0.239   -5.692  1.00 22.43 ? 3   LEU B CB  1 
ATOM   758  C  CG  . LEU B 1 4  ? -7.862  1.047   -4.591  1.00 22.46 ? 3   LEU B CG  1 
ATOM   759  C  CD1 . LEU B 1 4  ? -6.382  0.632   -4.397  1.00 24.39 ? 3   LEU B CD1 1 
ATOM   760  C  CD2 . LEU B 1 4  ? -7.913  2.521   -4.968  1.00 24.35 ? 3   LEU B CD2 1 
ATOM   761  N  N   . GLU B 1 5  ? -10.237 -1.852  -4.047  1.00 22.08 ? 4   GLU B N   1 
ATOM   762  C  CA  . GLU B 1 5  ? -10.788 -2.281  -2.760  1.00 24.25 ? 4   GLU B CA  1 
ATOM   763  C  C   . GLU B 1 5  ? -10.373 -3.712  -2.423  1.00 25.11 ? 4   GLU B C   1 
ATOM   764  O  O   . GLU B 1 5  ? -10.003 -3.998  -1.284  1.00 25.18 ? 4   GLU B O   1 
ATOM   765  C  CB  . GLU B 1 5  ? -12.319 -2.102  -2.696  1.00 21.36 ? 4   GLU B CB  1 
ATOM   766  C  CG  . GLU B 1 5  ? -12.698 -0.664  -2.644  1.00 20.10 ? 4   GLU B CG  1 
ATOM   767  C  CD  . GLU B 1 5  ? -14.179 -0.416  -2.941  1.00 23.83 ? 4   GLU B CD  1 
ATOM   768  O  OE1 . GLU B 1 5  ? -14.787 -1.211  -3.665  1.00 23.22 ? 4   GLU B OE1 1 
ATOM   769  O  OE2 . GLU B 1 5  ? -14.729 0.583   -2.439  1.00 19.24 ? 4   GLU B OE2 1 
ATOM   770  N  N   . LYS B 1 6  ? -10.419 -4.590  -3.414  1.00 27.76 ? 5   LYS B N   1 
ATOM   771  C  CA  . LYS B 1 6  ? -10.016 -5.983  -3.218  1.00 29.29 ? 5   LYS B CA  1 
ATOM   772  C  C   . LYS B 1 6  ? -8.533  -6.051  -2.788  1.00 29.55 ? 5   LYS B C   1 
ATOM   773  O  O   . LYS B 1 6  ? -8.205  -6.731  -1.823  1.00 29.81 ? 5   LYS B O   1 
ATOM   774  C  CB  . LYS B 1 6  ? -10.314 -6.831  -4.448  1.00 29.11 ? 5   LYS B CB  1 
ATOM   775  C  CG  . LYS B 1 6  ? -11.802 -7.036  -4.722  1.00 28.79 ? 5   LYS B CG  1 
ATOM   776  C  CD  . LYS B 1 6  ? -12.099 -8.248  -5.618  1.00 32.04 ? 5   LYS B CD  1 
ATOM   777  C  CE  . LYS B 1 6  ? -11.642 -8.079  -7.050  1.00 34.86 ? 5   LYS B CE  1 
ATOM   778  N  NZ  . LYS B 1 6  ? -12.280 -9.121  -7.950  1.00 37.77 ? 5   LYS B NZ  1 
ATOM   779  N  N   . ALA B 1 7  ? -7.682  -5.284  -3.475  1.00 30.92 ? 6   ALA B N   1 
ATOM   780  C  CA  . ALA B 1 7  ? -6.241  -5.138  -3.153  1.00 29.89 ? 6   ALA B CA  1 
ATOM   781  C  C   . ALA B 1 7  ? -6.004  -4.664  -1.721  1.00 29.81 ? 6   ALA B C   1 
ATOM   782  O  O   . ALA B 1 7  ? -5.137  -5.201  -1.022  1.00 30.61 ? 6   ALA B O   1 
ATOM   783  C  CB  . ALA B 1 7  ? -5.560  -4.223  -4.157  1.00 29.94 ? 6   ALA B CB  1 
ATOM   784  N  N   . MET B 1 8  ? -6.784  -3.681  -1.266  1.00 29.14 ? 7   MET B N   1 
ATOM   785  C  CA  . MET B 1 8  ? -6.660  -3.170  0.095   1.00 27.94 ? 7   MET B CA  1 
ATOM   786  C  C   . MET B 1 8  ? -7.034  -4.198  1.157   1.00 28.82 ? 7   MET B C   1 
ATOM   787  O  O   . MET B 1 8  ? -6.439  -4.222  2.245   1.00 25.77 ? 7   MET B O   1 
ATOM   788  C  CB  . MET B 1 8  ? -7.533  -1.935  0.286   1.00 28.85 ? 7   MET B CB  1 
ATOM   789  C  CG  . MET B 1 8  ? -6.873  -0.661  -0.213  1.00 25.28 ? 7   MET B CG  1 
ATOM   790  S  SD  . MET B 1 8  ? -8.081  0.667   -0.378  1.00 28.77 ? 7   MET B SD  1 
ATOM   791  C  CE  . MET B 1 8  ? -8.604  0.899   1.300   1.00 26.22 ? 7   MET B CE  1 
ATOM   792  N  N   . VAL B 1 9  ? -8.058  -5.005  0.839   1.00 28.87 ? 8   VAL B N   1 
ATOM   793  C  CA  . VAL B 1 9  ? -8.564  -6.015  1.744   1.00 29.54 ? 8   VAL B CA  1 
ATOM   794  C  C   . VAL B 1 9  ? -7.578  -7.184  1.836   1.00 29.42 ? 8   VAL B C   1 
ATOM   795  O  O   . VAL B 1 9  ? -7.428  -7.740  2.914   1.00 30.77 ? 8   VAL B O   1 
ATOM   796  C  CB  . VAL B 1 9  ? -10.021 -6.466  1.369   1.00 30.17 ? 8   VAL B CB  1 
ATOM   797  C  CG1 . VAL B 1 9  ? -10.307 -7.866  1.878   1.00 29.96 ? 8   VAL B CG1 1 
ATOM   798  C  CG2 . VAL B 1 9  ? -11.019 -5.495  1.986   1.00 30.14 ? 8   VAL B CG2 1 
ATOM   799  N  N   . ALA B 1 10 ? -6.907  -7.506  0.712   1.00 28.05 ? 9   ALA B N   1 
ATOM   800  C  CA  . ALA B 1 10 ? -5.841  -8.515  0.634   1.00 27.53 ? 9   ALA B CA  1 
ATOM   801  C  C   . ALA B 1 10 ? -4.602  -8.155  1.475   1.00 26.23 ? 9   ALA B C   1 
ATOM   802  O  O   . ALA B 1 10 ? -3.993  -9.061  2.088   1.00 25.72 ? 9   ALA B O   1 
ATOM   803  C  CB  . ALA B 1 10 ? -5.444  -8.799  -0.836  1.00 27.29 ? 9   ALA B CB  1 
ATOM   804  N  N   . LEU B 1 11 ? -4.255  -6.859  1.559   1.00 23.74 ? 10  LEU B N   1 
ATOM   805  C  CA  . LEU B 1 11 ? -3.145  -6.423  2.413   1.00 22.80 ? 10  LEU B CA  1 
ATOM   806  C  C   . LEU B 1 11 ? -3.489  -6.675  3.896   1.00 23.83 ? 10  LEU B C   1 
ATOM   807  O  O   . LEU B 1 11 ? -2.670  -7.218  4.678   1.00 22.21 ? 10  LEU B O   1 
ATOM   808  C  CB  . LEU B 1 11 ? -2.805  -4.923  2.230   1.00 23.62 ? 10  LEU B CB  1 
ATOM   809  C  CG  . LEU B 1 11 ? -2.549  -4.429  0.814   1.00 23.07 ? 10  LEU B CG  1 
ATOM   810  C  CD1 . LEU B 1 11 ? -2.361  -2.930  0.739   1.00 21.54 ? 10  LEU B CD1 1 
ATOM   811  C  CD2 . LEU B 1 11 ? -1.323  -5.128  0.264   1.00 24.27 ? 10  LEU B CD2 1 
ATOM   812  N  N   . ILE B 1 12 ? -4.699  -6.254  4.277   1.00 23.38 ? 11  ILE B N   1 
ATOM   813  C  CA  . ILE B 1 12 ? -5.247  -6.570  5.613   1.00 25.71 ? 11  ILE B CA  1 
ATOM   814  C  C   . ILE B 1 12 ? -5.255  -8.067  5.928   1.00 26.00 ? 11  ILE B C   1 
ATOM   815  O  O   . ILE B 1 12 ? -4.759  -8.492  7.002   1.00 26.97 ? 11  ILE B O   1 
ATOM   816  C  CB  . ILE B 1 12 ? -6.682  -5.969  5.819   1.00 26.06 ? 11  ILE B CB  1 
ATOM   817  C  CG1 . ILE B 1 12 ? -6.675  -4.482  5.405   1.00 26.67 ? 11  ILE B CG1 1 
ATOM   818  C  CG2 . ILE B 1 12 ? -7.145  -6.210  7.295   1.00 28.65 ? 11  ILE B CG2 1 
ATOM   819  C  CD1 . ILE B 1 12 ? -7.636  -3.524  6.158   1.00 26.45 ? 11  ILE B CD1 1 
ATOM   820  N  N   . ASP B 1 13 ? -5.836  -8.848  5.014   1.00 26.51 ? 12  ASP B N   1 
ATOM   821  C  CA  . ASP B 1 13 ? -5.918  -10.303 5.161   1.00 27.81 ? 12  ASP B CA  1 
ATOM   822  C  C   . ASP B 1 13 ? -4.555  -10.971 5.273   1.00 27.12 ? 12  ASP B C   1 
ATOM   823  O  O   . ASP B 1 13 ? -4.365  -11.845 6.106   1.00 26.08 ? 12  ASP B O   1 
ATOM   824  C  CB  . ASP B 1 13 ? -6.710  -10.935 4.027   1.00 27.93 ? 12  ASP B CB  1 
ATOM   825  C  CG  . ASP B 1 13 ? -7.082  -12.372 4.320   1.00 32.99 ? 12  ASP B CG  1 
ATOM   826  O  OD1 . ASP B 1 13 ? -7.551  -12.623 5.446   1.00 35.31 ? 12  ASP B OD1 1 
ATOM   827  O  OD2 . ASP B 1 13 ? -6.898  -13.244 3.429   1.00 36.20 ? 12  ASP B OD2 1 
ATOM   828  N  N   . VAL B 1 14 ? -3.604  -10.562 4.439   1.00 26.94 ? 13  VAL B N   1 
ATOM   829  C  CA  . VAL B 1 14 ? -2.273  -11.191 4.465   1.00 27.53 ? 13  VAL B CA  1 
ATOM   830  C  C   . VAL B 1 14 ? -1.474  -10.864 5.727   1.00 27.06 ? 13  VAL B C   1 
ATOM   831  O  O   . VAL B 1 14 ? -0.762  -11.721 6.222   1.00 26.58 ? 13  VAL B O   1 
ATOM   832  C  CB  . VAL B 1 14 ? -1.407  -10.908 3.211   1.00 26.57 ? 13  VAL B CB  1 
ATOM   833  C  CG1 . VAL B 1 14 ? -0.678  -9.566  3.323   1.00 29.98 ? 13  VAL B CG1 1 
ATOM   834  C  CG2 . VAL B 1 14 ? -0.378  -11.974 3.065   1.00 26.55 ? 13  VAL B CG2 1 
ATOM   835  N  N   . PHE B 1 15 ? -1.570  -9.624  6.200   1.00 26.79 ? 14  PHE B N   1 
ATOM   836  C  CA  . PHE B 1 15 ? -0.925  -9.207  7.419   1.00 27.11 ? 14  PHE B CA  1 
ATOM   837  C  C   . PHE B 1 15 ? -1.468  -10.035 8.611   1.00 29.02 ? 14  PHE B C   1 
ATOM   838  O  O   . PHE B 1 15 ? -0.708  -10.438 9.494   1.00 28.12 ? 14  PHE B O   1 
ATOM   839  C  CB  . PHE B 1 15 ? -1.179  -7.719  7.678   1.00 26.79 ? 14  PHE B CB  1 
ATOM   840  C  CG  . PHE B 1 15 ? -0.657  -7.246  9.009   1.00 26.09 ? 14  PHE B CG  1 
ATOM   841  C  CD1 . PHE B 1 15 ? 0.705   -6.936  9.172   1.00 25.90 ? 14  PHE B CD1 1 
ATOM   842  C  CD2 . PHE B 1 15 ? -1.515  -7.133  10.103  1.00 25.71 ? 14  PHE B CD2 1 
ATOM   843  C  CE1 . PHE B 1 15 ? 1.169   -6.532  10.375  1.00 22.77 ? 14  PHE B CE1 1 
ATOM   844  C  CE2 . PHE B 1 15 ? -1.041  -6.758  11.327  1.00 26.86 ? 14  PHE B CE2 1 
ATOM   845  C  CZ  . PHE B 1 15 ? 0.302   -6.452  11.471  1.00 26.04 ? 14  PHE B CZ  1 
ATOM   846  N  N   . HIS B 1 16 ? -2.780  -10.279 8.598   1.00 30.03 ? 15  HIS B N   1 
ATOM   847  C  CA  . HIS B 1 16 ? -3.433  -11.057 9.648   1.00 30.94 ? 15  HIS B CA  1 
ATOM   848  C  C   . HIS B 1 16 ? -3.098  -12.523 9.600   1.00 30.87 ? 15  HIS B C   1 
ATOM   849  O  O   . HIS B 1 16 ? -2.907  -13.132 10.658  1.00 31.13 ? 15  HIS B O   1 
ATOM   850  C  CB  . HIS B 1 16 ? -4.941  -10.857 9.599   1.00 30.50 ? 15  HIS B CB  1 
ATOM   851  C  CG  . HIS B 1 16 ? -5.391  -9.565  10.187  1.00 32.28 ? 15  HIS B CG  1 
ATOM   852  N  ND1 . HIS B 1 16 ? -4.866  -9.061  11.356  1.00 34.82 ? 15  HIS B ND1 1 
ATOM   853  C  CD2 . HIS B 1 16 ? -6.360  -8.699  9.806   1.00 35.57 ? 15  HIS B CD2 1 
ATOM   854  C  CE1 . HIS B 1 16 ? -5.465  -7.917  11.651  1.00 37.15 ? 15  HIS B CE1 1 
ATOM   855  N  NE2 . HIS B 1 16 ? -6.386  -7.683  10.736  1.00 36.69 ? 15  HIS B NE2 1 
ATOM   856  N  N   . GLN B 1 17 ? -3.068  -13.107 8.396   1.00 32.10 ? 16  GLN B N   1 
ATOM   857  C  CA  . GLN B 1 17 ? -2.625  -14.499 8.231   1.00 32.57 ? 16  GLN B CA  1 
ATOM   858  C  C   . GLN B 1 17 ? -1.322  -14.739 8.994   1.00 32.74 ? 16  GLN B C   1 
ATOM   859  O  O   . GLN B 1 17 ? -1.240  -15.675 9.817   1.00 32.68 ? 16  GLN B O   1 
ATOM   860  C  CB  . GLN B 1 17 ? -2.400  -14.855 6.762   1.00 32.60 ? 16  GLN B CB  1 
ATOM   861  C  CG  . GLN B 1 17 ? -3.659  -15.141 5.935   1.00 33.98 ? 16  GLN B CG  1 
ATOM   862  C  CD  . GLN B 1 17 ? -3.369  -15.274 4.442   1.00 35.56 ? 16  GLN B CD  1 
ATOM   863  O  OE1 . GLN B 1 17 ? -3.981  -14.594 3.618   1.00 38.43 ? 16  GLN B OE1 1 
ATOM   864  N  NE2 . GLN B 1 17 ? -2.450  -16.182 4.085   1.00 39.14 ? 16  GLN B NE2 1 
ATOM   865  N  N   . TYR B 1 18 ? -0.300  -13.924 8.692   1.00 31.03 ? 17  TYR B N   1 
ATOM   866  C  CA  . TYR B 1 18 ? 1.051   -14.084 9.285   1.00 31.00 ? 17  TYR B CA  1 
ATOM   867  C  C   . TYR B 1 18 ? 1.188   -13.539 10.703  1.00 31.67 ? 17  TYR B C   1 
ATOM   868  O  O   . TYR B 1 18 ? 1.908   -14.134 11.499  1.00 32.66 ? 17  TYR B O   1 
ATOM   869  C  CB  . TYR B 1 18 ? 2.178   -13.555 8.351   1.00 29.82 ? 17  TYR B CB  1 
ATOM   870  C  CG  . TYR B 1 18 ? 2.268   -14.446 7.161   1.00 27.82 ? 17  TYR B CG  1 
ATOM   871  C  CD1 . TYR B 1 18 ? 1.448   -14.245 6.072   1.00 29.49 ? 17  TYR B CD1 1 
ATOM   872  C  CD2 . TYR B 1 18 ? 3.102   -15.553 7.166   1.00 24.58 ? 17  TYR B CD2 1 
ATOM   873  C  CE1 . TYR B 1 18 ? 1.452   -15.103 5.015   1.00 29.97 ? 17  TYR B CE1 1 
ATOM   874  C  CE2 . TYR B 1 18 ? 3.130   -16.410 6.102   1.00 26.07 ? 17  TYR B CE2 1 
ATOM   875  C  CZ  . TYR B 1 18 ? 2.287   -16.195 5.045   1.00 29.91 ? 17  TYR B CZ  1 
ATOM   876  O  OH  . TYR B 1 18 ? 2.289   -17.032 3.991   1.00 28.85 ? 17  TYR B OH  1 
ATOM   877  N  N   . SER B 1 19 ? 0.498   -12.450 11.048  1.00 31.76 ? 18  SER B N   1 
ATOM   878  C  CA  . SER B 1 19 ? 0.695   -11.874 12.398  1.00 32.38 ? 18  SER B CA  1 
ATOM   879  C  C   . SER B 1 19 ? -0.019  -12.615 13.546  1.00 32.66 ? 18  SER B C   1 
ATOM   880  O  O   . SER B 1 19 ? 0.430   -12.568 14.706  1.00 32.43 ? 18  SER B O   1 
ATOM   881  C  CB  . SER B 1 19 ? 0.384   -10.375 12.447  1.00 32.75 ? 18  SER B CB  1 
ATOM   882  O  OG  . SER B 1 19 ? -1.003  -10.115 12.517  1.00 33.94 ? 18  SER B OG  1 
ATOM   883  N  N   . GLY B 1 20 ? -1.122  -13.284 13.233  1.00 32.52 ? 19  GLY B N   1 
ATOM   884  C  CA  . GLY B 1 20 ? -1.852  -14.007 14.268  1.00 33.20 ? 19  GLY B CA  1 
ATOM   885  C  C   . GLY B 1 20 ? -1.233  -15.345 14.622  1.00 33.15 ? 19  GLY B C   1 
ATOM   886  O  O   . GLY B 1 20 ? -1.776  -16.067 15.446  1.00 32.39 ? 19  GLY B O   1 
ATOM   887  N  N   . ARG B 1 21 ? -0.091  -15.676 14.012  1.00 34.15 ? 20  ARG B N   1 
ATOM   888  C  CA  . ARG B 1 21 ? 0.553   -16.988 14.212  1.00 34.20 ? 20  ARG B CA  1 
ATOM   889  C  C   . ARG B 1 21 ? 1.120   -17.127 15.628  1.00 35.53 ? 20  ARG B C   1 
ATOM   890  O  O   . ARG B 1 21 ? 0.829   -18.097 16.334  1.00 35.80 ? 20  ARG B O   1 
ATOM   891  C  CB  . ARG B 1 21 ? 1.643   -17.272 13.152  1.00 33.32 ? 20  ARG B CB  1 
ATOM   892  C  CG  . ARG B 1 21 ? 1.114   -17.543 11.745  1.00 31.37 ? 20  ARG B CG  1 
ATOM   893  C  CD  . ARG B 1 21 ? 2.231   -17.593 10.741  1.00 31.89 ? 20  ARG B CD  1 
ATOM   894  N  NE  . ARG B 1 21 ? 1.777   -18.069 9.434   1.00 28.68 ? 20  ARG B NE  1 
ATOM   895  C  CZ  . ARG B 1 21 ? 2.542   -18.732 8.568   1.00 33.68 ? 20  ARG B CZ  1 
ATOM   896  N  NH1 . ARG B 1 21 ? 3.814   -18.981 8.849   1.00 34.60 ? 20  ARG B NH1 1 
ATOM   897  N  NH2 . ARG B 1 21 ? 2.057   -19.129 7.403   1.00 31.49 ? 20  ARG B NH2 1 
ATOM   898  N  N   . GLU B 1 22 ? 1.934   -16.172 16.055  1.00 36.53 ? 21  GLU B N   1 
ATOM   899  C  CA  . GLU B 1 22 ? 2.593   -16.314 17.348  1.00 38.21 ? 21  GLU B CA  1 
ATOM   900  C  C   . GLU B 1 22 ? 2.542   -15.050 18.142  1.00 38.02 ? 21  GLU B C   1 
ATOM   901  O  O   . GLU B 1 22 ? 2.518   -13.960 17.576  1.00 38.39 ? 21  GLU B O   1 
ATOM   902  C  CB  . GLU B 1 22 ? 4.055   -16.737 17.173  1.00 37.89 ? 21  GLU B CB  1 
ATOM   903  C  CG  . GLU B 1 22 ? 4.238   -17.995 16.337  1.00 41.19 ? 21  GLU B CG  1 
ATOM   904  C  CD  . GLU B 1 22 ? 5.589   -18.651 16.535  1.00 44.08 ? 21  GLU B CD  1 
ATOM   905  O  OE1 . GLU B 1 22 ? 6.544   -17.971 16.973  1.00 45.75 ? 21  GLU B OE1 1 
ATOM   906  O  OE2 . GLU B 1 22 ? 5.689   -19.861 16.243  1.00 47.80 ? 21  GLU B OE2 1 
ATOM   907  N  N   . GLY B 1 23 ? 2.535   -15.188 19.466  1.00 38.11 ? 22  GLY B N   1 
ATOM   908  C  CA  . GLY B 1 23 ? 2.629   -14.031 20.357  1.00 38.33 ? 22  GLY B CA  1 
ATOM   909  C  C   . GLY B 1 23 ? 1.537   -13.026 20.052  1.00 38.71 ? 22  GLY B C   1 
ATOM   910  O  O   . GLY B 1 23 ? 0.390   -13.418 19.843  1.00 39.74 ? 22  GLY B O   1 
ATOM   911  N  N   . ASP B 1 24 ? 1.924   -11.748 20.009  1.00 38.89 ? 23  ASP B N   1 
ATOM   912  C  CA  . ASP B 1 24 ? 1.101   -10.617 19.555  1.00 38.71 ? 23  ASP B CA  1 
ATOM   913  C  C   . ASP B 1 24 ? 0.479   -10.891 18.200  1.00 38.38 ? 23  ASP B C   1 
ATOM   914  O  O   . ASP B 1 24 ? 1.163   -10.966 17.150  1.00 37.98 ? 23  ASP B O   1 
ATOM   915  C  CB  . ASP B 1 24 ? 1.952   -9.342  19.495  1.00 39.71 ? 23  ASP B CB  1 
ATOM   916  C  CG  . ASP B 1 24 ? 1.120   -8.052  19.517  1.00 41.03 ? 23  ASP B CG  1 
ATOM   917  O  OD1 . ASP B 1 24 ? 0.048   -7.975  18.869  1.00 42.80 ? 23  ASP B OD1 1 
ATOM   918  O  OD2 . ASP B 1 24 ? 1.551   -7.095  20.194  1.00 42.86 ? 23  ASP B OD2 1 
ATOM   919  N  N   . LYS B 1 25 ? -0.835  -11.053 18.234  1.00 36.79 ? 24  LYS B N   1 
ATOM   920  C  CA  . LYS B 1 25 ? -1.590  -11.403 17.055  1.00 36.29 ? 24  LYS B CA  1 
ATOM   921  C  C   . LYS B 1 25 ? -1.740  -10.254 16.055  1.00 35.29 ? 24  LYS B C   1 
ATOM   922  O  O   . LYS B 1 25 ? -2.230  -10.464 14.974  1.00 35.49 ? 24  LYS B O   1 
ATOM   923  C  CB  . LYS B 1 25 ? -2.961  -11.958 17.467  1.00 35.28 ? 24  LYS B CB  1 
ATOM   924  C  CG  . LYS B 1 25 ? -2.832  -13.304 18.185  1.00 36.16 ? 24  LYS B CG  1 
ATOM   925  C  CD  . LYS B 1 25 ? -4.088  -14.123 18.121  1.00 38.88 ? 24  LYS B CD  1 
ATOM   926  C  CE  . LYS B 1 25 ? -3.847  -15.519 18.685  1.00 42.85 ? 24  LYS B CE  1 
ATOM   927  N  NZ  . LYS B 1 25 ? -2.903  -15.526 19.837  1.00 43.27 ? 24  LYS B NZ  1 
ATOM   928  N  N   . HIS B 1 26 ? -1.346  -9.046  16.426  1.00 35.63 ? 25  HIS B N   1 
ATOM   929  C  CA  . HIS B 1 26 ? -1.454  -7.910  15.482  1.00 35.86 ? 25  HIS B CA  1 
ATOM   930  C  C   . HIS B 1 26 ? -0.120  -7.262  15.190  1.00 34.17 ? 25  HIS B C   1 
ATOM   931  O  O   . HIS B 1 26 ? -0.055  -6.131  14.715  1.00 33.77 ? 25  HIS B O   1 
ATOM   932  C  CB  . HIS B 1 26 ? -2.497  -6.886  15.954  1.00 36.93 ? 25  HIS B CB  1 
ATOM   933  C  CG  . HIS B 1 26 ? -3.815  -7.511  16.306  1.00 39.43 ? 25  HIS B CG  1 
ATOM   934  N  ND1 . HIS B 1 26 ? -4.538  -8.270  15.409  1.00 40.52 ? 25  HIS B ND1 1 
ATOM   935  C  CD2 . HIS B 1 26 ? -4.525  -7.514  17.460  1.00 40.10 ? 25  HIS B CD2 1 
ATOM   936  C  CE1 . HIS B 1 26 ? -5.638  -8.709  15.996  1.00 39.25 ? 25  HIS B CE1 1 
ATOM   937  N  NE2 . HIS B 1 26 ? -5.657  -8.259  17.237  1.00 39.70 ? 25  HIS B NE2 1 
ATOM   938  N  N   . LYS B 1 27 ? 0.951   -8.006  15.464  1.00 33.27 ? 26  LYS B N   1 
ATOM   939  C  CA  . LYS B 1 27 ? 2.300   -7.613  15.044  1.00 31.81 ? 26  LYS B CA  1 
ATOM   940  C  C   . LYS B 1 27 ? 3.050   -8.811  14.488  1.00 31.30 ? 26  LYS B C   1 
ATOM   941  O  O   . LYS B 1 27 ? 2.830   -9.930  14.949  1.00 30.61 ? 26  LYS B O   1 
ATOM   942  C  CB  . LYS B 1 27 ? 3.094   -6.946  16.170  1.00 31.63 ? 26  LYS B CB  1 
ATOM   943  C  CG  . LYS B 1 27 ? 2.392   -5.776  16.755  1.00 31.66 ? 26  LYS B CG  1 
ATOM   944  C  CD  . LYS B 1 27 ? 3.269   -4.583  16.943  1.00 33.52 ? 26  LYS B CD  1 
ATOM   945  C  CE  . LYS B 1 27 ? 2.399   -3.343  17.251  1.00 36.68 ? 26  LYS B CE  1 
ATOM   946  N  NZ  . LYS B 1 27 ? 2.617   -2.727  18.588  1.00 39.75 ? 26  LYS B NZ  1 
ATOM   947  N  N   . LEU B 1 28 ? 3.895   -8.550  13.479  1.00 29.41 ? 27  LEU B N   1 
ATOM   948  C  CA  . LEU B 1 28 ? 4.765   -9.545  12.837  1.00 29.09 ? 27  LEU B CA  1 
ATOM   949  C  C   . LEU B 1 28 ? 6.112   -9.639  13.550  1.00 29.07 ? 27  LEU B C   1 
ATOM   950  O  O   . LEU B 1 28 ? 6.858   -8.661  13.633  1.00 27.84 ? 27  LEU B O   1 
ATOM   951  C  CB  . LEU B 1 28 ? 5.039   -9.175  11.358  1.00 28.89 ? 27  LEU B CB  1 
ATOM   952  C  CG  . LEU B 1 28 ? 3.914   -9.127  10.307  1.00 26.47 ? 27  LEU B CG  1 
ATOM   953  C  CD1 . LEU B 1 28 ? 4.445   -8.507  9.015   1.00 30.45 ? 27  LEU B CD1 1 
ATOM   954  C  CD2 . LEU B 1 28 ? 3.423   -10.537 10.039  1.00 25.21 ? 27  LEU B CD2 1 
ATOM   955  N  N   . LYS B 1 29 ? 6.438   -10.834 14.023  1.00 29.32 ? 28  LYS B N   1 
ATOM   956  C  CA  . LYS B 1 29 ? 7.734   -11.088 14.614  1.00 30.91 ? 28  LYS B CA  1 
ATOM   957  C  C   . LYS B 1 29 ? 8.679   -11.502 13.491  1.00 30.76 ? 28  LYS B C   1 
ATOM   958  O  O   . LYS B 1 29 ? 8.240   -11.745 12.374  1.00 31.22 ? 28  LYS B O   1 
ATOM   959  C  CB  . LYS B 1 29 ? 7.626   -12.125 15.770  1.00 30.50 ? 28  LYS B CB  1 
ATOM   960  C  CG  . LYS B 1 29 ? 7.269   -13.548 15.349  1.00 31.42 ? 28  LYS B CG  1 
ATOM   961  C  CD  . LYS B 1 29 ? 7.525   -14.609 16.456  1.00 33.26 ? 28  LYS B CD  1 
ATOM   962  C  CE  . LYS B 1 29 ? 8.573   -14.132 17.498  1.00 37.99 ? 28  LYS B CE  1 
ATOM   963  N  NZ  . LYS B 1 29 ? 9.846   -13.588 16.907  1.00 42.23 ? 28  LYS B NZ  1 
ATOM   964  N  N   . LYS B 1 30 ? 9.981   -11.522 13.749  1.00 31.26 ? 29  LYS B N   1 
ATOM   965  C  CA  . LYS B 1 30 ? 10.935  -11.951 12.743  1.00 31.87 ? 29  LYS B CA  1 
ATOM   966  C  C   . LYS B 1 30 ? 10.520  -13.217 11.962  1.00 31.28 ? 29  LYS B C   1 
ATOM   967  O  O   . LYS B 1 30 ? 10.502  -13.202 10.728  1.00 32.37 ? 29  LYS B O   1 
ATOM   968  C  CB  . LYS B 1 30 ? 12.344  -12.111 13.353  1.00 32.78 ? 29  LYS B CB  1 
ATOM   969  C  CG  . LYS B 1 30 ? 12.979  -10.790 13.747  1.00 32.91 ? 29  LYS B CG  1 
ATOM   970  C  CD  . LYS B 1 30 ? 14.466  -11.033 14.056  1.00 33.99 ? 29  LYS B CD  1 
ATOM   971  C  CE  . LYS B 1 30 ? 15.134  -9.790  14.614  1.00 34.84 ? 29  LYS B CE  1 
ATOM   972  N  NZ  . LYS B 1 30 ? 16.328  -10.229 15.406  1.00 36.93 ? 29  LYS B NZ  1 
ATOM   973  N  N   . SER B 1 31 ? 10.176  -14.288 12.667  1.00 30.60 ? 30  SER B N   1 
ATOM   974  C  CA  . SER B 1 31 ? 9.752   -15.560 12.034  1.00 29.35 ? 30  SER B CA  1 
ATOM   975  C  C   . SER B 1 31 ? 8.510   -15.378 11.151  1.00 28.56 ? 30  SER B C   1 
ATOM   976  O  O   . SER B 1 31 ? 8.484   -15.883 10.028  1.00 28.81 ? 30  SER B O   1 
ATOM   977  C  CB  . SER B 1 31 ? 9.496   -16.688 13.071  1.00 29.15 ? 30  SER B CB  1 
ATOM   978  O  OG  . SER B 1 31 ? 8.615   -16.244 14.084  1.00 27.20 ? 30  SER B OG  1 
ATOM   979  N  N   . GLU B 1 32 ? 7.519   -14.626 11.633  1.00 26.60 ? 31  GLU B N   1 
ATOM   980  C  CA  . GLU B 1 32 ? 6.319   -14.353 10.835  1.00 25.44 ? 31  GLU B CA  1 
ATOM   981  C  C   . GLU B 1 32 ? 6.596   -13.569 9.528   1.00 23.26 ? 31  GLU B C   1 
ATOM   982  O  O   . GLU B 1 32 ? 6.044   -13.860 8.464   1.00 21.96 ? 31  GLU B O   1 
ATOM   983  C  CB  . GLU B 1 32 ? 5.320   -13.585 11.672  1.00 25.92 ? 31  GLU B CB  1 
ATOM   984  C  CG  . GLU B 1 32 ? 4.471   -14.500 12.563  1.00 27.55 ? 31  GLU B CG  1 
ATOM   985  C  CD  . GLU B 1 32 ? 3.995   -13.776 13.758  1.00 30.12 ? 31  GLU B CD  1 
ATOM   986  O  OE1 . GLU B 1 32 ? 4.174   -12.548 13.776  1.00 29.89 ? 31  GLU B OE1 1 
ATOM   987  O  OE2 . GLU B 1 32 ? 3.441   -14.409 14.693  1.00 34.09 ? 31  GLU B OE2 1 
ATOM   988  N  N   . LEU B 1 33 ? 7.456   -12.584 9.637   1.00 22.68 ? 32  LEU B N   1 
ATOM   989  C  CA  . LEU B 1 33 ? 7.809   -11.717 8.516   1.00 21.49 ? 32  LEU B CA  1 
ATOM   990  C  C   . LEU B 1 33 ? 8.600   -12.474 7.446   1.00 22.11 ? 32  LEU B C   1 
ATOM   991  O  O   . LEU B 1 33 ? 8.422   -12.246 6.248   1.00 23.17 ? 32  LEU B O   1 
ATOM   992  C  CB  . LEU B 1 33 ? 8.621   -10.550 9.049   1.00 21.05 ? 32  LEU B CB  1 
ATOM   993  C  CG  . LEU B 1 33 ? 9.128   -9.577  7.976   1.00 20.18 ? 32  LEU B CG  1 
ATOM   994  C  CD1 . LEU B 1 33 ? 7.918   -8.794  7.363   1.00 18.69 ? 32  LEU B CD1 1 
ATOM   995  C  CD2 . LEU B 1 33 ? 10.055  -8.605  8.690   1.00 23.05 ? 32  LEU B CD2 1 
ATOM   996  N  N   . LYS B 1 34 ? 9.534   -13.317 7.889   1.00 24.37 ? 33  LYS B N   1 
ATOM   997  C  CA  . LYS B 1 34 ? 10.298  -14.209 6.973   1.00 25.03 ? 33  LYS B CA  1 
ATOM   998  C  C   . LYS B 1 34 ? 9.371   -15.107 6.150   1.00 24.68 ? 33  LYS B C   1 
ATOM   999  O  O   . LYS B 1 34 ? 9.457   -15.084 4.939   1.00 25.10 ? 33  LYS B O   1 
ATOM   1000 C  CB  . LYS B 1 34 ? 11.350  -15.028 7.723   1.00 25.64 ? 33  LYS B CB  1 
ATOM   1001 C  CG  . LYS B 1 34 ? 12.102  -15.965 6.806   1.00 27.84 ? 33  LYS B CG  1 
ATOM   1002 C  CD  . LYS B 1 34 ? 13.114  -16.817 7.539   1.00 31.67 ? 33  LYS B CD  1 
ATOM   1003 C  CE  . LYS B 1 34 ? 13.805  -17.743 6.551   1.00 34.31 ? 33  LYS B CE  1 
ATOM   1004 N  NZ  . LYS B 1 34 ? 12.810  -18.659 5.941   1.00 37.68 ? 33  LYS B NZ  1 
ATOM   1005 N  N   . GLU B 1 35 ? 8.446   -15.827 6.801   1.00 25.20 ? 34  GLU B N   1 
ATOM   1006 C  CA  . GLU B 1 35 ? 7.389   -16.644 6.135   1.00 24.59 ? 34  GLU B CA  1 
ATOM   1007 C  C   . GLU B 1 35 ? 6.504   -15.810 5.200   1.00 23.30 ? 34  GLU B C   1 
ATOM   1008 O  O   . GLU B 1 35 ? 6.121   -16.258 4.090   1.00 22.28 ? 34  GLU B O   1 
ATOM   1009 C  CB  . GLU B 1 35 ? 6.432   -17.315 7.173   1.00 24.95 ? 34  GLU B CB  1 
ATOM   1010 C  CG  . GLU B 1 35 ? 7.059   -18.018 8.428   1.00 29.44 ? 34  GLU B CG  1 
ATOM   1011 C  CD  . GLU B 1 35 ? 6.115   -18.000 9.673   1.00 29.03 ? 34  GLU B CD  1 
ATOM   1012 O  OE1 . GLU B 1 35 ? 5.574   -19.048 10.092  1.00 37.66 ? 34  GLU B OE1 1 
ATOM   1013 O  OE2 . GLU B 1 35 ? 5.867   -16.926 10.228  1.00 38.48 ? 34  GLU B OE2 1 
ATOM   1014 N  N   . LEU B 1 36 ? 6.160   -14.598 5.620   1.00 22.41 ? 35  LEU B N   1 
ATOM   1015 C  CA  . LEU B 1 36 ? 5.310   -13.741 4.767   1.00 22.56 ? 35  LEU B CA  1 
ATOM   1016 C  C   . LEU B 1 36 ? 6.043   -13.439 3.492   1.00 22.46 ? 35  LEU B C   1 
ATOM   1017 O  O   . LEU B 1 36 ? 5.513   -13.674 2.394   1.00 23.02 ? 35  LEU B O   1 
ATOM   1018 C  CB  . LEU B 1 36 ? 4.912   -12.430 5.474   1.00 23.55 ? 35  LEU B CB  1 
ATOM   1019 C  CG  . LEU B 1 36 ? 3.899   -11.506 4.794   1.00 20.00 ? 35  LEU B CG  1 
ATOM   1020 C  CD1 . LEU B 1 36 ? 3.118   -10.718 5.859   1.00 20.46 ? 35  LEU B CD1 1 
ATOM   1021 C  CD2 . LEU B 1 36 ? 4.668   -10.528 3.827   1.00 21.12 ? 35  LEU B CD2 1 
ATOM   1022 N  N   . ILE B 1 37 ? 7.269   -12.946 3.619   1.00 22.85 ? 36  ILE B N   1 
ATOM   1023 C  CA  . ILE B 1 37 ? 8.137   -12.683 2.440   1.00 21.80 ? 36  ILE B CA  1 
ATOM   1024 C  C   . ILE B 1 37 ? 8.429   -13.912 1.560   1.00 23.42 ? 36  ILE B C   1 
ATOM   1025 O  O   . ILE B 1 37 ? 8.346   -13.853 0.295   1.00 21.52 ? 36  ILE B O   1 
ATOM   1026 C  CB  . ILE B 1 37 ? 9.485   -11.918 2.837   1.00 22.91 ? 36  ILE B CB  1 
ATOM   1027 C  CG1 . ILE B 1 37 ? 9.201   -10.449 3.235   1.00 20.35 ? 36  ILE B CG1 1 
ATOM   1028 C  CG2 . ILE B 1 37 ? 10.515  -11.910 1.649   1.00 22.40 ? 36  ILE B CG2 1 
ATOM   1029 C  CD1 . ILE B 1 37 ? 10.149  -9.855  4.221   1.00 21.26 ? 36  ILE B CD1 1 
ATOM   1030 N  N   . ASN B 1 38 ? 8.826   -15.007 2.202   1.00 23.89 ? 37  ASN B N   1 
ATOM   1031 C  CA  . ASN B 1 38 ? 9.222   -16.183 1.470   1.00 25.95 ? 37  ASN B CA  1 
ATOM   1032 C  C   . ASN B 1 38 ? 8.024   -16.833 0.755   1.00 26.48 ? 37  ASN B C   1 
ATOM   1033 O  O   . ASN B 1 38 ? 8.132   -17.308 -0.368  1.00 26.97 ? 37  ASN B O   1 
ATOM   1034 C  CB  . ASN B 1 38 ? 9.962   -17.175 2.388   1.00 26.47 ? 37  ASN B CB  1 
ATOM   1035 C  CG  . ASN B 1 38 ? 11.469  -16.859 2.517   1.00 27.84 ? 37  ASN B CG  1 
ATOM   1036 O  OD1 . ASN B 1 38 ? 11.978  -15.900 1.921   1.00 25.44 ? 37  ASN B OD1 1 
ATOM   1037 N  ND2 . ASN B 1 38 ? 12.183  -17.683 3.305   1.00 27.32 ? 37  ASN B ND2 1 
ATOM   1038 N  N   . ASN B 1 39 ? 6.869   -16.820 1.399   1.00 28.62 ? 38  ASN B N   1 
ATOM   1039 C  CA  . ASN B 1 39 ? 5.676   -17.446 0.825   1.00 29.17 ? 38  ASN B CA  1 
ATOM   1040 C  C   . ASN B 1 39 ? 4.928   -16.558 -0.154  1.00 29.06 ? 38  ASN B C   1 
ATOM   1041 O  O   . ASN B 1 39 ? 4.473   -17.039 -1.208  1.00 29.02 ? 38  ASN B O   1 
ATOM   1042 C  CB  . ASN B 1 39 ? 4.748   -17.887 1.952   1.00 29.08 ? 38  ASN B CB  1 
ATOM   1043 C  CG  . ASN B 1 39 ? 5.317   -19.078 2.723   1.00 32.54 ? 38  ASN B CG  1 
ATOM   1044 O  OD1 . ASN B 1 39 ? 6.185   -19.797 2.217   1.00 35.19 ? 38  ASN B OD1 1 
ATOM   1045 N  ND2 . ASN B 1 39 ? 4.822   -19.296 3.934   1.00 32.38 ? 38  ASN B ND2 1 
ATOM   1046 N  N   . GLU B 1 40 ? 4.802   -15.273 0.206   1.00 28.35 ? 39  GLU B N   1 
ATOM   1047 C  CA  . GLU B 1 40 ? 3.890   -14.371 -0.462  1.00 28.40 ? 39  GLU B CA  1 
ATOM   1048 C  C   . GLU B 1 40 ? 4.520   -13.346 -1.397  1.00 28.62 ? 39  GLU B C   1 
ATOM   1049 O  O   . GLU B 1 40 ? 3.781   -12.672 -2.059  1.00 28.26 ? 39  GLU B O   1 
ATOM   1050 C  CB  . GLU B 1 40 ? 2.918   -13.672 0.524   1.00 28.32 ? 39  GLU B CB  1 
ATOM   1051 C  CG  . GLU B 1 40 ? 2.271   -14.599 1.601   1.00 26.98 ? 39  GLU B CG  1 
ATOM   1052 C  CD  . GLU B 1 40 ? 1.513   -15.801 1.023   1.00 27.72 ? 39  GLU B CD  1 
ATOM   1053 O  OE1 . GLU B 1 40 ? 1.130   -15.748 -0.171  1.00 28.73 ? 39  GLU B OE1 1 
ATOM   1054 O  OE2 . GLU B 1 40 ? 1.298   -16.808 1.785   1.00 25.90 ? 39  GLU B OE2 1 
ATOM   1055 N  N   . LEU B 1 41 ? 5.858   -13.277 -1.473  1.00 29.40 ? 40  LEU B N   1 
ATOM   1056 C  CA  . LEU B 1 41 ? 6.591   -12.352 -2.356  1.00 29.46 ? 40  LEU B CA  1 
ATOM   1057 C  C   . LEU B 1 41 ? 7.749   -12.992 -3.148  1.00 30.70 ? 40  LEU B C   1 
ATOM   1058 O  O   . LEU B 1 41 ? 8.762   -12.327 -3.462  1.00 29.52 ? 40  LEU B O   1 
ATOM   1059 C  CB  . LEU B 1 41 ? 7.103   -11.130 -1.570  1.00 29.22 ? 40  LEU B CB  1 
ATOM   1060 C  CG  . LEU B 1 41 ? 6.042   -10.170 -0.988  1.00 28.64 ? 40  LEU B CG  1 
ATOM   1061 C  CD1 . LEU B 1 41 ? 6.628   -9.295  0.075   1.00 26.85 ? 40  LEU B CD1 1 
ATOM   1062 C  CD2 . LEU B 1 41 ? 5.435   -9.342  -2.121  1.00 27.79 ? 40  LEU B CD2 1 
ATOM   1063 N  N   . SER B 1 42 ? 7.555   -14.262 -3.501  1.00 32.10 ? 41  SER B N   1 
ATOM   1064 C  CA  . SER B 1 42 ? 8.522   -15.079 -4.246  1.00 33.86 ? 41  SER B CA  1 
ATOM   1065 C  C   . SER B 1 42 ? 8.824   -14.575 -5.666  1.00 35.93 ? 41  SER B C   1 
ATOM   1066 O  O   . SER B 1 42 ? 9.906   -14.836 -6.213  1.00 37.09 ? 41  SER B O   1 
ATOM   1067 C  CB  . SER B 1 42 ? 8.028   -16.539 -4.289  1.00 33.37 ? 41  SER B CB  1 
ATOM   1068 O  OG  . SER B 1 42 ? 6.968   -16.659 -5.218  1.00 33.33 ? 41  SER B OG  1 
ATOM   1069 N  N   . HIS B 1 43 ? 7.880   -13.847 -6.253  1.00 36.71 ? 42  HIS B N   1 
ATOM   1070 C  CA  . HIS B 1 43 ? 8.037   -13.348 -7.608  1.00 37.74 ? 42  HIS B CA  1 
ATOM   1071 C  C   . HIS B 1 43 ? 8.382   -11.878 -7.590  1.00 37.38 ? 42  HIS B C   1 
ATOM   1072 O  O   . HIS B 1 43 ? 8.394   -11.242 -8.635  1.00 39.01 ? 42  HIS B O   1 
ATOM   1073 C  CB  . HIS B 1 43 ? 6.765   -13.566 -8.423  1.00 38.13 ? 42  HIS B CB  1 
ATOM   1074 C  CG  . HIS B 1 43 ? 6.237   -14.965 -8.361  1.00 39.37 ? 42  HIS B CG  1 
ATOM   1075 N  ND1 . HIS B 1 43 ? 6.628   -15.951 -9.245  1.00 40.07 ? 42  HIS B ND1 1 
ATOM   1076 C  CD2 . HIS B 1 43 ? 5.336   -15.540 -7.530  1.00 38.27 ? 42  HIS B CD2 1 
ATOM   1077 C  CE1 . HIS B 1 43 ? 5.994   -17.072 -8.954  1.00 38.84 ? 42  HIS B CE1 1 
ATOM   1078 N  NE2 . HIS B 1 43 ? 5.216   -16.854 -7.908  1.00 36.50 ? 42  HIS B NE2 1 
ATOM   1079 N  N   . PHE B 1 44 ? 8.671   -11.338 -6.406  1.00 36.26 ? 43  PHE B N   1 
ATOM   1080 C  CA  . PHE B 1 44 ? 9.037   -9.930  -6.275  1.00 35.14 ? 43  PHE B CA  1 
ATOM   1081 C  C   . PHE B 1 44 ? 10.367  -9.712  -5.534  1.00 35.04 ? 43  PHE B C   1 
ATOM   1082 O  O   . PHE B 1 44 ? 11.063  -8.719  -5.770  1.00 34.36 ? 43  PHE B O   1 
ATOM   1083 C  CB  . PHE B 1 44 ? 7.935   -9.120  -5.572  1.00 34.63 ? 43  PHE B CB  1 
ATOM   1084 C  CG  . PHE B 1 44 ? 6.761   -8.748  -6.455  1.00 34.23 ? 43  PHE B CG  1 
ATOM   1085 C  CD1 . PHE B 1 44 ? 6.758   -9.002  -7.836  1.00 35.43 ? 43  PHE B CD1 1 
ATOM   1086 C  CD2 . PHE B 1 44 ? 5.666   -8.131  -5.906  1.00 32.22 ? 43  PHE B CD2 1 
ATOM   1087 C  CE1 . PHE B 1 44 ? 5.659   -8.630  -8.636  1.00 35.43 ? 43  PHE B CE1 1 
ATOM   1088 C  CE2 . PHE B 1 44 ? 4.575   -7.750  -6.689  1.00 31.34 ? 43  PHE B CE2 1 
ATOM   1089 C  CZ  . PHE B 1 44 ? 4.565   -8.007  -8.049  1.00 33.59 ? 43  PHE B CZ  1 
ATOM   1090 N  N   . LEU B 1 45 ? 10.666  -10.608 -4.598  1.00 34.94 ? 44  LEU B N   1 
ATOM   1091 C  CA  . LEU B 1 45 ? 11.881  -10.535 -3.791  1.00 34.39 ? 44  LEU B CA  1 
ATOM   1092 C  C   . LEU B 1 45 ? 12.561  -11.905 -3.726  1.00 34.86 ? 44  LEU B C   1 
ATOM   1093 O  O   . LEU B 1 45 ? 11.904  -12.933 -3.709  1.00 33.95 ? 44  LEU B O   1 
ATOM   1094 C  CB  . LEU B 1 45 ? 11.542  -10.112 -2.363  1.00 34.67 ? 44  LEU B CB  1 
ATOM   1095 C  CG  . LEU B 1 45 ? 10.483  -9.045  -1.978  1.00 33.50 ? 44  LEU B CG  1 
ATOM   1096 C  CD1 . LEU B 1 45 ? 10.462  -8.774  -0.440  1.00 32.42 ? 44  LEU B CD1 1 
ATOM   1097 C  CD2 . LEU B 1 45 ? 10.712  -7.746  -2.720  1.00 32.84 ? 44  LEU B CD2 1 
ATOM   1098 N  N   . GLU B 1 46 ? 13.880  -11.891 -3.672  1.00 35.86 ? 45  GLU B N   1 
ATOM   1099 C  CA  . GLU B 1 46 ? 14.691  -13.073 -3.368  1.00 37.26 ? 45  GLU B CA  1 
ATOM   1100 C  C   . GLU B 1 46 ? 14.248  -13.752 -2.057  1.00 37.23 ? 45  GLU B C   1 
ATOM   1101 O  O   . GLU B 1 46 ? 14.063  -13.068 -1.050  1.00 36.07 ? 45  GLU B O   1 
ATOM   1102 C  CB  . GLU B 1 46 ? 16.146  -12.612 -3.246  1.00 37.60 ? 45  GLU B CB  1 
ATOM   1103 C  CG  . GLU B 1 46 ? 17.156  -13.710 -2.963  1.00 41.43 ? 45  GLU B CG  1 
ATOM   1104 C  CD  . GLU B 1 46 ? 18.527  -13.369 -3.494  1.00 44.19 ? 45  GLU B CD  1 
ATOM   1105 O  OE1 . GLU B 1 46 ? 18.896  -13.952 -4.522  1.00 46.72 ? 45  GLU B OE1 1 
ATOM   1106 O  OE2 . GLU B 1 46 ? 19.231  -12.513 -2.902  1.00 46.01 ? 45  GLU B OE2 1 
ATOM   1107 N  N   . GLU B 1 47 ? 14.073  -15.081 -2.071  1.00 36.74 ? 46  GLU B N   1 
ATOM   1108 C  CA  . GLU B 1 47 ? 13.823  -15.852 -0.824  1.00 37.08 ? 46  GLU B CA  1 
ATOM   1109 C  C   . GLU B 1 47 ? 14.859  -15.487 0.263   1.00 36.21 ? 46  GLU B C   1 
ATOM   1110 O  O   . GLU B 1 47 ? 16.038  -15.345 -0.038  1.00 37.21 ? 46  GLU B O   1 
ATOM   1111 C  CB  . GLU B 1 47 ? 13.956  -17.351 -1.109  1.00 37.47 ? 46  GLU B CB  1 
ATOM   1112 C  CG  . GLU B 1 47 ? 13.533  -18.269 0.057   1.00 39.76 ? 46  GLU B CG  1 
ATOM   1113 C  CD  . GLU B 1 47 ? 14.385  -19.522 0.164   1.00 44.34 ? 46  GLU B CD  1 
ATOM   1114 O  OE1 . GLU B 1 47 ? 15.498  -19.535 -0.406  1.00 45.37 ? 46  GLU B OE1 1 
ATOM   1115 O  OE2 . GLU B 1 47 ? 13.925  -20.500 0.795   1.00 44.97 ? 46  GLU B OE2 1 
ATOM   1116 N  N   . ILE B 1 48 ? 14.438  -15.346 1.510   1.00 35.02 ? 47  ILE B N   1 
ATOM   1117 C  CA  . ILE B 1 48 ? 15.400  -15.158 2.609   1.00 33.79 ? 47  ILE B CA  1 
ATOM   1118 C  C   . ILE B 1 48 ? 15.935  -16.520 3.044   1.00 33.79 ? 47  ILE B C   1 
ATOM   1119 O  O   . ILE B 1 48 ? 15.171  -17.400 3.430   1.00 34.25 ? 47  ILE B O   1 
ATOM   1120 C  CB  . ILE B 1 48 ? 14.824  -14.440 3.865   1.00 33.06 ? 47  ILE B CB  1 
ATOM   1121 C  CG1 . ILE B 1 48 ? 14.095  -13.139 3.497   1.00 32.10 ? 47  ILE B CG1 1 
ATOM   1122 C  CG2 . ILE B 1 48 ? 15.965  -14.118 4.811   1.00 33.13 ? 47  ILE B CG2 1 
ATOM   1123 C  CD1 . ILE B 1 48 ? 13.278  -12.509 4.599   1.00 33.60 ? 47  ILE B CD1 1 
ATOM   1124 N  N   . LYS B 1 49 ? 17.250  -16.666 3.001   1.00 34.07 ? 48  LYS B N   1 
ATOM   1125 C  CA  . LYS B 1 49 ? 17.902  -17.903 3.391   1.00 35.23 ? 48  LYS B CA  1 
ATOM   1126 C  C   . LYS B 1 49 ? 18.864  -17.710 4.527   1.00 35.17 ? 48  LYS B C   1 
ATOM   1127 O  O   . LYS B 1 49 ? 19.522  -18.670 4.930   1.00 36.40 ? 48  LYS B O   1 
ATOM   1128 C  CB  . LYS B 1 49 ? 18.693  -18.464 2.222   1.00 35.79 ? 48  LYS B CB  1 
ATOM   1129 C  CG  . LYS B 1 49 ? 18.135  -19.700 1.613   1.00 37.65 ? 48  LYS B CG  1 
ATOM   1130 C  CD  . LYS B 1 49 ? 19.213  -20.243 0.649   1.00 38.08 ? 48  LYS B CD  1 
ATOM   1131 C  CE  . LYS B 1 49 ? 18.670  -20.558 -0.726  1.00 39.33 ? 48  LYS B CE  1 
ATOM   1132 N  NZ  . LYS B 1 49 ? 19.814  -20.667 -1.732  1.00 36.44 ? 48  LYS B NZ  1 
ATOM   1133 N  N   . GLU B 1 50 ? 18.969  -16.474 5.020   1.00 34.13 ? 49  GLU B N   1 
ATOM   1134 C  CA  . GLU B 1 50 ? 19.917  -16.117 6.065   1.00 32.91 ? 49  GLU B CA  1 
ATOM   1135 C  C   . GLU B 1 50 ? 19.287  -15.248 7.157   1.00 32.34 ? 49  GLU B C   1 
ATOM   1136 O  O   . GLU B 1 50 ? 18.569  -14.282 6.843   1.00 30.90 ? 49  GLU B O   1 
ATOM   1137 C  CB  . GLU B 1 50 ? 21.105  -15.356 5.477   1.00 33.42 ? 49  GLU B CB  1 
ATOM   1138 C  CG  . GLU B 1 50 ? 21.987  -16.129 4.479   1.00 33.40 ? 49  GLU B CG  1 
ATOM   1139 C  CD  . GLU B 1 50 ? 22.615  -17.417 5.031   1.00 38.83 ? 49  GLU B CD  1 
ATOM   1140 O  OE1 . GLU B 1 50 ? 22.734  -17.563 6.280   1.00 39.86 ? 49  GLU B OE1 1 
ATOM   1141 O  OE2 . GLU B 1 50 ? 22.995  -18.292 4.195   1.00 37.25 ? 49  GLU B OE2 1 
ATOM   1142 N  N   . GLN B 1 51 ? 19.606  -15.582 8.418   1.00 30.84 ? 50  GLN B N   1 
ATOM   1143 C  CA  . GLN B 1 51 ? 19.266  -14.781 9.611   1.00 29.74 ? 50  GLN B CA  1 
ATOM   1144 C  C   . GLN B 1 51 ? 19.617  -13.308 9.490   1.00 29.23 ? 50  GLN B C   1 
ATOM   1145 O  O   . GLN B 1 51 ? 18.849  -12.427 9.955   1.00 27.46 ? 50  GLN B O   1 
ATOM   1146 C  CB  . GLN B 1 51 ? 19.947  -15.349 10.868  1.00 30.29 ? 50  GLN B CB  1 
ATOM   1147 C  CG  . GLN B 1 51 ? 19.488  -14.692 12.203  1.00 32.02 ? 50  GLN B CG  1 
ATOM   1148 C  CD  . GLN B 1 51 ? 18.067  -15.094 12.582  1.00 34.38 ? 50  GLN B CD  1 
ATOM   1149 O  OE1 . GLN B 1 51 ? 17.747  -16.286 12.624  1.00 38.33 ? 50  GLN B OE1 1 
ATOM   1150 N  NE2 . GLN B 1 51 ? 17.204  -14.104 12.842  1.00 33.85 ? 50  GLN B NE2 1 
ATOM   1151 N  N   . GLU B 1 52 ? 20.782  -13.021 8.905   1.00 27.75 ? 51  GLU B N   1 
ATOM   1152 C  CA  . GLU B 1 52 ? 21.231  -11.635 8.789   1.00 28.70 ? 51  GLU B CA  1 
ATOM   1153 C  C   . GLU B 1 52 ? 20.234  -10.765 8.030   1.00 26.65 ? 51  GLU B C   1 
ATOM   1154 O  O   . GLU B 1 52 ? 20.015  -9.597  8.356   1.00 26.48 ? 51  GLU B O   1 
ATOM   1155 C  CB  . GLU B 1 52 ? 22.592  -11.579 8.091   1.00 29.18 ? 51  GLU B CB  1 
ATOM   1156 C  CG  . GLU B 1 52 ? 23.239  -10.213 8.220   1.00 32.91 ? 51  GLU B CG  1 
ATOM   1157 C  CD  . GLU B 1 52 ? 24.354  -10.018 7.206   1.00 34.60 ? 51  GLU B CD  1 
ATOM   1158 O  OE1 . GLU B 1 52 ? 24.476  -8.901  6.683   1.00 34.77 ? 51  GLU B OE1 1 
ATOM   1159 O  OE2 . GLU B 1 52 ? 25.083  -10.998 6.948   1.00 36.00 ? 51  GLU B OE2 1 
ATOM   1160 N  N   . VAL B 1 53 ? 19.643  -11.359 7.004   1.00 26.95 ? 52  VAL B N   1 
ATOM   1161 C  CA  . VAL B 1 53 ? 18.669  -10.695 6.169   1.00 26.65 ? 52  VAL B CA  1 
ATOM   1162 C  C   . VAL B 1 53 ? 17.333  -10.547 6.859   1.00 26.07 ? 52  VAL B C   1 
ATOM   1163 O  O   . VAL B 1 53 ? 16.700  -9.518  6.750   1.00 26.30 ? 52  VAL B O   1 
ATOM   1164 C  CB  . VAL B 1 53 ? 18.560  -11.376 4.787   1.00 26.55 ? 52  VAL B CB  1 
ATOM   1165 C  CG1 . VAL B 1 53 ? 17.242  -10.953 4.048   1.00 27.13 ? 52  VAL B CG1 1 
ATOM   1166 C  CG2 . VAL B 1 53 ? 19.842  -11.026 3.939   1.00 27.79 ? 52  VAL B CG2 1 
ATOM   1167 N  N   . VAL B 1 54 ? 16.886  -11.563 7.580   1.00 26.42 ? 53  VAL B N   1 
ATOM   1168 C  CA  . VAL B 1 54 ? 15.695  -11.355 8.479   1.00 26.14 ? 53  VAL B CA  1 
ATOM   1169 C  C   . VAL B 1 54 ? 15.908  -10.191 9.472   1.00 26.43 ? 53  VAL B C   1 
ATOM   1170 O  O   . VAL B 1 54 ? 15.022  -9.309  9.647   1.00 26.46 ? 53  VAL B O   1 
ATOM   1171 C  CB  . VAL B 1 54 ? 15.353  -12.631 9.228   1.00 26.46 ? 53  VAL B CB  1 
ATOM   1172 C  CG1 . VAL B 1 54 ? 14.081  -12.424 10.112  1.00 26.45 ? 53  VAL B CG1 1 
ATOM   1173 C  CG2 . VAL B 1 54 ? 15.137  -13.736 8.238   1.00 24.82 ? 53  VAL B CG2 1 
ATOM   1174 N  N   . ASP B 1 55 ? 17.091  -10.167 10.093  1.00 27.02 ? 54  ASP B N   1 
ATOM   1175 C  CA  . ASP B 1 55 ? 17.467  -9.105  11.026  1.00 27.83 ? 54  ASP B CA  1 
ATOM   1176 C  C   . ASP B 1 55 ? 17.393  -7.711  10.392  1.00 27.87 ? 54  ASP B C   1 
ATOM   1177 O  O   . ASP B 1 55 ? 16.837  -6.754  10.954  1.00 26.83 ? 54  ASP B O   1 
ATOM   1178 C  CB  . ASP B 1 55 ? 18.894  -9.366  11.562  1.00 28.41 ? 54  ASP B CB  1 
ATOM   1179 C  CG  . ASP B 1 55 ? 18.999  -10.649 12.440  1.00 30.00 ? 54  ASP B CG  1 
ATOM   1180 O  OD1 . ASP B 1 55 ? 17.960  -11.290 12.789  1.00 30.03 ? 54  ASP B OD1 1 
ATOM   1181 O  OD2 . ASP B 1 55 ? 20.136  -11.027 12.772  1.00 30.55 ? 54  ASP B OD2 1 
ATOM   1182 N  N   . LYS B 1 56 ? 17.963  -7.604  9.203   1.00 28.11 ? 55  LYS B N   1 
ATOM   1183 C  CA  . LYS B 1 56 ? 18.061  -6.332  8.517   1.00 28.75 ? 55  LYS B CA  1 
ATOM   1184 C  C   . LYS B 1 56 ? 16.729  -5.810  8.052   1.00 28.23 ? 55  LYS B C   1 
ATOM   1185 O  O   . LYS B 1 56 ? 16.503  -4.623  8.103   1.00 28.06 ? 55  LYS B O   1 
ATOM   1186 C  CB  . LYS B 1 56 ? 19.060  -6.394  7.311   1.00 29.20 ? 55  LYS B CB  1 
ATOM   1187 C  CG  . LYS B 1 56 ? 20.531  -6.431  7.714   1.00 30.89 ? 55  LYS B CG  1 
ATOM   1188 C  CD  . LYS B 1 56 ? 20.974  -5.103  8.330   1.00 34.26 ? 55  LYS B CD  1 
ATOM   1189 C  CE  . LYS B 1 56 ? 20.437  -4.930  9.762   1.00 36.46 ? 55  LYS B CE  1 
ATOM   1190 N  NZ  . LYS B 1 56 ? 20.401  -6.227  10.532  1.00 32.89 ? 55  LYS B NZ  1 
ATOM   1191 N  N   . VAL B 1 57 ? 15.864  -6.678  7.548   1.00 28.58 ? 56  VAL B N   1 
ATOM   1192 C  CA  . VAL B 1 57 ? 14.557  -6.215  7.083   1.00 28.15 ? 56  VAL B CA  1 
ATOM   1193 C  C   . VAL B 1 57 ? 13.810  -5.698  8.304   1.00 27.80 ? 56  VAL B C   1 
ATOM   1194 O  O   . VAL B 1 57 ? 13.277  -4.587  8.302   1.00 27.60 ? 56  VAL B O   1 
ATOM   1195 C  CB  . VAL B 1 57 ? 13.751  -7.356  6.332   1.00 28.18 ? 56  VAL B CB  1 
ATOM   1196 C  CG1 . VAL B 1 57 ? 12.360  -6.852  5.937   1.00 29.57 ? 56  VAL B CG1 1 
ATOM   1197 C  CG2 . VAL B 1 57 ? 14.501  -7.830  5.093   1.00 28.68 ? 56  VAL B CG2 1 
ATOM   1198 N  N   . MET B 1 58 ? 13.795  -6.489  9.379   1.00 27.46 ? 57  MET B N   1 
ATOM   1199 C  CA  . MET B 1 58 ? 13.144  -6.051  10.610  1.00 27.10 ? 57  MET B CA  1 
ATOM   1200 C  C   . MET B 1 58 ? 13.662  -4.702  11.109  1.00 27.92 ? 57  MET B C   1 
ATOM   1201 O  O   . MET B 1 58 ? 12.875  -3.789  11.379  1.00 27.08 ? 57  MET B O   1 
ATOM   1202 C  CB  . MET B 1 58 ? 13.189  -7.132  11.716  1.00 27.36 ? 57  MET B CB  1 
ATOM   1203 C  CG  . MET B 1 58 ? 12.292  -6.776  12.933  1.00 27.71 ? 57  MET B CG  1 
ATOM   1204 S  SD  . MET B 1 58 ? 10.510  -6.548  12.540  1.00 27.70 ? 57  MET B SD  1 
ATOM   1205 C  CE  . MET B 1 58 ? 9.986   -8.255  12.456  1.00 24.81 ? 57  MET B CE  1 
ATOM   1206 N  N   . GLU B 1 59 ? 14.977  -4.559  11.216  1.00 28.57 ? 58  GLU B N   1 
ATOM   1207 C  CA  . GLU B 1 59 ? 15.549  -3.246  11.586  1.00 30.42 ? 58  GLU B CA  1 
ATOM   1208 C  C   . GLU B 1 59 ? 15.083  -2.083  10.670  1.00 29.44 ? 58  GLU B C   1 
ATOM   1209 O  O   . GLU B 1 59 ? 14.698  -1.046  11.136  1.00 30.56 ? 58  GLU B O   1 
ATOM   1210 C  CB  . GLU B 1 59 ? 17.072  -3.342  11.693  1.00 30.30 ? 58  GLU B CB  1 
ATOM   1211 C  CG  . GLU B 1 59 ? 17.769  -2.041  12.100  1.00 35.38 ? 58  GLU B CG  1 
ATOM   1212 C  CD  . GLU B 1 59 ? 17.813  -1.774  13.613  1.00 38.78 ? 58  GLU B CD  1 
ATOM   1213 O  OE1 . GLU B 1 59 ? 17.450  -2.661  14.422  1.00 42.44 ? 58  GLU B OE1 1 
ATOM   1214 O  OE2 . GLU B 1 59 ? 18.259  -0.651  14.000  1.00 43.86 ? 58  GLU B OE2 1 
ATOM   1215 N  N   . THR B 1 60 ? 15.060  -2.296  9.366   1.00 30.76 ? 59  THR B N   1 
ATOM   1216 C  CA  . THR B 1 60 ? 14.538  -1.315  8.420   1.00 30.23 ? 59  THR B CA  1 
ATOM   1217 C  C   . THR B 1 60 ? 13.086  -0.947  8.693   1.00 29.42 ? 59  THR B C   1 
ATOM   1218 O  O   . THR B 1 60 ? 12.695  0.207   8.556   1.00 29.12 ? 59  THR B O   1 
ATOM   1219 C  CB  . THR B 1 60 ? 14.630  -1.894  6.997   1.00 31.21 ? 59  THR B CB  1 
ATOM   1220 O  OG1 . THR B 1 60 ? 15.934  -2.447  6.821   1.00 33.30 ? 59  THR B OG1 1 
ATOM   1221 C  CG2 . THR B 1 60 ? 14.386  -0.829  5.940   1.00 30.85 ? 59  THR B CG2 1 
ATOM   1222 N  N   . LEU B 1 61 ? 12.286  -1.941  9.059   1.00 28.39 ? 60  LEU B N   1 
ATOM   1223 C  CA  . LEU B 1 61 ? 10.854  -1.790  9.102   1.00 28.88 ? 60  LEU B CA  1 
ATOM   1224 C  C   . LEU B 1 61 ? 10.397  -1.363  10.465  1.00 28.57 ? 60  LEU B C   1 
ATOM   1225 O  O   . LEU B 1 61 ? 9.385   -0.666  10.592  1.00 28.44 ? 60  LEU B O   1 
ATOM   1226 C  CB  . LEU B 1 61 ? 10.145  -3.092  8.650   1.00 28.39 ? 60  LEU B CB  1 
ATOM   1227 C  CG  . LEU B 1 61 ? 10.178  -3.274  7.132   1.00 29.76 ? 60  LEU B CG  1 
ATOM   1228 C  CD1 . LEU B 1 61 ? 9.573   -4.646  6.740   1.00 28.78 ? 60  LEU B CD1 1 
ATOM   1229 C  CD2 . LEU B 1 61 ? 9.449   -2.056  6.458   1.00 25.22 ? 60  LEU B CD2 1 
ATOM   1230 N  N   . ASP B 1 62 ? 11.179  -1.713  11.482  1.00 29.61 ? 61  ASP B N   1 
ATOM   1231 C  CA  . ASP B 1 62 ? 10.776  -1.440  12.870  1.00 31.22 ? 61  ASP B CA  1 
ATOM   1232 C  C   . ASP B 1 62 ? 11.038  0.014   13.270  1.00 32.19 ? 61  ASP B C   1 
ATOM   1233 O  O   . ASP B 1 62 ? 12.121  0.348   13.753  1.00 31.49 ? 61  ASP B O   1 
ATOM   1234 C  CB  . ASP B 1 62 ? 11.430  -2.428  13.845  1.00 29.74 ? 61  ASP B CB  1 
ATOM   1235 C  CG  . ASP B 1 62 ? 11.009  -2.206  15.287  1.00 31.14 ? 61  ASP B CG  1 
ATOM   1236 O  OD1 . ASP B 1 62 ? 9.858   -1.746  15.538  1.00 32.05 ? 61  ASP B OD1 1 
ATOM   1237 O  OD2 . ASP B 1 62 ? 11.830  -2.510  16.174  1.00 26.60 ? 61  ASP B OD2 1 
ATOM   1238 N  N   . ASN B 1 63 ? 10.019  0.857   13.072  1.00 33.89 ? 62  ASN B N   1 
ATOM   1239 C  CA  . ASN B 1 63 ? 10.110  2.291   13.318  1.00 36.08 ? 62  ASN B CA  1 
ATOM   1240 C  C   . ASN B 1 63 ? 9.876   2.677   14.806  1.00 36.76 ? 62  ASN B C   1 
ATOM   1241 O  O   . ASN B 1 63 ? 10.465  3.611   15.321  1.00 38.09 ? 62  ASN B O   1 
ATOM   1242 C  CB  . ASN B 1 63 ? 9.070   3.016   12.450  1.00 36.05 ? 62  ASN B CB  1 
ATOM   1243 C  CG  . ASN B 1 63 ? 9.558   3.360   11.063  1.00 37.86 ? 62  ASN B CG  1 
ATOM   1244 O  OD1 . ASN B 1 63 ? 10.593  2.879   10.579  1.00 39.85 ? 62  ASN B OD1 1 
ATOM   1245 N  ND2 . ASN B 1 63 ? 8.805   4.238   10.404  1.00 38.54 ? 62  ASN B ND2 1 
ATOM   1246 N  N   . ASP B 1 64 ? 8.995   1.988   15.509  1.00 38.39 ? 63  ASP B N   1 
ATOM   1247 C  CA  . ASP B 1 64 ? 8.788   2.381   16.913  1.00 38.21 ? 63  ASP B CA  1 
ATOM   1248 C  C   . ASP B 1 64 ? 9.810   1.755   17.880  1.00 38.30 ? 63  ASP B C   1 
ATOM   1249 O  O   . ASP B 1 64 ? 9.865   2.125   19.052  1.00 39.58 ? 63  ASP B O   1 
ATOM   1250 C  CB  . ASP B 1 64 ? 7.338   2.185   17.353  1.00 38.19 ? 63  ASP B CB  1 
ATOM   1251 C  CG  . ASP B 1 64 ? 6.869   0.743   17.248  1.00 37.80 ? 63  ASP B CG  1 
ATOM   1252 O  OD1 . ASP B 1 64 ? 7.733   -0.143  17.096  1.00 38.49 ? 63  ASP B OD1 1 
ATOM   1253 O  OD2 . ASP B 1 64 ? 5.640   0.497   17.323  1.00 35.22 ? 63  ASP B OD2 1 
ATOM   1254 N  N   . GLY B 1 65 ? 10.617  0.820   17.383  1.00 38.30 ? 64  GLY B N   1 
ATOM   1255 C  CA  . GLY B 1 65 ? 11.624  0.149   18.207  1.00 37.79 ? 64  GLY B CA  1 
ATOM   1256 C  C   . GLY B 1 65 ? 11.253  -1.030  19.103  1.00 37.56 ? 64  GLY B C   1 
ATOM   1257 O  O   . GLY B 1 65 ? 12.103  -1.496  19.873  1.00 38.57 ? 64  GLY B O   1 
ATOM   1258 N  N   . ASP B 1 66 ? 10.029  -1.551  19.006  1.00 36.45 ? 65  ASP B N   1 
ATOM   1259 C  CA  . ASP B 1 66 ? 9.654   -2.772  19.757  1.00 34.61 ? 65  ASP B CA  1 
ATOM   1260 C  C   . ASP B 1 66 ? 10.191  -4.123  19.197  1.00 32.91 ? 65  ASP B C   1 
ATOM   1261 O  O   . ASP B 1 66 ? 9.890   -5.199  19.721  1.00 32.20 ? 65  ASP B O   1 
ATOM   1262 C  CB  . ASP B 1 66 ? 8.138   -2.838  19.998  1.00 34.00 ? 65  ASP B CB  1 
ATOM   1263 C  CG  . ASP B 1 66 ? 7.325   -3.060  18.716  1.00 34.75 ? 65  ASP B CG  1 
ATOM   1264 O  OD1 . ASP B 1 66 ? 7.892   -3.284  17.612  1.00 34.11 ? 65  ASP B OD1 1 
ATOM   1265 O  OD2 . ASP B 1 66 ? 6.094   -2.981  18.808  1.00 30.79 ? 65  ASP B OD2 1 
ATOM   1266 N  N   . GLY B 1 67 ? 10.986  -4.085  18.141  1.00 32.73 ? 66  GLY B N   1 
ATOM   1267 C  CA  . GLY B 1 67 ? 11.482  -5.346  17.548  1.00 30.35 ? 66  GLY B CA  1 
ATOM   1268 C  C   . GLY B 1 67 ? 10.450  -6.168  16.767  1.00 30.09 ? 66  GLY B C   1 
ATOM   1269 O  O   . GLY B 1 67 ? 10.738  -7.283  16.293  1.00 28.99 ? 66  GLY B O   1 
ATOM   1270 N  N   . GLU B 1 68 ? 9.263   -5.606  16.582  1.00 29.15 ? 67  GLU B N   1 
ATOM   1271 C  CA  . GLU B 1 68 ? 8.279   -6.207  15.672  1.00 28.82 ? 67  GLU B CA  1 
ATOM   1272 C  C   . GLU B 1 68 ? 7.800   -5.262  14.556  1.00 27.97 ? 67  GLU B C   1 
ATOM   1273 O  O   . GLU B 1 68 ? 8.041   -4.044  14.589  1.00 26.92 ? 67  GLU B O   1 
ATOM   1274 C  CB  . GLU B 1 68 ? 7.101   -6.780  16.447  1.00 28.59 ? 67  GLU B CB  1 
ATOM   1275 C  CG  . GLU B 1 68 ? 7.270   -8.268  16.837  1.00 32.36 ? 67  GLU B CG  1 
ATOM   1276 C  CD  . GLU B 1 68 ? 6.053   -8.846  17.460  1.00 35.25 ? 67  GLU B CD  1 
ATOM   1277 O  OE1 . GLU B 1 68 ? 5.263   -9.512  16.754  1.00 40.45 ? 67  GLU B OE1 1 
ATOM   1278 O  OE2 . GLU B 1 68 ? 5.849   -8.650  18.663  1.00 41.02 ? 67  GLU B OE2 1 
ATOM   1279 N  N   . CYS B 1 69 ? 7.121   -5.841  13.571  1.00 27.71 ? 68  CYS B N   1 
ATOM   1280 C  CA  . CYS B 1 69 ? 6.483   -5.072  12.501  1.00 28.25 ? 68  CYS B CA  1 
ATOM   1281 C  C   . CYS B 1 69 ? 4.966   -5.046  12.681  1.00 26.33 ? 68  CYS B C   1 
ATOM   1282 O  O   . CYS B 1 69 ? 4.282   -6.078  12.478  1.00 27.57 ? 68  CYS B O   1 
ATOM   1283 C  CB  . CYS B 1 69 ? 6.846   -5.664  11.122  1.00 27.10 ? 68  CYS B CB  1 
ATOM   1284 S  SG  . CYS B 1 69 ? 6.248   -4.669  9.649   1.00 28.03 ? 68  CYS B SG  1 
ATOM   1285 N  N   . ASP B 1 70 ? 4.433   -3.869  13.009  1.00 26.85 ? 69  ASP B N   1 
ATOM   1286 C  CA  . ASP B 1 70 ? 2.977   -3.708  13.167  1.00 26.69 ? 69  ASP B CA  1 
ATOM   1287 C  C   . ASP B 1 70 ? 2.337   -3.301  11.830  1.00 27.30 ? 69  ASP B C   1 
ATOM   1288 O  O   . ASP B 1 70 ? 3.039   -3.184  10.815  1.00 25.66 ? 69  ASP B O   1 
ATOM   1289 C  CB  . ASP B 1 70 ? 2.630   -2.694  14.279  1.00 26.38 ? 69  ASP B CB  1 
ATOM   1290 C  CG  . ASP B 1 70 ? 3.062   -1.258  13.964  1.00 28.74 ? 69  ASP B CG  1 
ATOM   1291 O  OD1 . ASP B 1 70 ? 3.155   -0.844  12.788  1.00 29.89 ? 69  ASP B OD1 1 
ATOM   1292 O  OD2 . ASP B 1 70 ? 3.294   -0.503  14.928  1.00 34.21 ? 69  ASP B OD2 1 
ATOM   1293 N  N   . PHE B 1 71 ? 1.028   -3.044  11.840  1.00 26.65 ? 70  PHE B N   1 
ATOM   1294 C  CA  . PHE B 1 71 ? 0.324   -2.853  10.575  1.00 28.30 ? 70  PHE B CA  1 
ATOM   1295 C  C   . PHE B 1 71 ? 0.779   -1.589  9.843   1.00 27.35 ? 70  PHE B C   1 
ATOM   1296 O  O   . PHE B 1 71 ? 0.911   -1.596  8.609   1.00 28.05 ? 70  PHE B O   1 
ATOM   1297 C  CB  . PHE B 1 71 ? -1.203  -2.857  10.718  1.00 28.60 ? 70  PHE B CB  1 
ATOM   1298 C  CG  . PHE B 1 71 ? -1.898  -2.856  9.397   1.00 31.51 ? 70  PHE B CG  1 
ATOM   1299 C  CD1 . PHE B 1 71 ? -1.881  -4.003  8.596   1.00 32.93 ? 70  PHE B CD1 1 
ATOM   1300 C  CD2 . PHE B 1 71 ? -2.485  -1.697  8.907   1.00 32.39 ? 70  PHE B CD2 1 
ATOM   1301 C  CE1 . PHE B 1 71 ? -2.484  -4.003  7.370   1.00 36.86 ? 70  PHE B CE1 1 
ATOM   1302 C  CE2 . PHE B 1 71 ? -3.093  -1.681  7.671   1.00 32.59 ? 70  PHE B CE2 1 
ATOM   1303 C  CZ  . PHE B 1 71 ? -3.090  -2.830  6.897   1.00 33.67 ? 70  PHE B CZ  1 
ATOM   1304 N  N   . GLN B 1 72 ? 1.035   -0.522  10.600  1.00 27.25 ? 71  GLN B N   1 
ATOM   1305 C  CA  . GLN B 1 72 ? 1.628   0.721   10.025  1.00 28.57 ? 71  GLN B CA  1 
ATOM   1306 C  C   . GLN B 1 72 ? 2.982   0.464   9.343   1.00 27.17 ? 71  GLN B C   1 
ATOM   1307 O  O   . GLN B 1 72 ? 3.278   0.943   8.212   1.00 27.40 ? 71  GLN B O   1 
ATOM   1308 C  CB  . GLN B 1 72 ? 1.733   1.818   11.116  1.00 28.06 ? 71  GLN B CB  1 
ATOM   1309 C  CG  . GLN B 1 72 ? 3.159   2.469   11.315  1.00 29.60 ? 71  GLN B CG  1 
ATOM   1310 C  CD  . GLN B 1 72 ? 3.131   3.873   11.937  1.00 31.79 ? 71  GLN B CD  1 
ATOM   1311 O  OE1 . GLN B 1 72 ? 3.606   4.836   11.322  1.00 39.03 ? 71  GLN B OE1 1 
ATOM   1312 N  NE2 . GLN B 1 72 ? 2.563   4.003   13.149  1.00 32.64 ? 71  GLN B NE2 1 
ATOM   1313 N  N   . GLU B 1 73 ? 3.818   -0.297  10.040  1.00 26.47 ? 72  GLU B N   1 
ATOM   1314 C  CA  . GLU B 1 73 ? 5.140   -0.612  9.540   1.00 25.36 ? 72  GLU B CA  1 
ATOM   1315 C  C   . GLU B 1 73 ? 5.079   -1.569  8.352   1.00 24.93 ? 72  GLU B C   1 
ATOM   1316 O  O   . GLU B 1 73 ? 5.933   -1.515  7.493   1.00 24.48 ? 72  GLU B O   1 
ATOM   1317 C  CB  . GLU B 1 73 ? 5.981   -1.205  10.666  1.00 24.94 ? 72  GLU B CB  1 
ATOM   1318 C  CG  . GLU B 1 73 ? 6.437   -0.129  11.663  1.00 26.31 ? 72  GLU B CG  1 
ATOM   1319 C  CD  . GLU B 1 73 ? 6.770   -0.691  12.997  1.00 21.64 ? 72  GLU B CD  1 
ATOM   1320 O  OE1 . GLU B 1 73 ? 6.494   -1.891  13.250  1.00 25.63 ? 72  GLU B OE1 1 
ATOM   1321 O  OE2 . GLU B 1 73 ? 7.287   0.060   13.836  1.00 24.29 ? 72  GLU B OE2 1 
ATOM   1322 N  N   . PHE B 1 74 ? 4.070   -2.435  8.342   1.00 24.16 ? 73  PHE B N   1 
ATOM   1323 C  CA  . PHE B 1 74 ? 3.769   -3.332  7.214   1.00 23.72 ? 73  PHE B CA  1 
ATOM   1324 C  C   . PHE B 1 74 ? 3.328   -2.587  5.978   1.00 23.35 ? 73  PHE B C   1 
ATOM   1325 O  O   . PHE B 1 74 ? 3.853   -2.850  4.905   1.00 22.85 ? 73  PHE B O   1 
ATOM   1326 C  CB  . PHE B 1 74 ? 2.712   -4.387  7.567   1.00 22.91 ? 73  PHE B CB  1 
ATOM   1327 C  CG  . PHE B 1 74 ? 2.358   -5.296  6.397   1.00 21.66 ? 73  PHE B CG  1 
ATOM   1328 C  CD1 . PHE B 1 74 ? 3.319   -6.136  5.846   1.00 21.65 ? 73  PHE B CD1 1 
ATOM   1329 C  CD2 . PHE B 1 74 ? 1.093   -5.271  5.823   1.00 20.86 ? 73  PHE B CD2 1 
ATOM   1330 C  CE1 . PHE B 1 74 ? 3.009   -6.996  4.756   1.00 22.17 ? 73  PHE B CE1 1 
ATOM   1331 C  CE2 . PHE B 1 74 ? 0.785   -6.095  4.741   1.00 19.56 ? 73  PHE B CE2 1 
ATOM   1332 C  CZ  . PHE B 1 74 ? 1.739   -6.961  4.210   1.00 21.52 ? 73  PHE B CZ  1 
ATOM   1333 N  N   . MET B 1 75 ? 2.379   -1.664  6.122   1.00 22.93 ? 74  MET B N   1 
ATOM   1334 C  CA  . MET B 1 75 ? 1.974   -0.793  4.984   1.00 23.57 ? 74  MET B CA  1 
ATOM   1335 C  C   . MET B 1 75 ? 3.147   0.010   4.389   1.00 22.18 ? 74  MET B C   1 
ATOM   1336 O  O   . MET B 1 75 ? 3.240   0.185   3.177   1.00 20.87 ? 74  MET B O   1 
ATOM   1337 C  CB  . MET B 1 75 ? 0.811   0.172   5.382   1.00 23.95 ? 74  MET B CB  1 
ATOM   1338 C  CG  . MET B 1 75 ? -0.646  -0.438  5.270   1.00 27.16 ? 74  MET B CG  1 
ATOM   1339 S  SD  . MET B 1 75 ? -0.811  -1.608  3.889   1.00 37.65 ? 74  MET B SD  1 
ATOM   1340 C  CE  . MET B 1 75 ? -0.880  -0.474  2.508   1.00 31.70 ? 74  MET B CE  1 
ATOM   1341 N  N   . ALA B 1 76 ? 4.041   0.518   5.241   1.00 21.82 ? 75  ALA B N   1 
ATOM   1342 C  CA  . ALA B 1 76 ? 5.319   1.076   4.749   1.00 21.18 ? 75  ALA B CA  1 
ATOM   1343 C  C   . ALA B 1 76 ? 6.214   0.109   3.953   1.00 21.42 ? 75  ALA B C   1 
ATOM   1344 O  O   . ALA B 1 76 ? 6.816   0.506   2.928   1.00 20.85 ? 75  ALA B O   1 
ATOM   1345 C  CB  . ALA B 1 76 ? 6.109   1.752   5.935   1.00 23.34 ? 75  ALA B CB  1 
ATOM   1346 N  N   . PHE B 1 77 ? 6.344   -1.150  4.404   1.00 19.58 ? 76  PHE B N   1 
ATOM   1347 C  CA  . PHE B 1 77 ? 7.094   -2.165  3.595   1.00 20.79 ? 76  PHE B CA  1 
ATOM   1348 C  C   . PHE B 1 77 ? 6.360   -2.389  2.284   1.00 19.11 ? 76  PHE B C   1 
ATOM   1349 O  O   . PHE B 1 77 ? 6.977   -2.433  1.229   1.00 19.90 ? 76  PHE B O   1 
ATOM   1350 C  CB  . PHE B 1 77 ? 7.270   -3.493  4.376   1.00 19.46 ? 76  PHE B CB  1 
ATOM   1351 C  CG  . PHE B 1 77 ? 7.808   -4.658  3.580   1.00 21.28 ? 76  PHE B CG  1 
ATOM   1352 C  CD1 . PHE B 1 77 ? 9.053   -4.627  2.979   1.00 19.70 ? 76  PHE B CD1 1 
ATOM   1353 C  CD2 . PHE B 1 77 ? 7.075   -5.847  3.505   1.00 22.54 ? 76  PHE B CD2 1 
ATOM   1354 C  CE1 . PHE B 1 77 ? 9.550   -5.729  2.304   1.00 19.50 ? 76  PHE B CE1 1 
ATOM   1355 C  CE2 . PHE B 1 77 ? 7.549   -6.937  2.858   1.00 24.86 ? 76  PHE B CE2 1 
ATOM   1356 C  CZ  . PHE B 1 77 ? 8.803   -6.881  2.228   1.00 22.54 ? 76  PHE B CZ  1 
ATOM   1357 N  N   . VAL B 1 78 ? 5.033   -2.490  2.350   1.00 20.79 ? 77  VAL B N   1 
ATOM   1358 C  CA  . VAL B 1 78 ? 4.218   -2.677  1.128   1.00 20.87 ? 77  VAL B CA  1 
ATOM   1359 C  C   . VAL B 1 78 ? 4.535   -1.513  0.138   1.00 22.09 ? 77  VAL B C   1 
ATOM   1360 O  O   . VAL B 1 78 ? 4.774   -1.774  -1.039  1.00 22.36 ? 77  VAL B O   1 
ATOM   1361 C  CB  . VAL B 1 78 ? 2.681   -2.807  1.440   1.00 20.77 ? 77  VAL B CB  1 
ATOM   1362 C  CG1 . VAL B 1 78 ? 1.832   -2.686  0.138   1.00 19.96 ? 77  VAL B CG1 1 
ATOM   1363 C  CG2 . VAL B 1 78 ? 2.358   -4.151  2.096   1.00 23.22 ? 77  VAL B CG2 1 
ATOM   1364 N  N   . ALA B 1 79 ? 4.619   -0.264  0.629   1.00 21.99 ? 78  ALA B N   1 
ATOM   1365 C  CA  . ALA B 1 79 ? 4.871   0.889   -0.268  1.00 23.25 ? 78  ALA B CA  1 
ATOM   1366 C  C   . ALA B 1 79 ? 6.245   0.798   -0.934  1.00 24.27 ? 78  ALA B C   1 
ATOM   1367 O  O   . ALA B 1 79 ? 6.410   1.056   -2.136  1.00 23.11 ? 78  ALA B O   1 
ATOM   1368 C  CB  . ALA B 1 79 ? 4.687   2.236   0.462   1.00 22.43 ? 78  ALA B CB  1 
ATOM   1369 N  N   . MET B 1 80 ? 7.218   0.338   -0.171  1.00 25.27 ? 79  MET B N   1 
ATOM   1370 C  CA  . MET B 1 80 ? 8.560   0.256   -0.690  1.00 28.24 ? 79  MET B CA  1 
ATOM   1371 C  C   . MET B 1 80 ? 8.799   -0.918  -1.641  1.00 27.46 ? 79  MET B C   1 
ATOM   1372 O  O   . MET B 1 80 ? 9.638   -0.811  -2.515  1.00 28.62 ? 79  MET B O   1 
ATOM   1373 C  CB  . MET B 1 80 ? 9.597   0.337   0.437   1.00 29.68 ? 79  MET B CB  1 
ATOM   1374 C  CG  . MET B 1 80 ? 10.378  1.710   0.505   1.00 34.76 ? 79  MET B CG  1 
ATOM   1375 S  SD  . MET B 1 80 ? 10.942  2.593   -1.024  1.00 46.50 ? 79  MET B SD  1 
ATOM   1376 C  CE  . MET B 1 80 ? 11.371  1.258   -2.163  1.00 35.55 ? 79  MET B CE  1 
ATOM   1377 N  N   . VAL B 1 81 ? 8.046   -2.011  -1.521  1.00 26.83 ? 80  VAL B N   1 
ATOM   1378 C  CA  . VAL B 1 81 ? 8.107   -3.079  -2.550  1.00 26.16 ? 80  VAL B CA  1 
ATOM   1379 C  C   . VAL B 1 81 ? 7.325   -2.595  -3.774  1.00 27.15 ? 80  VAL B C   1 
ATOM   1380 O  O   . VAL B 1 81 ? 7.836   -2.619  -4.895  1.00 26.89 ? 80  VAL B O   1 
ATOM   1381 C  CB  . VAL B 1 81 ? 7.589   -4.444  -2.022  1.00 26.21 ? 80  VAL B CB  1 
ATOM   1382 C  CG1 . VAL B 1 81 ? 7.449   -5.541  -3.136  1.00 24.94 ? 80  VAL B CG1 1 
ATOM   1383 C  CG2 . VAL B 1 81 ? 8.510   -4.966  -0.961  1.00 23.39 ? 80  VAL B CG2 1 
ATOM   1384 N  N   . THR B 1 82 ? 6.111   -2.096  -3.553  1.00 26.31 ? 81  THR B N   1 
ATOM   1385 C  CA  . THR B 1 82 ? 5.286   -1.637  -4.651  1.00 27.49 ? 81  THR B CA  1 
ATOM   1386 C  C   . THR B 1 82 ? 6.041   -0.540  -5.421  1.00 28.63 ? 81  THR B C   1 
ATOM   1387 O  O   . THR B 1 82 ? 6.117   -0.602  -6.646  1.00 28.87 ? 81  THR B O   1 
ATOM   1388 C  CB  . THR B 1 82 ? 3.893   -1.185  -4.166  1.00 28.46 ? 81  THR B CB  1 
ATOM   1389 O  OG1 . THR B 1 82 ? 3.329   -2.216  -3.313  1.00 27.51 ? 81  THR B OG1 1 
ATOM   1390 C  CG2 . THR B 1 82 ? 2.990   -0.925  -5.355  1.00 27.34 ? 81  THR B CG2 1 
ATOM   1391 N  N   . THR B 1 83 ? 6.646   0.420   -4.706  1.00 29.90 ? 82  THR B N   1 
ATOM   1392 C  CA  . THR B 1 83 ? 7.496   1.463   -5.336  1.00 30.37 ? 82  THR B CA  1 
ATOM   1393 C  C   . THR B 1 83 ? 8.673   0.864   -6.095  1.00 32.39 ? 82  THR B C   1 
ATOM   1394 O  O   . THR B 1 83 ? 8.888   1.212   -7.262  1.00 33.21 ? 82  THR B O   1 
ATOM   1395 C  CB  . THR B 1 83 ? 8.018   2.457   -4.329  1.00 30.41 ? 82  THR B CB  1 
ATOM   1396 O  OG1 . THR B 1 83 ? 6.899   2.985   -3.621  1.00 29.76 ? 82  THR B OG1 1 
ATOM   1397 C  CG2 . THR B 1 83 ? 8.812   3.622   -5.051  1.00 30.99 ? 82  THR B CG2 1 
ATOM   1398 N  N   . ALA B 1 84 ? 9.422   -0.036  -5.448  1.00 34.09 ? 83  ALA B N   1 
ATOM   1399 C  CA  . ALA B 1 84 ? 10.444  -0.831  -6.144  1.00 35.89 ? 83  ALA B CA  1 
ATOM   1400 C  C   . ALA B 1 84 ? 9.971   -1.420  -7.471  1.00 37.11 ? 83  ALA B C   1 
ATOM   1401 O  O   . ALA B 1 84 ? 10.650  -1.271  -8.490  1.00 36.89 ? 83  ALA B O   1 
ATOM   1402 C  CB  . ALA B 1 84 ? 10.996  -1.932  -5.232  1.00 35.63 ? 83  ALA B CB  1 
ATOM   1403 N  N   . CYS B 1 85 ? 8.820   -2.102  -7.475  1.00 38.37 ? 84  CYS B N   1 
ATOM   1404 C  CA  A CYS B 1 85 ? 8.284   -2.708  -8.700  0.50 38.89 ? 84  CYS B CA  1 
ATOM   1405 C  CA  B CYS B 1 85 ? 8.305   -2.704  -8.702  0.50 39.14 ? 84  CYS B CA  1 
ATOM   1406 C  C   . CYS B 1 85 ? 7.932   -1.661  -9.756  1.00 39.87 ? 84  CYS B C   1 
ATOM   1407 O  O   . CYS B 1 85 ? 8.098   -1.897  -10.945 1.00 39.69 ? 84  CYS B O   1 
ATOM   1408 C  CB  A CYS B 1 85 ? 7.053   -3.568  -8.400  0.50 39.02 ? 84  CYS B CB  1 
ATOM   1409 C  CB  B CYS B 1 85 ? 7.105   -3.597  -8.404  0.50 39.32 ? 84  CYS B CB  1 
ATOM   1410 S  SG  A CYS B 1 85 ? 7.389   -5.093  -7.490  0.50 36.32 ? 84  CYS B SG  1 
ATOM   1411 S  SG  B CYS B 1 85 ? 6.346   -4.255  -9.884  0.50 38.18 ? 84  CYS B SG  1 
ATOM   1412 N  N   . HIS B 1 86 ? 7.423   -0.523  -9.297  1.00 41.00 ? 85  HIS B N   1 
ATOM   1413 C  CA  . HIS B 1 86 ? 7.072   0.631   -10.131 1.00 43.01 ? 85  HIS B CA  1 
ATOM   1414 C  C   . HIS B 1 86 ? 8.350   1.290   -10.665 1.00 44.07 ? 85  HIS B C   1 
ATOM   1415 O  O   . HIS B 1 86 ? 8.506   1.469   -11.892 1.00 44.15 ? 85  HIS B O   1 
ATOM   1416 C  CB  . HIS B 1 86 ? 6.248   1.624   -9.285  1.00 42.93 ? 85  HIS B CB  1 
ATOM   1417 C  CG  . HIS B 1 86 ? 5.611   2.729   -10.065 1.00 43.31 ? 85  HIS B CG  1 
ATOM   1418 N  ND1 . HIS B 1 86 ? 4.585   2.513   -10.959 1.00 43.62 ? 85  HIS B ND1 1 
ATOM   1419 C  CD2 . HIS B 1 86 ? 5.832   4.067   -10.063 1.00 44.36 ? 85  HIS B CD2 1 
ATOM   1420 C  CE1 . HIS B 1 86 ? 4.220   3.663   -11.494 1.00 42.09 ? 85  HIS B CE1 1 
ATOM   1421 N  NE2 . HIS B 1 86 ? 4.957   4.622   -10.967 1.00 42.77 ? 85  HIS B NE2 1 
ATOM   1422 N  N   . GLU B 1 87 ? 9.264   1.639   -9.750  1.00 45.50 ? 86  GLU B N   1 
ATOM   1423 C  CA  . GLU B 1 87 ? 10.594  2.156   -10.101 1.00 47.31 ? 86  GLU B CA  1 
ATOM   1424 C  C   . GLU B 1 87 ? 11.185  1.278   -11.200 1.00 47.88 ? 86  GLU B C   1 
ATOM   1425 O  O   . GLU B 1 87 ? 11.675  1.790   -12.208 1.00 48.17 ? 86  GLU B O   1 
ATOM   1426 C  CB  . GLU B 1 87 ? 11.553  2.176   -8.887  1.00 47.78 ? 86  GLU B CB  1 
ATOM   1427 C  CG  . GLU B 1 87 ? 11.443  3.366   -7.940  1.00 48.29 ? 86  GLU B CG  1 
ATOM   1428 C  CD  . GLU B 1 87 ? 12.535  3.354   -6.852  1.00 48.80 ? 86  GLU B CD  1 
ATOM   1429 O  OE1 . GLU B 1 87 ? 12.517  2.443   -5.987  1.00 50.06 ? 86  GLU B OE1 1 
ATOM   1430 O  OE2 . GLU B 1 87 ? 13.415  4.248   -6.862  1.00 47.80 ? 86  GLU B OE2 1 
ATOM   1431 N  N   . PHE B 1 88 ? 11.092  -0.045  -11.017 1.00 48.68 ? 87  PHE B N   1 
ATOM   1432 C  CA  . PHE B 1 88 ? 11.635  -1.029  -11.971 1.00 49.67 ? 87  PHE B CA  1 
ATOM   1433 C  C   . PHE B 1 88 ? 11.247  -0.754  -13.431 1.00 50.49 ? 87  PHE B C   1 
ATOM   1434 O  O   . PHE B 1 88 ? 12.117  -0.454  -14.257 1.00 51.06 ? 87  PHE B O   1 
ATOM   1435 C  CB  . PHE B 1 88 ? 11.230  -2.459  -11.582 1.00 49.49 ? 87  PHE B CB  1 
ATOM   1436 C  CG  . PHE B 1 88 ? 11.880  -3.535  -12.434 1.00 49.46 ? 87  PHE B CG  1 
ATOM   1437 C  CD1 . PHE B 1 88 ? 13.075  -4.111  -12.043 1.00 49.13 ? 87  PHE B CD1 1 
ATOM   1438 C  CD2 . PHE B 1 88 ? 11.280  -3.975  -13.610 1.00 48.57 ? 87  PHE B CD2 1 
ATOM   1439 C  CE1 . PHE B 1 88 ? 13.674  -5.112  -12.820 1.00 50.26 ? 87  PHE B CE1 1 
ATOM   1440 C  CE2 . PHE B 1 88 ? 11.864  -4.972  -14.394 1.00 48.96 ? 87  PHE B CE2 1 
ATOM   1441 C  CZ  . PHE B 1 88 ? 13.064  -5.539  -14.002 1.00 48.84 ? 87  PHE B CZ  1 
ATOM   1442 N  N   . PHE B 1 89 ? 9.948   -0.842  -13.719 1.00 51.43 ? 88  PHE B N   1 
ATOM   1443 C  CA  . PHE B 1 89 ? 9.393   -0.690  -15.063 1.00 52.53 ? 88  PHE B CA  1 
ATOM   1444 C  C   . PHE B 1 89 ? 9.349   0.752   -15.559 1.00 53.32 ? 88  PHE B C   1 
ATOM   1445 O  O   . PHE B 1 89 ? 8.981   1.652   -14.813 1.00 53.70 ? 88  PHE B O   1 
ATOM   1446 C  CB  . PHE B 1 89 ? 7.958   -1.234  -15.111 1.00 52.35 ? 88  PHE B CB  1 
ATOM   1447 C  CG  . PHE B 1 89 ? 7.834   -2.683  -14.736 1.00 52.84 ? 88  PHE B CG  1 
ATOM   1448 C  CD1 . PHE B 1 89 ? 8.452   -3.669  -15.493 1.00 52.57 ? 88  PHE B CD1 1 
ATOM   1449 C  CD2 . PHE B 1 89 ? 7.063   -3.064  -13.647 1.00 52.63 ? 88  PHE B CD2 1 
ATOM   1450 C  CE1 . PHE B 1 89 ? 8.331   -5.010  -15.152 1.00 52.52 ? 88  PHE B CE1 1 
ATOM   1451 C  CE2 . PHE B 1 89 ? 6.932   -4.409  -13.301 1.00 52.49 ? 88  PHE B CE2 1 
ATOM   1452 C  CZ  . PHE B 1 89 ? 7.570   -5.381  -14.052 1.00 52.20 ? 88  PHE B CZ  1 
ATOM   1453 N  N   . GLU B 1 90 ? 9.704   0.952   -16.828 1.00 54.17 ? 89  GLU B N   1 
ATOM   1454 C  CA  . GLU B 1 90 ? 9.477   2.221   -17.522 1.00 55.24 ? 89  GLU B CA  1 
ATOM   1455 C  C   . GLU B 1 90 ? 8.001   2.296   -17.961 1.00 55.97 ? 89  GLU B C   1 
ATOM   1456 O  O   . GLU B 1 90 ? 7.550   1.508   -18.799 1.00 56.31 ? 89  GLU B O   1 
ATOM   1457 C  CB  . GLU B 1 90 ? 10.430  2.368   -18.722 1.00 55.28 ? 89  GLU B CB  1 
ATOM   1458 C  CG  . GLU B 1 90 ? 9.834   1.969   -20.061 1.00 55.37 ? 89  GLU B CG  1 
ATOM   1459 C  CD  . GLU B 1 90 ? 10.867  1.678   -21.112 1.00 55.06 ? 89  GLU B CD  1 
ATOM   1460 O  OE1 . GLU B 1 90 ? 10.999  2.518   -22.032 1.00 55.84 ? 89  GLU B OE1 1 
ATOM   1461 O  OE2 . GLU B 1 90 ? 11.534  0.616   -21.022 1.00 53.00 ? 89  GLU B OE2 1 
ATOM   1462 N  N   . HIS B 1 91 ? 7.248   3.221   -17.367 1.00 56.74 ? 90  HIS B N   1 
ATOM   1463 C  CA  . HIS B 1 91 ? 5.799   3.335   -17.619 1.00 57.08 ? 90  HIS B CA  1 
ATOM   1464 C  C   . HIS B 1 91 ? 5.439   4.672   -18.276 1.00 57.14 ? 90  HIS B C   1 
ATOM   1465 O  O   . HIS B 1 91 ? 6.162   5.669   -18.127 1.00 56.80 ? 90  HIS B O   1 
ATOM   1466 C  CB  . HIS B 1 91 ? 5.023   3.161   -16.313 1.00 57.21 ? 90  HIS B CB  1 
ATOM   1467 C  CG  . HIS B 1 91 ? 5.685   3.808   -15.136 1.00 58.43 ? 90  HIS B CG  1 
ATOM   1468 N  ND1 . HIS B 1 91 ? 5.403   5.097   -14.737 1.00 59.01 ? 90  HIS B ND1 1 
ATOM   1469 C  CD2 . HIS B 1 91 ? 6.640   3.352   -14.292 1.00 58.34 ? 90  HIS B CD2 1 
ATOM   1470 C  CE1 . HIS B 1 91 ? 6.147   5.403   -13.689 1.00 60.15 ? 90  HIS B CE1 1 
ATOM   1471 N  NE2 . HIS B 1 91 ? 6.909   4.361   -13.401 1.00 59.52 ? 90  HIS B NE2 1 
HETATM 1472 CA CA  . CA  C 2 .  ? -2.444  12.361  -15.172 1.00 34.90 ? 92  CA  A CA  1 
HETATM 1473 CA CA  . CA  D 2 .  ? 2.871   15.806  -5.698  1.00 36.96 ? 93  CA  A CA  1 
HETATM 1474 CL CL1 . S45 E 3 .  ? -3.700  10.042  3.572   1.00 48.87 ? 94  S45 A CL1 1 
HETATM 1475 C  C7  . S45 E 3 .  ? -5.422  9.840   4.048   1.00 51.34 ? 94  S45 A C7  1 
HETATM 1476 C  C10 . S45 E 3 .  ? -6.048  10.793  4.859   1.00 53.08 ? 94  S45 A C10 1 
HETATM 1477 C  C6  . S45 E 3 .  ? -7.383  10.625  5.238   1.00 50.65 ? 94  S45 A C6  1 
HETATM 1478 C  C4  . S45 E 3 .  ? -8.108  9.510   4.822   1.00 52.41 ? 94  S45 A C4  1 
HETATM 1479 C  C5  . S45 E 3 .  ? -7.491  8.555   4.018   1.00 52.04 ? 94  S45 A C5  1 
HETATM 1480 C  C9  . S45 E 3 .  ? -6.156  8.726   3.627   1.00 52.65 ? 94  S45 A C9  1 
HETATM 1481 C  C1  . S45 E 3 .  ? -9.532  9.352   5.265   1.00 52.78 ? 94  S45 A C1  1 
HETATM 1482 N  N1  . S45 E 3 .  ? -9.902  9.459   6.575   1.00 54.63 ? 94  S45 A N1  1 
HETATM 1483 C  C2  . S45 E 3 .  ? -11.225 9.268   6.698   1.00 55.10 ? 94  S45 A C2  1 
HETATM 1484 O  O1  . S45 E 3 .  ? -11.725 9.037   5.451   1.00 55.39 ? 94  S45 A O1  1 
HETATM 1485 N  N2  . S45 E 3 .  ? -10.637 9.090   4.505   1.00 55.28 ? 94  S45 A N2  1 
HETATM 1486 C  C3  . S45 E 3 .  ? -12.136 9.281   7.876   1.00 55.24 ? 94  S45 A C3  1 
HETATM 1487 C  C11 . S45 E 3 .  ? -11.275 9.312   9.154   1.00 56.37 ? 94  S45 A C11 1 
HETATM 1488 C  C13 . S45 E 3 .  ? -10.765 7.934   9.618   1.00 56.61 ? 94  S45 A C13 1 
HETATM 1489 C  C12 . S45 E 3 .  ? -11.925 6.946   9.796   1.00 57.44 ? 94  S45 A C12 1 
HETATM 1490 N  N3  . S45 E 3 .  ? -13.153 7.462   9.194   1.00 57.84 ? 94  S45 A N3  1 
HETATM 1491 C  C8  . S45 E 3 .  ? -13.102 8.091   7.879   1.00 55.42 ? 94  S45 A C8  1 
HETATM 1492 C  C   . ACT F 4 .  ? -13.554 11.823  1.036   1.00 40.91 ? 95  ACT A C   1 
HETATM 1493 O  O   . ACT F 4 .  ? -14.803 11.925  0.968   1.00 40.18 ? 95  ACT A O   1 
HETATM 1494 O  OXT . ACT F 4 .  ? -12.950 11.399  0.011   1.00 40.43 ? 95  ACT A OXT 1 
HETATM 1495 C  CH3 . ACT F 4 .  ? -12.818 12.198  2.287   1.00 40.74 ? 95  ACT A CH3 1 
HETATM 1496 CA CA  . CA  G 2 .  ? 2.420   -12.255 15.876  1.00 35.72 ? 92  CA  B CA  1 
HETATM 1497 CA CA  . CA  H 2 .  ? 7.463   -1.912  15.378  1.00 32.93 ? 93  CA  B CA  1 
HETATM 1498 CL CL1 . S45 I 3 .  ? 10.773  -0.296  3.133   1.00 47.48 ? 94  S45 B CL1 1 
HETATM 1499 C  C7  . S45 I 3 .  ? 11.732  -1.713  2.600   1.00 48.56 ? 94  S45 B C7  1 
HETATM 1500 C  C10 . S45 I 3 .  ? 12.639  -1.658  1.526   1.00 49.67 ? 94  S45 B C10 1 
HETATM 1501 C  C6  . S45 I 3 .  ? 13.373  -2.799  1.143   1.00 47.75 ? 94  S45 B C6  1 
HETATM 1502 C  C4  . S45 I 3 .  ? 13.207  -3.989  1.851   1.00 50.11 ? 94  S45 B C4  1 
HETATM 1503 C  C5  . S45 I 3 .  ? 12.310  -4.030  2.914   1.00 48.50 ? 94  S45 B C5  1 
HETATM 1504 C  C9  . S45 I 3 .  ? 11.573  -2.911  3.296   1.00 48.86 ? 94  S45 B C9  1 
HETATM 1505 C  C1  . S45 I 3 .  ? 13.935  -5.254  1.505   1.00 50.88 ? 94  S45 B C1  1 
HETATM 1506 N  N1  . S45 I 3 .  ? 14.380  -5.640  0.260   1.00 54.47 ? 94  S45 B N1  1 
HETATM 1507 C  C2  . S45 I 3 .  ? 14.971  -6.861  0.355   1.00 53.99 ? 94  S45 B C2  1 
HETATM 1508 O  O1  . S45 I 3 .  ? 14.887  -7.265  1.646   1.00 54.06 ? 94  S45 B O1  1 
HETATM 1509 N  N2  . S45 I 3 .  ? 14.215  -6.242  2.399   1.00 53.13 ? 94  S45 B N2  1 
HETATM 1510 C  C3  . S45 I 3 .  ? 15.638  -7.800  -0.575  1.00 54.45 ? 94  S45 B C3  1 
HETATM 1511 C  C11 . S45 I 3 .  ? 14.630  -8.928  -0.859  1.00 54.51 ? 94  S45 B C11 1 
HETATM 1512 C  C13 . S45 I 3 .  ? 15.108  -10.382 -0.783  1.00 54.17 ? 94  S45 B C13 1 
HETATM 1513 C  C12 . S45 I 3 .  ? 16.193  -10.629 0.259   1.00 54.96 ? 94  S45 B C12 1 
HETATM 1514 N  N3  . S45 I 3 .  ? 17.262  -9.666  0.042   1.00 56.47 ? 94  S45 B N3  1 
HETATM 1515 C  C8  . S45 I 3 .  ? 16.987  -8.232  0.042   1.00 55.76 ? 94  S45 B C8  1 
HETATM 1516 O  O   . HOH J 5 .  ? -12.795 3.368   6.433   1.00 57.17 ? 96  HOH A O   1 
HETATM 1517 O  O   . HOH J 5 .  ? 6.588   7.778   -11.140 1.00 33.63 ? 97  HOH A O   1 
HETATM 1518 O  O   . HOH J 5 .  ? 6.917   13.387  -4.622  1.00 45.47 ? 98  HOH A O   1 
HETATM 1519 O  O   . HOH J 5 .  ? -17.986 15.942  -1.195  1.00 27.69 ? 99  HOH A O   1 
HETATM 1520 O  O   . HOH J 5 .  ? -18.098 18.283  2.378   1.00 58.12 ? 100 HOH A O   1 
HETATM 1521 O  O   . HOH J 5 .  ? -7.649  -13.228 -6.806  1.00 39.36 ? 101 HOH A O   1 
HETATM 1522 O  O   . HOH J 5 .  ? -6.625  24.417  -4.400  1.00 36.13 ? 102 HOH A O   1 
HETATM 1523 O  O   . HOH J 5 .  ? 0.836   12.024  2.965   1.00 39.99 ? 103 HOH A O   1 
HETATM 1524 O  O   . HOH J 5 .  ? -19.496 13.890  -7.961  1.00 36.77 ? 104 HOH A O   1 
HETATM 1525 O  O   . HOH J 5 .  ? -18.465 6.734   -4.984  1.00 32.45 ? 105 HOH A O   1 
HETATM 1526 O  O   . HOH J 5 .  ? -2.777  20.120  -13.574 1.00 43.90 ? 106 HOH A O   1 
HETATM 1527 O  O   . HOH J 5 .  ? -18.547 14.965  4.931   1.00 59.52 ? 107 HOH A O   1 
HETATM 1528 O  O   . HOH J 5 .  ? -25.175 11.130  -6.175  1.00 41.61 ? 108 HOH A O   1 
HETATM 1529 O  O   . HOH J 5 .  ? -13.949 1.329   -13.725 1.00 46.58 ? 109 HOH A O   1 
HETATM 1530 O  O   . HOH J 5 .  ? -18.434 13.379  6.996   1.00 34.05 ? 110 HOH A O   1 
HETATM 1531 O  O   . HOH J 5 .  ? -14.452 -4.078  14.934  1.00 43.09 ? 111 HOH A O   1 
HETATM 1532 O  O   . HOH J 5 .  ? -22.786 11.829  1.242   1.00 46.05 ? 112 HOH A O   1 
HETATM 1533 O  O   . HOH J 5 .  ? -14.389 -0.243  -10.532 1.00 42.17 ? 113 HOH A O   1 
HETATM 1534 O  O   . HOH J 5 .  ? -3.935  10.556  -22.758 1.00 38.85 ? 114 HOH A O   1 
HETATM 1535 O  O   . HOH J 5 .  ? -25.458 13.254  -5.228  1.00 42.69 ? 115 HOH A O   1 
HETATM 1536 O  O   . HOH J 5 .  ? -16.708 -0.385  -8.011  1.00 44.39 ? 116 HOH A O   1 
HETATM 1537 O  O   . HOH J 5 .  ? -0.150  20.314  0.376   1.00 60.04 ? 117 HOH A O   1 
HETATM 1538 O  O   . HOH J 5 .  ? -6.907  10.573  -22.172 1.00 35.65 ? 118 HOH A O   1 
HETATM 1539 O  O   . HOH J 5 .  ? 9.828   9.888   -4.895  1.00 53.05 ? 119 HOH A O   1 
HETATM 1540 O  O   . HOH J 5 .  ? 4.563   8.888   -9.976  1.00 53.44 ? 120 HOH A O   1 
HETATM 1541 O  O   . HOH J 5 .  ? -6.109  5.702   -19.294 1.00 41.13 ? 121 HOH A O   1 
HETATM 1542 O  O   . HOH J 5 .  ? 10.099  11.097  -2.309  1.00 42.47 ? 122 HOH A O   1 
HETATM 1543 O  O   . HOH J 5 .  ? -20.702 20.718  -6.145  1.00 29.09 ? 123 HOH A O   1 
HETATM 1544 O  O   . HOH J 5 .  ? 2.578   20.311  0.234   1.00 52.14 ? 124 HOH A O   1 
HETATM 1545 O  O   . HOH J 5 .  ? -6.234  6.450   8.232   1.00 23.72 ? 125 HOH A O   1 
HETATM 1546 O  O   . HOH J 5 .  ? -19.082 6.087   -1.268  1.00 31.48 ? 126 HOH A O   1 
HETATM 1547 O  O   . HOH J 5 .  ? -21.812 15.711  -0.446  1.00 37.56 ? 127 HOH A O   1 
HETATM 1548 O  O   . HOH J 5 .  ? -12.370 3.677   10.393  1.00 47.91 ? 128 HOH A O   1 
HETATM 1549 O  O   . HOH J 5 .  ? -22.405 18.483  -3.227  1.00 39.82 ? 129 HOH A O   1 
HETATM 1550 O  O   . HOH J 5 .  ? 0.029   3.264   -20.342 1.00 52.40 ? 130 HOH A O   1 
HETATM 1551 O  O   . HOH J 5 .  ? -0.731  18.128  3.361   1.00 52.78 ? 131 HOH A O   1 
HETATM 1552 O  O   . HOH J 5 .  ? -6.377  -16.584 -2.288  1.00 48.46 ? 132 HOH A O   1 
HETATM 1553 O  O   . HOH J 5 .  ? -15.121 -0.530  12.129  1.00 51.31 ? 133 HOH A O   1 
HETATM 1554 O  O   . HOH J 5 .  ? -20.398 12.426  1.645   1.00 64.52 ? 134 HOH A O   1 
HETATM 1555 O  O   . HOH J 5 .  ? -16.169 18.174  -7.021  1.00 50.99 ? 135 HOH A O   1 
HETATM 1556 O  O   . HOH J 5 .  ? -16.511 7.149   -2.956  1.00 29.61 ? 136 HOH A O   1 
HETATM 1557 O  O   . HOH J 5 .  ? -0.842  -11.410 -9.735  1.00 50.13 ? 137 HOH A O   1 
HETATM 1558 O  O   . HOH J 5 .  ? -15.831 1.215   -6.020  1.00 33.86 ? 138 HOH A O   1 
HETATM 1559 O  O   . HOH J 5 .  ? 3.933   14.734  -7.534  1.00 34.48 ? 139 HOH A O   1 
HETATM 1560 O  O   . HOH J 5 .  ? -6.240  0.535   -15.087 1.00 46.52 ? 140 HOH A O   1 
HETATM 1561 O  O   . HOH J 5 .  ? -14.892 9.659   4.006   1.00 39.02 ? 141 HOH A O   1 
HETATM 1562 O  O   . HOH J 5 .  ? -4.519  -8.125  -9.558  1.00 53.78 ? 142 HOH A O   1 
HETATM 1563 O  O   . HOH J 5 .  ? -9.694  10.575  2.440   1.00 51.12 ? 143 HOH A O   1 
HETATM 1564 O  O   . HOH J 5 .  ? -10.535 -0.062  -8.856  1.00 39.14 ? 144 HOH A O   1 
HETATM 1565 O  O   . HOH J 5 .  ? -18.344 22.139  -5.747  1.00 37.19 ? 145 HOH A O   1 
HETATM 1566 O  O   . HOH J 5 .  ? -6.107  -5.785  -10.786 1.00 55.04 ? 146 HOH A O   1 
HETATM 1567 O  O   . HOH J 5 .  ? -14.696 5.536   5.901   1.00 58.13 ? 147 HOH A O   1 
HETATM 1568 O  O   . HOH J 5 .  ? -25.537 14.643  -1.561  1.00 50.40 ? 148 HOH A O   1 
HETATM 1569 O  O   . HOH K 5 .  ? -14.629 -8.826  -10.096 1.00 51.93 ? 95  HOH B O   1 
HETATM 1570 O  O   . HOH K 5 .  ? 12.616  3.716   -15.171 1.00 47.41 ? 96  HOH B O   1 
HETATM 1571 O  O   . HOH K 5 .  ? 19.333  -19.167 8.788   1.00 37.23 ? 97  HOH B O   1 
HETATM 1572 O  O   . HOH K 5 .  ? 14.523  -14.672 13.477  1.00 31.39 ? 98  HOH B O   1 
HETATM 1573 O  O   . HOH K 5 .  ? 1.061   -20.222 18.339  1.00 47.09 ? 99  HOH B O   1 
HETATM 1574 O  O   . HOH K 5 .  ? 18.630  -15.892 -0.879  1.00 41.98 ? 100 HOH B O   1 
HETATM 1575 O  O   . HOH K 5 .  ? 13.417  1.521   11.219  1.00 45.53 ? 101 HOH B O   1 
HETATM 1576 O  O   . HOH K 5 .  ? -2.886  -16.992 11.040  1.00 40.38 ? 102 HOH B O   1 
HETATM 1577 O  O   . HOH K 5 .  ? -0.452  -3.359  14.045  1.00 31.34 ? 103 HOH B O   1 
HETATM 1578 O  O   . HOH K 5 .  ? -17.144 -8.131  -3.044  1.00 35.99 ? 104 HOH B O   1 
HETATM 1579 O  O   . HOH K 5 .  ? 14.533  -0.064  13.265  1.00 40.66 ? 105 HOH B O   1 
HETATM 1580 O  O   . HOH K 5 .  ? 3.581   2.150   16.153  1.00 52.70 ? 106 HOH B O   1 
HETATM 1581 O  O   . HOH K 5 .  ? 7.709   4.370   -0.237  1.00 49.00 ? 107 HOH B O   1 
HETATM 1582 O  O   . HOH K 5 .  ? 0.022   -19.283 1.788   1.00 52.12 ? 108 HOH B O   1 
HETATM 1583 O  O   . HOH K 5 .  ? 2.153   3.197   6.509   1.00 40.89 ? 109 HOH B O   1 
HETATM 1584 O  O   . HOH K 5 .  ? 0.903   -16.904 21.585  1.00 52.93 ? 110 HOH B O   1 
HETATM 1585 O  O   . HOH K 5 .  ? -1.688  -17.936 17.691  1.00 41.42 ? 111 HOH B O   1 
HETATM 1586 O  O   . HOH K 5 .  ? 23.290  -14.947 8.312   1.00 32.87 ? 112 HOH B O   1 
HETATM 1587 O  O   . HOH K 5 .  ? 14.759  -22.799 -0.935  1.00 38.52 ? 113 HOH B O   1 
HETATM 1588 O  O   . HOH K 5 .  ? 9.653   -18.266 16.095  1.00 44.43 ? 114 HOH B O   1 
HETATM 1589 O  O   . HOH K 5 .  ? -0.709  -13.573 -0.258  1.00 36.67 ? 115 HOH B O   1 
HETATM 1590 O  O   . HOH K 5 .  ? -9.278  -9.280  -11.743 1.00 46.78 ? 116 HOH B O   1 
HETATM 1591 O  O   . HOH K 5 .  ? 17.264  -17.600 9.127   1.00 43.38 ? 117 HOH B O   1 
HETATM 1592 O  O   . HOH K 5 .  ? 11.552  -3.905  -1.441  1.00 47.53 ? 118 HOH B O   1 
HETATM 1593 O  O   . HOH K 5 .  ? 0.890   -17.781 -1.798  1.00 41.53 ? 119 HOH B O   1 
HETATM 1594 O  O   . HOH K 5 .  ? 4.455   -19.793 -8.827  1.00 58.85 ? 120 HOH B O   1 
HETATM 1595 O  O   . HOH K 5 .  ? 1.180   -20.310 -2.062  1.00 46.34 ? 121 HOH B O   1 
HETATM 1596 O  O   . HOH K 5 .  ? 22.366  -4.733  11.617  1.00 53.65 ? 122 HOH B O   1 
HETATM 1597 O  O   . HOH K 5 .  ? 4.271   -11.293 17.159  1.00 31.74 ? 123 HOH B O   1 
HETATM 1598 O  O   . HOH K 5 .  ? 6.883   5.924   -4.351  1.00 66.53 ? 124 HOH B O   1 
HETATM 1599 O  O   . HOH K 5 .  ? 11.314  -10.958 16.516  1.00 33.98 ? 125 HOH B O   1 
HETATM 1600 O  O   . HOH K 5 .  ? 11.170  -14.770 15.515  1.00 35.99 ? 126 HOH B O   1 
HETATM 1601 O  O   . HOH K 5 .  ? 13.370  -9.796  1.596   1.00 39.08 ? 127 HOH B O   1 
HETATM 1602 O  O   . HOH K 5 .  ? 10.222  -14.600 -1.286  1.00 32.92 ? 128 HOH B O   1 
HETATM 1603 O  O   . HOH K 5 .  ? -7.283  -6.411  -6.732  1.00 30.55 ? 129 HOH B O   1 
HETATM 1604 O  O   . HOH K 5 .  ? 10.871  -16.603 -2.180  1.00 40.21 ? 130 HOH B O   1 
HETATM 1605 O  O   . HOH K 5 .  ? 5.432   -2.063  16.389  1.00 38.98 ? 131 HOH B O   1 
HETATM 1606 O  O   . HOH K 5 .  ? 17.821  -16.186 -3.546  1.00 55.41 ? 132 HOH B O   1 
HETATM 1607 O  O   . HOH K 5 .  ? 9.596   3.290   -13.093 1.00 57.45 ? 133 HOH B O   1 
HETATM 1608 O  O   . HOH K 5 .  ? 9.190   1.087   21.614  1.00 42.34 ? 134 HOH B O   1 
HETATM 1609 O  O   . HOH K 5 .  ? 4.790   -15.692 -4.425  1.00 37.14 ? 135 HOH B O   1 
HETATM 1610 O  O   . HOH K 5 .  ? 20.912  -2.902  15.435  1.00 48.50 ? 136 HOH B O   1 
HETATM 1611 O  O   . HOH K 5 .  ? -12.980 -5.751  -11.833 1.00 47.28 ? 137 HOH B O   1 
# 
loop_
_pdbx_poly_seq_scheme.asym_id 
_pdbx_poly_seq_scheme.entity_id 
_pdbx_poly_seq_scheme.seq_id 
_pdbx_poly_seq_scheme.mon_id 
_pdbx_poly_seq_scheme.ndb_seq_num 
_pdbx_poly_seq_scheme.pdb_seq_num 
_pdbx_poly_seq_scheme.auth_seq_num 
_pdbx_poly_seq_scheme.pdb_mon_id 
_pdbx_poly_seq_scheme.auth_mon_id 
_pdbx_poly_seq_scheme.pdb_strand_id 
_pdbx_poly_seq_scheme.pdb_ins_code 
_pdbx_poly_seq_scheme.hetero 
A 1 1  MET 1  0  0  MET MET A . n 
A 1 2  SER 2  1  1  SER SER A . n 
A 1 3  GLU 3  2  2  GLU GLU A . n 
A 1 4  LEU 4  3  3  LEU LEU A . n 
A 1 5  GLU 5  4  4  GLU GLU A . n 
A 1 6  LYS 6  5  5  LYS LYS A . n 
A 1 7  ALA 7  6  6  ALA ALA A . n 
A 1 8  MET 8  7  7  MET MET A . n 
A 1 9  VAL 9  8  8  VAL VAL A . n 
A 1 10 ALA 10 9  9  ALA ALA A . n 
A 1 11 LEU 11 10 10 LEU LEU A . n 
A 1 12 ILE 12 11 11 ILE ILE A . n 
A 1 13 ASP 13 12 12 ASP ASP A . n 
A 1 14 VAL 14 13 13 VAL VAL A . n 
A 1 15 PHE 15 14 14 PHE PHE A . n 
A 1 16 HIS 16 15 15 HIS HIS A . n 
A 1 17 GLN 17 16 16 GLN GLN A . n 
A 1 18 TYR 18 17 17 TYR TYR A . n 
A 1 19 SER 19 18 18 SER SER A . n 
A 1 20 GLY 20 19 19 GLY GLY A . n 
A 1 21 ARG 21 20 20 ARG ARG A . n 
A 1 22 GLU 22 21 21 GLU GLU A . n 
A 1 23 GLY 23 22 22 GLY GLY A . n 
A 1 24 ASP 24 23 23 ASP ASP A . n 
A 1 25 LYS 25 24 24 LYS LYS A . n 
A 1 26 HIS 26 25 25 HIS HIS A . n 
A 1 27 LYS 27 26 26 LYS LYS A . n 
A 1 28 LEU 28 27 27 LEU LEU A . n 
A 1 29 LYS 29 28 28 LYS LYS A . n 
A 1 30 LYS 30 29 29 LYS LYS A . n 
A 1 31 SER 31 30 30 SER SER A . n 
A 1 32 GLU 32 31 31 GLU GLU A . n 
A 1 33 LEU 33 32 32 LEU LEU A . n 
A 1 34 LYS 34 33 33 LYS LYS A . n 
A 1 35 GLU 35 34 34 GLU GLU A . n 
A 1 36 LEU 36 35 35 LEU LEU A . n 
A 1 37 ILE 37 36 36 ILE ILE A . n 
A 1 38 ASN 38 37 37 ASN ASN A . n 
A 1 39 ASN 39 38 38 ASN ASN A . n 
A 1 40 GLU 40 39 39 GLU GLU A . n 
A 1 41 LEU 41 40 40 LEU LEU A . n 
A 1 42 SER 42 41 41 SER SER A . n 
A 1 43 HIS 43 42 42 HIS HIS A . n 
A 1 44 PHE 44 43 43 PHE PHE A . n 
A 1 45 LEU 45 44 44 LEU LEU A . n 
A 1 46 GLU 46 45 45 GLU GLU A . n 
A 1 47 GLU 47 46 46 GLU GLU A . n 
A 1 48 ILE 48 47 47 ILE ILE A . n 
A 1 49 LYS 49 48 48 LYS LYS A . n 
A 1 50 GLU 50 49 49 GLU GLU A . n 
A 1 51 GLN 51 50 50 GLN GLN A . n 
A 1 52 GLU 52 51 51 GLU GLU A . n 
A 1 53 VAL 53 52 52 VAL VAL A . n 
A 1 54 VAL 54 53 53 VAL VAL A . n 
A 1 55 ASP 55 54 54 ASP ASP A . n 
A 1 56 LYS 56 55 55 LYS LYS A . n 
A 1 57 VAL 57 56 56 VAL VAL A . n 
A 1 58 MET 58 57 57 MET MET A . n 
A 1 59 GLU 59 58 58 GLU GLU A . n 
A 1 60 THR 60 59 59 THR THR A . n 
A 1 61 LEU 61 60 60 LEU LEU A . n 
A 1 62 ASP 62 61 61 ASP ASP A . n 
A 1 63 ASN 63 62 62 ASN ASN A . n 
A 1 64 ASP 64 63 63 ASP ASP A . n 
A 1 65 GLY 65 64 64 GLY GLY A . n 
A 1 66 ASP 66 65 65 ASP ASP A . n 
A 1 67 GLY 67 66 66 GLY GLY A . n 
A 1 68 GLU 68 67 67 GLU GLU A . n 
A 1 69 CYS 69 68 68 CYS CYS A . n 
A 1 70 ASP 70 69 69 ASP ASP A . n 
A 1 71 PHE 71 70 70 PHE PHE A . n 
A 1 72 GLN 72 71 71 GLN GLN A . n 
A 1 73 GLU 73 72 72 GLU GLU A . n 
A 1 74 PHE 74 73 73 PHE PHE A . n 
A 1 75 MET 75 74 74 MET MET A . n 
A 1 76 ALA 76 75 75 ALA ALA A . n 
A 1 77 PHE 77 76 76 PHE PHE A . n 
A 1 78 VAL 78 77 77 VAL VAL A . n 
A 1 79 ALA 79 78 78 ALA ALA A . n 
A 1 80 MET 80 79 79 MET MET A . n 
A 1 81 VAL 81 80 80 VAL VAL A . n 
A 1 82 THR 82 81 81 THR THR A . n 
A 1 83 THR 83 82 82 THR THR A . n 
A 1 84 ALA 84 83 83 ALA ALA A . n 
A 1 85 CYS 85 84 84 CYS CYS A . n 
A 1 86 HIS 86 85 85 HIS HIS A . n 
A 1 87 GLU 87 86 86 GLU GLU A . n 
A 1 88 PHE 88 87 87 PHE PHE A . n 
A 1 89 PHE 89 88 88 PHE PHE A . n 
A 1 90 GLU 90 89 89 GLU GLU A . n 
A 1 91 HIS 91 90 ?  ?   ?   A . n 
A 1 92 GLU 92 91 ?  ?   ?   A . n 
B 1 1  MET 1  0  0  MET MET B . n 
B 1 2  SER 2  1  1  SER SER B . n 
B 1 3  GLU 3  2  2  GLU GLU B . n 
B 1 4  LEU 4  3  3  LEU LEU B . n 
B 1 5  GLU 5  4  4  GLU GLU B . n 
B 1 6  LYS 6  5  5  LYS LYS B . n 
B 1 7  ALA 7  6  6  ALA ALA B . n 
B 1 8  MET 8  7  7  MET MET B . n 
B 1 9  VAL 9  8  8  VAL VAL B . n 
B 1 10 ALA 10 9  9  ALA ALA B . n 
B 1 11 LEU 11 10 10 LEU LEU B . n 
B 1 12 ILE 12 11 11 ILE ILE B . n 
B 1 13 ASP 13 12 12 ASP ASP B . n 
B 1 14 VAL 14 13 13 VAL VAL B . n 
B 1 15 PHE 15 14 14 PHE PHE B . n 
B 1 16 HIS 16 15 15 HIS HIS B . n 
B 1 17 GLN 17 16 16 GLN GLN B . n 
B 1 18 TYR 18 17 17 TYR TYR B . n 
B 1 19 SER 19 18 18 SER SER B . n 
B 1 20 GLY 20 19 19 GLY GLY B . n 
B 1 21 ARG 21 20 20 ARG ARG B . n 
B 1 22 GLU 22 21 21 GLU GLU B . n 
B 1 23 GLY 23 22 22 GLY GLY B . n 
B 1 24 ASP 24 23 23 ASP ASP B . n 
B 1 25 LYS 25 24 24 LYS LYS B . n 
B 1 26 HIS 26 25 25 HIS HIS B . n 
B 1 27 LYS 27 26 26 LYS LYS B . n 
B 1 28 LEU 28 27 27 LEU LEU B . n 
B 1 29 LYS 29 28 28 LYS LYS B . n 
B 1 30 LYS 30 29 29 LYS LYS B . n 
B 1 31 SER 31 30 30 SER SER B . n 
B 1 32 GLU 32 31 31 GLU GLU B . n 
B 1 33 LEU 33 32 32 LEU LEU B . n 
B 1 34 LYS 34 33 33 LYS LYS B . n 
B 1 35 GLU 35 34 34 GLU GLU B . n 
B 1 36 LEU 36 35 35 LEU LEU B . n 
B 1 37 ILE 37 36 36 ILE ILE B . n 
B 1 38 ASN 38 37 37 ASN ASN B . n 
B 1 39 ASN 39 38 38 ASN ASN B . n 
B 1 40 GLU 40 39 39 GLU GLU B . n 
B 1 41 LEU 41 40 40 LEU LEU B . n 
B 1 42 SER 42 41 41 SER SER B . n 
B 1 43 HIS 43 42 42 HIS HIS B . n 
B 1 44 PHE 44 43 43 PHE PHE B . n 
B 1 45 LEU 45 44 44 LEU LEU B . n 
B 1 46 GLU 46 45 45 GLU GLU B . n 
B 1 47 GLU 47 46 46 GLU GLU B . n 
B 1 48 ILE 48 47 47 ILE ILE B . n 
B 1 49 LYS 49 48 48 LYS LYS B . n 
B 1 50 GLU 50 49 49 GLU GLU B . n 
B 1 51 GLN 51 50 50 GLN GLN B . n 
B 1 52 GLU 52 51 51 GLU GLU B . n 
B 1 53 VAL 53 52 52 VAL VAL B . n 
B 1 54 VAL 54 53 53 VAL VAL B . n 
B 1 55 ASP 55 54 54 ASP ASP B . n 
B 1 56 LYS 56 55 55 LYS LYS B . n 
B 1 57 VAL 57 56 56 VAL VAL B . n 
B 1 58 MET 58 57 57 MET MET B . n 
B 1 59 GLU 59 58 58 GLU GLU B . n 
B 1 60 THR 60 59 59 THR THR B . n 
B 1 61 LEU 61 60 60 LEU LEU B . n 
B 1 62 ASP 62 61 61 ASP ASP B . n 
B 1 63 ASN 63 62 62 ASN ASN B . n 
B 1 64 ASP 64 63 63 ASP ASP B . n 
B 1 65 GLY 65 64 64 GLY GLY B . n 
B 1 66 ASP 66 65 65 ASP ASP B . n 
B 1 67 GLY 67 66 66 GLY GLY B . n 
B 1 68 GLU 68 67 67 GLU GLU B . n 
B 1 69 CYS 69 68 68 CYS CYS B . n 
B 1 70 ASP 70 69 69 ASP ASP B . n 
B 1 71 PHE 71 70 70 PHE PHE B . n 
B 1 72 GLN 72 71 71 GLN GLN B . n 
B 1 73 GLU 73 72 72 GLU GLU B . n 
B 1 74 PHE 74 73 73 PHE PHE B . n 
B 1 75 MET 75 74 74 MET MET B . n 
B 1 76 ALA 76 75 75 ALA ALA B . n 
B 1 77 PHE 77 76 76 PHE PHE B . n 
B 1 78 VAL 78 77 77 VAL VAL B . n 
B 1 79 ALA 79 78 78 ALA ALA B . n 
B 1 80 MET 80 79 79 MET MET B . n 
B 1 81 VAL 81 80 80 VAL VAL B . n 
B 1 82 THR 82 81 81 THR THR B . n 
B 1 83 THR 83 82 82 THR THR B . n 
B 1 84 ALA 84 83 83 ALA ALA B . n 
B 1 85 CYS 85 84 84 CYS CYS B . n 
B 1 86 HIS 86 85 85 HIS HIS B . n 
B 1 87 GLU 87 86 86 GLU GLU B . n 
B 1 88 PHE 88 87 87 PHE PHE B . n 
B 1 89 PHE 89 88 88 PHE PHE B . n 
B 1 90 GLU 90 89 89 GLU GLU B . n 
B 1 91 HIS 91 90 90 HIS HIS B . n 
B 1 92 GLU 92 91 ?  ?   ?   B . n 
# 
loop_
_pdbx_nonpoly_scheme.asym_id 
_pdbx_nonpoly_scheme.entity_id 
_pdbx_nonpoly_scheme.mon_id 
_pdbx_nonpoly_scheme.ndb_seq_num 
_pdbx_nonpoly_scheme.pdb_seq_num 
_pdbx_nonpoly_scheme.auth_seq_num 
_pdbx_nonpoly_scheme.pdb_mon_id 
_pdbx_nonpoly_scheme.auth_mon_id 
_pdbx_nonpoly_scheme.pdb_strand_id 
_pdbx_nonpoly_scheme.pdb_ins_code 
C 2 CA  1  92  90 CA  CA  A . 
D 2 CA  1  93  91 CA  CA  A . 
E 3 S45 1  94  1  S45 S45 A . 
F 4 ACT 1  95  1  ACT ACT A . 
G 2 CA  1  92  91 CA  CA  B . 
H 2 CA  1  93  92 CA  CA  B . 
I 3 S45 1  94  1  S45 S45 B . 
J 5 HOH 1  96  96 HOH HOH A . 
J 5 HOH 2  97  1  HOH HOH A . 
J 5 HOH 3  98  5  HOH HOH A . 
J 5 HOH 4  99  7  HOH HOH A . 
J 5 HOH 5  100 10 HOH HOH A . 
J 5 HOH 6  101 11 HOH HOH A . 
J 5 HOH 7  102 18 HOH HOH A . 
J 5 HOH 8  103 21 HOH HOH A . 
J 5 HOH 9  104 22 HOH HOH A . 
J 5 HOH 10 105 23 HOH HOH A . 
J 5 HOH 11 106 26 HOH HOH A . 
J 5 HOH 12 107 30 HOH HOH A . 
J 5 HOH 13 108 31 HOH HOH A . 
J 5 HOH 14 109 32 HOH HOH A . 
J 5 HOH 15 110 33 HOH HOH A . 
J 5 HOH 16 111 35 HOH HOH A . 
J 5 HOH 17 112 36 HOH HOH A . 
J 5 HOH 18 113 37 HOH HOH A . 
J 5 HOH 19 114 38 HOH HOH A . 
J 5 HOH 20 115 39 HOH HOH A . 
J 5 HOH 21 116 40 HOH HOH A . 
J 5 HOH 22 117 41 HOH HOH A . 
J 5 HOH 23 118 42 HOH HOH A . 
J 5 HOH 24 119 44 HOH HOH A . 
J 5 HOH 25 120 45 HOH HOH A . 
J 5 HOH 26 121 46 HOH HOH A . 
J 5 HOH 27 122 47 HOH HOH A . 
J 5 HOH 28 123 48 HOH HOH A . 
J 5 HOH 29 124 49 HOH HOH A . 
J 5 HOH 30 125 50 HOH HOH A . 
J 5 HOH 31 126 52 HOH HOH A . 
J 5 HOH 32 127 53 HOH HOH A . 
J 5 HOH 33 128 54 HOH HOH A . 
J 5 HOH 34 129 56 HOH HOH A . 
J 5 HOH 35 130 57 HOH HOH A . 
J 5 HOH 36 131 60 HOH HOH A . 
J 5 HOH 37 132 61 HOH HOH A . 
J 5 HOH 38 133 63 HOH HOH A . 
J 5 HOH 39 134 64 HOH HOH A . 
J 5 HOH 40 135 65 HOH HOH A . 
J 5 HOH 41 136 66 HOH HOH A . 
J 5 HOH 42 137 68 HOH HOH A . 
J 5 HOH 43 138 69 HOH HOH A . 
J 5 HOH 44 139 71 HOH HOH A . 
J 5 HOH 45 140 72 HOH HOH A . 
J 5 HOH 46 141 82 HOH HOH A . 
J 5 HOH 47 142 85 HOH HOH A . 
J 5 HOH 48 143 87 HOH HOH A . 
J 5 HOH 49 144 89 HOH HOH A . 
J 5 HOH 50 145 90 HOH HOH A . 
J 5 HOH 51 146 91 HOH HOH A . 
J 5 HOH 52 147 92 HOH HOH A . 
J 5 HOH 53 148 93 HOH HOH A . 
K 5 HOH 1  95  95 HOH HOH B . 
K 5 HOH 2  96  2  HOH HOH B . 
K 5 HOH 3  97  3  HOH HOH B . 
K 5 HOH 4  98  4  HOH HOH B . 
K 5 HOH 5  99  6  HOH HOH B . 
K 5 HOH 6  100 8  HOH HOH B . 
K 5 HOH 7  101 9  HOH HOH B . 
K 5 HOH 8  102 12 HOH HOH B . 
K 5 HOH 9  103 13 HOH HOH B . 
K 5 HOH 10 104 14 HOH HOH B . 
K 5 HOH 11 105 15 HOH HOH B . 
K 5 HOH 12 106 16 HOH HOH B . 
K 5 HOH 13 107 17 HOH HOH B . 
K 5 HOH 14 108 19 HOH HOH B . 
K 5 HOH 15 109 20 HOH HOH B . 
K 5 HOH 16 110 24 HOH HOH B . 
K 5 HOH 17 111 25 HOH HOH B . 
K 5 HOH 18 112 27 HOH HOH B . 
K 5 HOH 19 113 28 HOH HOH B . 
K 5 HOH 20 114 29 HOH HOH B . 
K 5 HOH 21 115 34 HOH HOH B . 
K 5 HOH 22 116 43 HOH HOH B . 
K 5 HOH 23 117 51 HOH HOH B . 
K 5 HOH 24 118 55 HOH HOH B . 
K 5 HOH 25 119 58 HOH HOH B . 
K 5 HOH 26 120 59 HOH HOH B . 
K 5 HOH 27 121 62 HOH HOH B . 
K 5 HOH 28 122 67 HOH HOH B . 
K 5 HOH 29 123 70 HOH HOH B . 
K 5 HOH 30 124 73 HOH HOH B . 
K 5 HOH 31 125 74 HOH HOH B . 
K 5 HOH 32 126 75 HOH HOH B . 
K 5 HOH 33 127 76 HOH HOH B . 
K 5 HOH 34 128 77 HOH HOH B . 
K 5 HOH 35 129 78 HOH HOH B . 
K 5 HOH 36 130 79 HOH HOH B . 
K 5 HOH 37 131 80 HOH HOH B . 
K 5 HOH 38 132 81 HOH HOH B . 
K 5 HOH 39 133 83 HOH HOH B . 
K 5 HOH 40 134 84 HOH HOH B . 
K 5 HOH 41 135 86 HOH HOH B . 
K 5 HOH 42 136 88 HOH HOH B . 
K 5 HOH 43 137 94 HOH HOH B . 
# 
_pdbx_struct_assembly.id                   1 
_pdbx_struct_assembly.details              author_and_software_defined_assembly 
_pdbx_struct_assembly.method_details       PISA 
_pdbx_struct_assembly.oligomeric_details   dimeric 
_pdbx_struct_assembly.oligomeric_count     2 
# 
_pdbx_struct_assembly_gen.assembly_id       1 
_pdbx_struct_assembly_gen.oper_expression   1 
_pdbx_struct_assembly_gen.asym_id_list      A,B,C,D,E,F,G,H,I,J,K 
# 
loop_
_pdbx_struct_assembly_prop.biol_id 
_pdbx_struct_assembly_prop.type 
_pdbx_struct_assembly_prop.value 
_pdbx_struct_assembly_prop.details 
1 'ABSA (A^2)' 3330 ? 
1 MORE         -72  ? 
1 'SSA (A^2)'  9820 ? 
# 
_pdbx_struct_oper_list.id                   1 
_pdbx_struct_oper_list.type                 'identity operation' 
_pdbx_struct_oper_list.name                 1_555 
_pdbx_struct_oper_list.symmetry_operation   x,y,z 
_pdbx_struct_oper_list.matrix[1][1]         1.0000000000 
_pdbx_struct_oper_list.matrix[1][2]         0.0000000000 
_pdbx_struct_oper_list.matrix[1][3]         0.0000000000 
_pdbx_struct_oper_list.vector[1]            0.0000000000 
_pdbx_struct_oper_list.matrix[2][1]         0.0000000000 
_pdbx_struct_oper_list.matrix[2][2]         1.0000000000 
_pdbx_struct_oper_list.matrix[2][3]         0.0000000000 
_pdbx_struct_oper_list.vector[2]            0.0000000000 
_pdbx_struct_oper_list.matrix[3][1]         0.0000000000 
_pdbx_struct_oper_list.matrix[3][2]         0.0000000000 
_pdbx_struct_oper_list.matrix[3][3]         1.0000000000 
_pdbx_struct_oper_list.vector[3]            0.0000000000 
# 
loop_
_pdbx_struct_conn_angle.id 
_pdbx_struct_conn_angle.ptnr1_label_atom_id 
_pdbx_struct_conn_angle.ptnr1_label_alt_id 
_pdbx_struct_conn_angle.ptnr1_label_asym_id 
_pdbx_struct_conn_angle.ptnr1_label_comp_id 
_pdbx_struct_conn_angle.ptnr1_label_seq_id 
_pdbx_struct_conn_angle.ptnr1_auth_atom_id 
_pdbx_struct_conn_angle.ptnr1_auth_asym_id 
_pdbx_struct_conn_angle.ptnr1_auth_comp_id 
_pdbx_struct_conn_angle.ptnr1_auth_seq_id 
_pdbx_struct_conn_angle.ptnr1_PDB_ins_code 
_pdbx_struct_conn_angle.ptnr1_symmetry 
_pdbx_struct_conn_angle.ptnr2_label_atom_id 
_pdbx_struct_conn_angle.ptnr2_label_alt_id 
_pdbx_struct_conn_angle.ptnr2_label_asym_id 
_pdbx_struct_conn_angle.ptnr2_label_comp_id 
_pdbx_struct_conn_angle.ptnr2_label_seq_id 
_pdbx_struct_conn_angle.ptnr2_auth_atom_id 
_pdbx_struct_conn_angle.ptnr2_auth_asym_id 
_pdbx_struct_conn_angle.ptnr2_auth_comp_id 
_pdbx_struct_conn_angle.ptnr2_auth_seq_id 
_pdbx_struct_conn_angle.ptnr2_PDB_ins_code 
_pdbx_struct_conn_angle.ptnr2_symmetry 
_pdbx_struct_conn_angle.ptnr3_label_atom_id 
_pdbx_struct_conn_angle.ptnr3_label_alt_id 
_pdbx_struct_conn_angle.ptnr3_label_asym_id 
_pdbx_struct_conn_angle.ptnr3_label_comp_id 
_pdbx_struct_conn_angle.ptnr3_label_seq_id 
_pdbx_struct_conn_angle.ptnr3_auth_atom_id 
_pdbx_struct_conn_angle.ptnr3_auth_asym_id 
_pdbx_struct_conn_angle.ptnr3_auth_comp_id 
_pdbx_struct_conn_angle.ptnr3_auth_seq_id 
_pdbx_struct_conn_angle.ptnr3_PDB_ins_code 
_pdbx_struct_conn_angle.ptnr3_symmetry 
_pdbx_struct_conn_angle.value 
_pdbx_struct_conn_angle.value_esd 
1  O   ? A SER 19 ? A SER 18 ? 1_555 CA ? C CA . ? A CA 92 ? 1_555 O   ? A GLU 22 ? A GLU 21  ? 1_555 107.5 ? 
2  O   ? A SER 19 ? A SER 18 ? 1_555 CA ? C CA . ? A CA 92 ? 1_555 O   ? A ASP 24 ? A ASP 23  ? 1_555 78.7  ? 
3  O   ? A GLU 22 ? A GLU 21 ? 1_555 CA ? C CA . ? A CA 92 ? 1_555 O   ? A ASP 24 ? A ASP 23  ? 1_555 82.7  ? 
4  O   ? A SER 19 ? A SER 18 ? 1_555 CA ? C CA . ? A CA 92 ? 1_555 O   ? A LYS 27 ? A LYS 26  ? 1_555 88.6  ? 
5  O   ? A GLU 22 ? A GLU 21 ? 1_555 CA ? C CA . ? A CA 92 ? 1_555 O   ? A LYS 27 ? A LYS 26  ? 1_555 159.3 ? 
6  O   ? A ASP 24 ? A ASP 23 ? 1_555 CA ? C CA . ? A CA 92 ? 1_555 O   ? A LYS 27 ? A LYS 26  ? 1_555 87.9  ? 
7  O   ? A SER 19 ? A SER 18 ? 1_555 CA ? C CA . ? A CA 92 ? 1_555 OE1 ? A GLU 32 ? A GLU 31  ? 1_555 108.2 ? 
8  O   ? A GLU 22 ? A GLU 21 ? 1_555 CA ? C CA . ? A CA 92 ? 1_555 OE1 ? A GLU 32 ? A GLU 31  ? 1_555 105.0 ? 
9  O   ? A ASP 24 ? A ASP 23 ? 1_555 CA ? C CA . ? A CA 92 ? 1_555 OE1 ? A GLU 32 ? A GLU 31  ? 1_555 167.0 ? 
10 O   ? A LYS 27 ? A LYS 26 ? 1_555 CA ? C CA . ? A CA 92 ? 1_555 OE1 ? A GLU 32 ? A GLU 31  ? 1_555 81.3  ? 
11 O   ? A SER 19 ? A SER 18 ? 1_555 CA ? C CA . ? A CA 92 ? 1_555 OE2 ? A GLU 32 ? A GLU 31  ? 1_555 91.1  ? 
12 O   ? A GLU 22 ? A GLU 21 ? 1_555 CA ? C CA . ? A CA 92 ? 1_555 OE2 ? A GLU 32 ? A GLU 31  ? 1_555 64.4  ? 
13 O   ? A ASP 24 ? A ASP 23 ? 1_555 CA ? C CA . ? A CA 92 ? 1_555 OE2 ? A GLU 32 ? A GLU 31  ? 1_555 141.0 ? 
14 O   ? A LYS 27 ? A LYS 26 ? 1_555 CA ? C CA . ? A CA 92 ? 1_555 OE2 ? A GLU 32 ? A GLU 31  ? 1_555 129.8 ? 
15 OE1 ? A GLU 32 ? A GLU 31 ? 1_555 CA ? C CA . ? A CA 92 ? 1_555 OE2 ? A GLU 32 ? A GLU 31  ? 1_555 51.3  ? 
16 OD1 ? A ASP 62 ? A ASP 61 ? 1_555 CA ? D CA . ? A CA 93 ? 1_555 OD1 ? A ASP 64 ? A ASP 63  ? 1_555 81.6  ? 
17 OD1 ? A ASP 62 ? A ASP 61 ? 1_555 CA ? D CA . ? A CA 93 ? 1_555 OD1 ? A ASP 66 ? A ASP 65  ? 1_555 83.3  ? 
18 OD1 ? A ASP 64 ? A ASP 63 ? 1_555 CA ? D CA . ? A CA 93 ? 1_555 OD1 ? A ASP 66 ? A ASP 65  ? 1_555 84.9  ? 
19 OD1 ? A ASP 62 ? A ASP 61 ? 1_555 CA ? D CA . ? A CA 93 ? 1_555 O   ? A GLU 68 ? A GLU 67  ? 1_555 76.9  ? 
20 OD1 ? A ASP 64 ? A ASP 63 ? 1_555 CA ? D CA . ? A CA 93 ? 1_555 O   ? A GLU 68 ? A GLU 67  ? 1_555 151.0 ? 
21 OD1 ? A ASP 66 ? A ASP 65 ? 1_555 CA ? D CA . ? A CA 93 ? 1_555 O   ? A GLU 68 ? A GLU 67  ? 1_555 73.6  ? 
22 OD1 ? A ASP 62 ? A ASP 61 ? 1_555 CA ? D CA . ? A CA 93 ? 1_555 OE1 ? A GLU 73 ? A GLU 72  ? 1_555 109.9 ? 
23 OD1 ? A ASP 64 ? A ASP 63 ? 1_555 CA ? D CA . ? A CA 93 ? 1_555 OE1 ? A GLU 73 ? A GLU 72  ? 1_555 126.3 ? 
24 OD1 ? A ASP 66 ? A ASP 65 ? 1_555 CA ? D CA . ? A CA 93 ? 1_555 OE1 ? A GLU 73 ? A GLU 72  ? 1_555 146.8 ? 
25 O   ? A GLU 68 ? A GLU 67 ? 1_555 CA ? D CA . ? A CA 93 ? 1_555 OE1 ? A GLU 73 ? A GLU 72  ? 1_555 79.8  ? 
26 OD1 ? A ASP 62 ? A ASP 61 ? 1_555 CA ? D CA . ? A CA 93 ? 1_555 OE2 ? A GLU 73 ? A GLU 72  ? 1_555 96.6  ? 
27 OD1 ? A ASP 64 ? A ASP 63 ? 1_555 CA ? D CA . ? A CA 93 ? 1_555 OE2 ? A GLU 73 ? A GLU 72  ? 1_555 77.4  ? 
28 OD1 ? A ASP 66 ? A ASP 65 ? 1_555 CA ? D CA . ? A CA 93 ? 1_555 OE2 ? A GLU 73 ? A GLU 72  ? 1_555 162.1 ? 
29 O   ? A GLU 68 ? A GLU 67 ? 1_555 CA ? D CA . ? A CA 93 ? 1_555 OE2 ? A GLU 73 ? A GLU 72  ? 1_555 123.9 ? 
30 OE1 ? A GLU 73 ? A GLU 72 ? 1_555 CA ? D CA . ? A CA 93 ? 1_555 OE2 ? A GLU 73 ? A GLU 72  ? 1_555 49.8  ? 
31 OD1 ? A ASP 62 ? A ASP 61 ? 1_555 CA ? D CA . ? A CA 93 ? 1_555 O   ? J HOH .  ? A HOH 139 ? 1_555 162.5 ? 
32 OD1 ? A ASP 64 ? A ASP 63 ? 1_555 CA ? D CA . ? A CA 93 ? 1_555 O   ? J HOH .  ? A HOH 139 ? 1_555 93.6  ? 
33 OD1 ? A ASP 66 ? A ASP 65 ? 1_555 CA ? D CA . ? A CA 93 ? 1_555 O   ? J HOH .  ? A HOH 139 ? 1_555 79.5  ? 
34 O   ? A GLU 68 ? A GLU 67 ? 1_555 CA ? D CA . ? A CA 93 ? 1_555 O   ? J HOH .  ? A HOH 139 ? 1_555 101.2 ? 
35 OE1 ? A GLU 73 ? A GLU 72 ? 1_555 CA ? D CA . ? A CA 93 ? 1_555 O   ? J HOH .  ? A HOH 139 ? 1_555 86.6  ? 
36 OE2 ? A GLU 73 ? A GLU 72 ? 1_555 CA ? D CA . ? A CA 93 ? 1_555 O   ? J HOH .  ? A HOH 139 ? 1_555 98.7  ? 
37 O   ? B SER 19 ? B SER 18 ? 1_555 CA ? G CA . ? B CA 92 ? 1_555 O   ? B GLU 22 ? B GLU 21  ? 1_555 107.1 ? 
38 O   ? B SER 19 ? B SER 18 ? 1_555 CA ? G CA . ? B CA 92 ? 1_555 O   ? B ASP 24 ? B ASP 23  ? 1_555 83.2  ? 
39 O   ? B GLU 22 ? B GLU 21 ? 1_555 CA ? G CA . ? B CA 92 ? 1_555 O   ? B ASP 24 ? B ASP 23  ? 1_555 91.7  ? 
40 O   ? B SER 19 ? B SER 18 ? 1_555 CA ? G CA . ? B CA 92 ? 1_555 O   ? B LYS 27 ? B LYS 26  ? 1_555 94.5  ? 
41 O   ? B GLU 22 ? B GLU 21 ? 1_555 CA ? G CA . ? B CA 92 ? 1_555 O   ? B LYS 27 ? B LYS 26  ? 1_555 154.1 ? 
42 O   ? B ASP 24 ? B ASP 23 ? 1_555 CA ? G CA . ? B CA 92 ? 1_555 O   ? B LYS 27 ? B LYS 26  ? 1_555 76.5  ? 
43 O   ? B SER 19 ? B SER 18 ? 1_555 CA ? G CA . ? B CA 92 ? 1_555 OE1 ? B GLU 32 ? B GLU 31  ? 1_555 98.4  ? 
44 O   ? B GLU 22 ? B GLU 21 ? 1_555 CA ? G CA . ? B CA 92 ? 1_555 OE1 ? B GLU 32 ? B GLU 31  ? 1_555 115.9 ? 
45 O   ? B ASP 24 ? B ASP 23 ? 1_555 CA ? G CA . ? B CA 92 ? 1_555 OE1 ? B GLU 32 ? B GLU 31  ? 1_555 150.0 ? 
46 O   ? B LYS 27 ? B LYS 26 ? 1_555 CA ? G CA . ? B CA 92 ? 1_555 OE1 ? B GLU 32 ? B GLU 31  ? 1_555 73.5  ? 
47 O   ? B SER 19 ? B SER 18 ? 1_555 CA ? G CA . ? B CA 92 ? 1_555 OE2 ? B GLU 32 ? B GLU 31  ? 1_555 89.8  ? 
48 O   ? B GLU 22 ? B GLU 21 ? 1_555 CA ? G CA . ? B CA 92 ? 1_555 OE2 ? B GLU 32 ? B GLU 31  ? 1_555 74.1  ? 
49 O   ? B ASP 24 ? B ASP 23 ? 1_555 CA ? G CA . ? B CA 92 ? 1_555 OE2 ? B GLU 32 ? B GLU 31  ? 1_555 161.5 ? 
50 O   ? B LYS 27 ? B LYS 26 ? 1_555 CA ? G CA . ? B CA 92 ? 1_555 OE2 ? B GLU 32 ? B GLU 31  ? 1_555 121.2 ? 
51 OE1 ? B GLU 32 ? B GLU 31 ? 1_555 CA ? G CA . ? B CA 92 ? 1_555 OE2 ? B GLU 32 ? B GLU 31  ? 1_555 48.0  ? 
52 O   ? B SER 19 ? B SER 18 ? 1_555 CA ? G CA . ? B CA 92 ? 1_555 O   ? K HOH .  ? B HOH 123 ? 1_555 164.0 ? 
53 O   ? B GLU 22 ? B GLU 21 ? 1_555 CA ? G CA . ? B CA 92 ? 1_555 O   ? K HOH .  ? B HOH 123 ? 1_555 83.0  ? 
54 O   ? B ASP 24 ? B ASP 23 ? 1_555 CA ? G CA . ? B CA 92 ? 1_555 O   ? K HOH .  ? B HOH 123 ? 1_555 84.2  ? 
55 O   ? B LYS 27 ? B LYS 26 ? 1_555 CA ? G CA . ? B CA 92 ? 1_555 O   ? K HOH .  ? B HOH 123 ? 1_555 73.1  ? 
56 OE1 ? B GLU 32 ? B GLU 31 ? 1_555 CA ? G CA . ? B CA 92 ? 1_555 O   ? K HOH .  ? B HOH 123 ? 1_555 87.7  ? 
57 OE2 ? B GLU 32 ? B GLU 31 ? 1_555 CA ? G CA . ? B CA 92 ? 1_555 O   ? K HOH .  ? B HOH 123 ? 1_555 105.1 ? 
58 OD1 ? B ASP 62 ? B ASP 61 ? 1_555 CA ? H CA . ? B CA 93 ? 1_555 OD1 ? B ASP 64 ? B ASP 63  ? 1_555 78.2  ? 
59 OD1 ? B ASP 62 ? B ASP 61 ? 1_555 CA ? H CA . ? B CA 93 ? 1_555 OD1 ? B ASP 66 ? B ASP 65  ? 1_555 79.6  ? 
60 OD1 ? B ASP 64 ? B ASP 63 ? 1_555 CA ? H CA . ? B CA 93 ? 1_555 OD1 ? B ASP 66 ? B ASP 65  ? 1_555 76.6  ? 
61 OD1 ? B ASP 62 ? B ASP 61 ? 1_555 CA ? H CA . ? B CA 93 ? 1_555 O   ? B GLU 68 ? B GLU 67  ? 1_555 80.8  ? 
62 OD1 ? B ASP 64 ? B ASP 63 ? 1_555 CA ? H CA . ? B CA 93 ? 1_555 O   ? B GLU 68 ? B GLU 67  ? 1_555 148.7 ? 
63 OD1 ? B ASP 66 ? B ASP 65 ? 1_555 CA ? H CA . ? B CA 93 ? 1_555 O   ? B GLU 68 ? B GLU 67  ? 1_555 76.9  ? 
64 OD1 ? B ASP 62 ? B ASP 61 ? 1_555 CA ? H CA . ? B CA 93 ? 1_555 OE1 ? B GLU 73 ? B GLU 72  ? 1_555 118.2 ? 
65 OD1 ? B ASP 64 ? B ASP 63 ? 1_555 CA ? H CA . ? B CA 93 ? 1_555 OE1 ? B GLU 73 ? B GLU 72  ? 1_555 132.0 ? 
66 OD1 ? B ASP 66 ? B ASP 65 ? 1_555 CA ? H CA . ? B CA 93 ? 1_555 OE1 ? B GLU 73 ? B GLU 72  ? 1_555 146.8 ? 
67 O   ? B GLU 68 ? B GLU 67 ? 1_555 CA ? H CA . ? B CA 93 ? 1_555 OE1 ? B GLU 73 ? B GLU 72  ? 1_555 78.7  ? 
68 OD1 ? B ASP 62 ? B ASP 61 ? 1_555 CA ? H CA . ? B CA 93 ? 1_555 OE2 ? B GLU 73 ? B GLU 72  ? 1_555 93.3  ? 
69 OD1 ? B ASP 64 ? B ASP 63 ? 1_555 CA ? H CA . ? B CA 93 ? 1_555 OE2 ? B GLU 73 ? B GLU 72  ? 1_555 82.7  ? 
70 OD1 ? B ASP 66 ? B ASP 65 ? 1_555 CA ? H CA . ? B CA 93 ? 1_555 OE2 ? B GLU 73 ? B GLU 72  ? 1_555 159.0 ? 
71 O   ? B GLU 68 ? B GLU 67 ? 1_555 CA ? H CA . ? B CA 93 ? 1_555 OE2 ? B GLU 73 ? B GLU 72  ? 1_555 121.7 ? 
72 OE1 ? B GLU 73 ? B GLU 72 ? 1_555 CA ? H CA . ? B CA 93 ? 1_555 OE2 ? B GLU 73 ? B GLU 72  ? 1_555 53.5  ? 
73 OD1 ? B ASP 62 ? B ASP 61 ? 1_555 CA ? H CA . ? B CA 93 ? 1_555 O   ? K HOH .  ? B HOH 131 ? 1_555 149.8 ? 
74 OD1 ? B ASP 64 ? B ASP 63 ? 1_555 CA ? H CA . ? B CA 93 ? 1_555 O   ? K HOH .  ? B HOH 131 ? 1_555 80.6  ? 
75 OD1 ? B ASP 66 ? B ASP 65 ? 1_555 CA ? H CA . ? B CA 93 ? 1_555 O   ? K HOH .  ? B HOH 131 ? 1_555 74.7  ? 
76 O   ? B GLU 68 ? B GLU 67 ? 1_555 CA ? H CA . ? B CA 93 ? 1_555 O   ? K HOH .  ? B HOH 131 ? 1_555 108.0 ? 
77 OE1 ? B GLU 73 ? B GLU 72 ? 1_555 CA ? H CA . ? B CA 93 ? 1_555 O   ? K HOH .  ? B HOH 131 ? 1_555 92.0  ? 
78 OE2 ? B GLU 73 ? B GLU 72 ? 1_555 CA ? H CA . ? B CA 93 ? 1_555 O   ? K HOH .  ? B HOH 131 ? 1_555 105.2 ? 
# 
loop_
_pdbx_audit_revision_history.ordinal 
_pdbx_audit_revision_history.data_content_type 
_pdbx_audit_revision_history.major_revision 
_pdbx_audit_revision_history.minor_revision 
_pdbx_audit_revision_history.revision_date 
1 'Structure model' 1 0 2010-02-02 
2 'Structure model' 1 1 2011-07-13 
3 'Structure model' 1 2 2017-10-04 
4 'Structure model' 1 3 2023-11-01 
# 
_pdbx_audit_revision_details.ordinal             1 
_pdbx_audit_revision_details.revision_ordinal    1 
_pdbx_audit_revision_details.data_content_type   'Structure model' 
_pdbx_audit_revision_details.provider            repository 
_pdbx_audit_revision_details.type                'Initial release' 
_pdbx_audit_revision_details.description         ? 
_pdbx_audit_revision_details.details             ? 
# 
loop_
_pdbx_audit_revision_group.ordinal 
_pdbx_audit_revision_group.revision_ordinal 
_pdbx_audit_revision_group.data_content_type 
_pdbx_audit_revision_group.group 
1 2 'Structure model' 'Version format compliance' 
2 3 'Structure model' 'Data collection'           
3 4 'Structure model' 'Data collection'           
4 4 'Structure model' 'Database references'       
5 4 'Structure model' 'Derived calculations'      
6 4 'Structure model' 'Refinement description'    
# 
loop_
_pdbx_audit_revision_category.ordinal 
_pdbx_audit_revision_category.revision_ordinal 
_pdbx_audit_revision_category.data_content_type 
_pdbx_audit_revision_category.category 
1 3 'Structure model' diffrn_detector               
2 4 'Structure model' chem_comp_atom                
3 4 'Structure model' chem_comp_bond                
4 4 'Structure model' database_2                    
5 4 'Structure model' diffrn_source                 
6 4 'Structure model' pdbx_initial_refinement_model 
7 4 'Structure model' struct_conn                   
8 4 'Structure model' struct_site                   
# 
loop_
_pdbx_audit_revision_item.ordinal 
_pdbx_audit_revision_item.revision_ordinal 
_pdbx_audit_revision_item.data_content_type 
_pdbx_audit_revision_item.item 
1  3 'Structure model' '_diffrn_detector.detector'            
2  4 'Structure model' '_database_2.pdbx_DOI'                 
3  4 'Structure model' '_database_2.pdbx_database_accession'  
4  4 'Structure model' '_diffrn_source.pdbx_synchrotron_site' 
5  4 'Structure model' '_struct_conn.pdbx_dist_value'         
6  4 'Structure model' '_struct_conn.ptnr1_auth_asym_id'      
7  4 'Structure model' '_struct_conn.ptnr1_auth_comp_id'      
8  4 'Structure model' '_struct_conn.ptnr1_auth_seq_id'       
9  4 'Structure model' '_struct_conn.ptnr1_label_asym_id'     
10 4 'Structure model' '_struct_conn.ptnr1_label_atom_id'     
11 4 'Structure model' '_struct_conn.ptnr1_label_comp_id'     
12 4 'Structure model' '_struct_conn.ptnr1_label_seq_id'      
13 4 'Structure model' '_struct_conn.ptnr2_auth_asym_id'      
14 4 'Structure model' '_struct_conn.ptnr2_auth_comp_id'      
15 4 'Structure model' '_struct_conn.ptnr2_auth_seq_id'       
16 4 'Structure model' '_struct_conn.ptnr2_label_asym_id'     
17 4 'Structure model' '_struct_conn.ptnr2_label_atom_id'     
18 4 'Structure model' '_struct_conn.ptnr2_label_comp_id'     
19 4 'Structure model' '_struct_site.pdbx_auth_asym_id'       
20 4 'Structure model' '_struct_site.pdbx_auth_comp_id'       
21 4 'Structure model' '_struct_site.pdbx_auth_seq_id'        
# 
loop_
_software.name 
_software.classification 
_software.version 
_software.citation_id 
_software.pdbx_ordinal 
_software.date 
_software.type 
_software.location 
_software.language 
MOLREP phasing          .        ? 1 ? ? ? ? 
REFMAC refinement       5.2.0019 ? 2 ? ? ? ? 
MOSFLM 'data reduction' .        ? 3 ? ? ? ? 
SCALA  'data scaling'   .        ? 4 ? ? ? ? 
# 
loop_
_pdbx_validate_close_contact.id 
_pdbx_validate_close_contact.PDB_model_num 
_pdbx_validate_close_contact.auth_atom_id_1 
_pdbx_validate_close_contact.auth_asym_id_1 
_pdbx_validate_close_contact.auth_comp_id_1 
_pdbx_validate_close_contact.auth_seq_id_1 
_pdbx_validate_close_contact.PDB_ins_code_1 
_pdbx_validate_close_contact.label_alt_id_1 
_pdbx_validate_close_contact.auth_atom_id_2 
_pdbx_validate_close_contact.auth_asym_id_2 
_pdbx_validate_close_contact.auth_comp_id_2 
_pdbx_validate_close_contact.auth_seq_id_2 
_pdbx_validate_close_contact.PDB_ins_code_2 
_pdbx_validate_close_contact.label_alt_id_2 
_pdbx_validate_close_contact.dist 
1 1 OE1 B GLU 67 ? ? O   B HOH 123 ? ? 2.08 
2 1 NH1 B ARG 20 ? ? OE1 B GLU 34  ? ? 2.16 
3 1 OH  A TYR 17 ? ? OE2 A GLU 39  ? ? 2.17 
# 
loop_
_pdbx_validate_torsion.id 
_pdbx_validate_torsion.PDB_model_num 
_pdbx_validate_torsion.auth_comp_id 
_pdbx_validate_torsion.auth_asym_id 
_pdbx_validate_torsion.auth_seq_id 
_pdbx_validate_torsion.PDB_ins_code 
_pdbx_validate_torsion.label_alt_id 
_pdbx_validate_torsion.phi 
_pdbx_validate_torsion.psi 
1 1 GLU A 86 ? ? -52.86 -1.03 
2 1 PHE A 88 ? ? -86.38 32.55 
# 
loop_
_pdbx_unobs_or_zero_occ_residues.id 
_pdbx_unobs_or_zero_occ_residues.PDB_model_num 
_pdbx_unobs_or_zero_occ_residues.polymer_flag 
_pdbx_unobs_or_zero_occ_residues.occupancy_flag 
_pdbx_unobs_or_zero_occ_residues.auth_asym_id 
_pdbx_unobs_or_zero_occ_residues.auth_comp_id 
_pdbx_unobs_or_zero_occ_residues.auth_seq_id 
_pdbx_unobs_or_zero_occ_residues.PDB_ins_code 
_pdbx_unobs_or_zero_occ_residues.label_asym_id 
_pdbx_unobs_or_zero_occ_residues.label_comp_id 
_pdbx_unobs_or_zero_occ_residues.label_seq_id 
1 1 Y 1 A HIS 90 ? A HIS 91 
2 1 Y 1 A GLU 91 ? A GLU 92 
3 1 Y 1 B GLU 91 ? B GLU 92 
# 
loop_
_chem_comp_atom.comp_id 
_chem_comp_atom.atom_id 
_chem_comp_atom.type_symbol 
_chem_comp_atom.pdbx_aromatic_flag 
_chem_comp_atom.pdbx_stereo_config 
_chem_comp_atom.pdbx_ordinal 
ACT C    C  N N 1   
ACT O    O  N N 2   
ACT OXT  O  N N 3   
ACT CH3  C  N N 4   
ACT H1   H  N N 5   
ACT H2   H  N N 6   
ACT H3   H  N N 7   
ALA N    N  N N 8   
ALA CA   C  N S 9   
ALA C    C  N N 10  
ALA O    O  N N 11  
ALA CB   C  N N 12  
ALA OXT  O  N N 13  
ALA H    H  N N 14  
ALA H2   H  N N 15  
ALA HA   H  N N 16  
ALA HB1  H  N N 17  
ALA HB2  H  N N 18  
ALA HB3  H  N N 19  
ALA HXT  H  N N 20  
ARG N    N  N N 21  
ARG CA   C  N S 22  
ARG C    C  N N 23  
ARG O    O  N N 24  
ARG CB   C  N N 25  
ARG CG   C  N N 26  
ARG CD   C  N N 27  
ARG NE   N  N N 28  
ARG CZ   C  N N 29  
ARG NH1  N  N N 30  
ARG NH2  N  N N 31  
ARG OXT  O  N N 32  
ARG H    H  N N 33  
ARG H2   H  N N 34  
ARG HA   H  N N 35  
ARG HB2  H  N N 36  
ARG HB3  H  N N 37  
ARG HG2  H  N N 38  
ARG HG3  H  N N 39  
ARG HD2  H  N N 40  
ARG HD3  H  N N 41  
ARG HE   H  N N 42  
ARG HH11 H  N N 43  
ARG HH12 H  N N 44  
ARG HH21 H  N N 45  
ARG HH22 H  N N 46  
ARG HXT  H  N N 47  
ASN N    N  N N 48  
ASN CA   C  N S 49  
ASN C    C  N N 50  
ASN O    O  N N 51  
ASN CB   C  N N 52  
ASN CG   C  N N 53  
ASN OD1  O  N N 54  
ASN ND2  N  N N 55  
ASN OXT  O  N N 56  
ASN H    H  N N 57  
ASN H2   H  N N 58  
ASN HA   H  N N 59  
ASN HB2  H  N N 60  
ASN HB3  H  N N 61  
ASN HD21 H  N N 62  
ASN HD22 H  N N 63  
ASN HXT  H  N N 64  
ASP N    N  N N 65  
ASP CA   C  N S 66  
ASP C    C  N N 67  
ASP O    O  N N 68  
ASP CB   C  N N 69  
ASP CG   C  N N 70  
ASP OD1  O  N N 71  
ASP OD2  O  N N 72  
ASP OXT  O  N N 73  
ASP H    H  N N 74  
ASP H2   H  N N 75  
ASP HA   H  N N 76  
ASP HB2  H  N N 77  
ASP HB3  H  N N 78  
ASP HD2  H  N N 79  
ASP HXT  H  N N 80  
CA  CA   CA N N 81  
CYS N    N  N N 82  
CYS CA   C  N R 83  
CYS C    C  N N 84  
CYS O    O  N N 85  
CYS CB   C  N N 86  
CYS SG   S  N N 87  
CYS OXT  O  N N 88  
CYS H    H  N N 89  
CYS H2   H  N N 90  
CYS HA   H  N N 91  
CYS HB2  H  N N 92  
CYS HB3  H  N N 93  
CYS HG   H  N N 94  
CYS HXT  H  N N 95  
GLN N    N  N N 96  
GLN CA   C  N S 97  
GLN C    C  N N 98  
GLN O    O  N N 99  
GLN CB   C  N N 100 
GLN CG   C  N N 101 
GLN CD   C  N N 102 
GLN OE1  O  N N 103 
GLN NE2  N  N N 104 
GLN OXT  O  N N 105 
GLN H    H  N N 106 
GLN H2   H  N N 107 
GLN HA   H  N N 108 
GLN HB2  H  N N 109 
GLN HB3  H  N N 110 
GLN HG2  H  N N 111 
GLN HG3  H  N N 112 
GLN HE21 H  N N 113 
GLN HE22 H  N N 114 
GLN HXT  H  N N 115 
GLU N    N  N N 116 
GLU CA   C  N S 117 
GLU C    C  N N 118 
GLU O    O  N N 119 
GLU CB   C  N N 120 
GLU CG   C  N N 121 
GLU CD   C  N N 122 
GLU OE1  O  N N 123 
GLU OE2  O  N N 124 
GLU OXT  O  N N 125 
GLU H    H  N N 126 
GLU H2   H  N N 127 
GLU HA   H  N N 128 
GLU HB2  H  N N 129 
GLU HB3  H  N N 130 
GLU HG2  H  N N 131 
GLU HG3  H  N N 132 
GLU HE2  H  N N 133 
GLU HXT  H  N N 134 
GLY N    N  N N 135 
GLY CA   C  N N 136 
GLY C    C  N N 137 
GLY O    O  N N 138 
GLY OXT  O  N N 139 
GLY H    H  N N 140 
GLY H2   H  N N 141 
GLY HA2  H  N N 142 
GLY HA3  H  N N 143 
GLY HXT  H  N N 144 
HIS N    N  N N 145 
HIS CA   C  N S 146 
HIS C    C  N N 147 
HIS O    O  N N 148 
HIS CB   C  N N 149 
HIS CG   C  Y N 150 
HIS ND1  N  Y N 151 
HIS CD2  C  Y N 152 
HIS CE1  C  Y N 153 
HIS NE2  N  Y N 154 
HIS OXT  O  N N 155 
HIS H    H  N N 156 
HIS H2   H  N N 157 
HIS HA   H  N N 158 
HIS HB2  H  N N 159 
HIS HB3  H  N N 160 
HIS HD1  H  N N 161 
HIS HD2  H  N N 162 
HIS HE1  H  N N 163 
HIS HE2  H  N N 164 
HIS HXT  H  N N 165 
HOH O    O  N N 166 
HOH H1   H  N N 167 
HOH H2   H  N N 168 
ILE N    N  N N 169 
ILE CA   C  N S 170 
ILE C    C  N N 171 
ILE O    O  N N 172 
ILE CB   C  N S 173 
ILE CG1  C  N N 174 
ILE CG2  C  N N 175 
ILE CD1  C  N N 176 
ILE OXT  O  N N 177 
ILE H    H  N N 178 
ILE H2   H  N N 179 
ILE HA   H  N N 180 
ILE HB   H  N N 181 
ILE HG12 H  N N 182 
ILE HG13 H  N N 183 
ILE HG21 H  N N 184 
ILE HG22 H  N N 185 
ILE HG23 H  N N 186 
ILE HD11 H  N N 187 
ILE HD12 H  N N 188 
ILE HD13 H  N N 189 
ILE HXT  H  N N 190 
LEU N    N  N N 191 
LEU CA   C  N S 192 
LEU C    C  N N 193 
LEU O    O  N N 194 
LEU CB   C  N N 195 
LEU CG   C  N N 196 
LEU CD1  C  N N 197 
LEU CD2  C  N N 198 
LEU OXT  O  N N 199 
LEU H    H  N N 200 
LEU H2   H  N N 201 
LEU HA   H  N N 202 
LEU HB2  H  N N 203 
LEU HB3  H  N N 204 
LEU HG   H  N N 205 
LEU HD11 H  N N 206 
LEU HD12 H  N N 207 
LEU HD13 H  N N 208 
LEU HD21 H  N N 209 
LEU HD22 H  N N 210 
LEU HD23 H  N N 211 
LEU HXT  H  N N 212 
LYS N    N  N N 213 
LYS CA   C  N S 214 
LYS C    C  N N 215 
LYS O    O  N N 216 
LYS CB   C  N N 217 
LYS CG   C  N N 218 
LYS CD   C  N N 219 
LYS CE   C  N N 220 
LYS NZ   N  N N 221 
LYS OXT  O  N N 222 
LYS H    H  N N 223 
LYS H2   H  N N 224 
LYS HA   H  N N 225 
LYS HB2  H  N N 226 
LYS HB3  H  N N 227 
LYS HG2  H  N N 228 
LYS HG3  H  N N 229 
LYS HD2  H  N N 230 
LYS HD3  H  N N 231 
LYS HE2  H  N N 232 
LYS HE3  H  N N 233 
LYS HZ1  H  N N 234 
LYS HZ2  H  N N 235 
LYS HZ3  H  N N 236 
LYS HXT  H  N N 237 
MET N    N  N N 238 
MET CA   C  N S 239 
MET C    C  N N 240 
MET O    O  N N 241 
MET CB   C  N N 242 
MET CG   C  N N 243 
MET SD   S  N N 244 
MET CE   C  N N 245 
MET OXT  O  N N 246 
MET H    H  N N 247 
MET H2   H  N N 248 
MET HA   H  N N 249 
MET HB2  H  N N 250 
MET HB3  H  N N 251 
MET HG2  H  N N 252 
MET HG3  H  N N 253 
MET HE1  H  N N 254 
MET HE2  H  N N 255 
MET HE3  H  N N 256 
MET HXT  H  N N 257 
PHE N    N  N N 258 
PHE CA   C  N S 259 
PHE C    C  N N 260 
PHE O    O  N N 261 
PHE CB   C  N N 262 
PHE CG   C  Y N 263 
PHE CD1  C  Y N 264 
PHE CD2  C  Y N 265 
PHE CE1  C  Y N 266 
PHE CE2  C  Y N 267 
PHE CZ   C  Y N 268 
PHE OXT  O  N N 269 
PHE H    H  N N 270 
PHE H2   H  N N 271 
PHE HA   H  N N 272 
PHE HB2  H  N N 273 
PHE HB3  H  N N 274 
PHE HD1  H  N N 275 
PHE HD2  H  N N 276 
PHE HE1  H  N N 277 
PHE HE2  H  N N 278 
PHE HZ   H  N N 279 
PHE HXT  H  N N 280 
S45 CL1  CL N N 281 
S45 C7   C  Y N 282 
S45 C10  C  Y N 283 
S45 C6   C  Y N 284 
S45 C4   C  Y N 285 
S45 C5   C  Y N 286 
S45 C9   C  Y N 287 
S45 C1   C  Y N 288 
S45 N1   N  Y N 289 
S45 C2   C  Y N 290 
S45 O1   O  Y N 291 
S45 N2   N  Y N 292 
S45 C3   C  N R 293 
S45 C11  C  N N 294 
S45 C13  C  N N 295 
S45 C12  C  N N 296 
S45 N3   N  N N 297 
S45 C8   C  N N 298 
S45 H10  H  N N 299 
S45 H6   H  N N 300 
S45 H5   H  N N 301 
S45 H9   H  N N 302 
S45 H3   H  N N 303 
S45 H11  H  N N 304 
S45 H11A H  N N 305 
S45 H13  H  N N 306 
S45 H13A H  N N 307 
S45 H12  H  N N 308 
S45 H12A H  N N 309 
S45 HN3  H  N N 310 
S45 H8   H  N N 311 
S45 H8A  H  N N 312 
SER N    N  N N 313 
SER CA   C  N S 314 
SER C    C  N N 315 
SER O    O  N N 316 
SER CB   C  N N 317 
SER OG   O  N N 318 
SER OXT  O  N N 319 
SER H    H  N N 320 
SER H2   H  N N 321 
SER HA   H  N N 322 
SER HB2  H  N N 323 
SER HB3  H  N N 324 
SER HG   H  N N 325 
SER HXT  H  N N 326 
THR N    N  N N 327 
THR CA   C  N S 328 
THR C    C  N N 329 
THR O    O  N N 330 
THR CB   C  N R 331 
THR OG1  O  N N 332 
THR CG2  C  N N 333 
THR OXT  O  N N 334 
THR H    H  N N 335 
THR H2   H  N N 336 
THR HA   H  N N 337 
THR HB   H  N N 338 
THR HG1  H  N N 339 
THR HG21 H  N N 340 
THR HG22 H  N N 341 
THR HG23 H  N N 342 
THR HXT  H  N N 343 
TYR N    N  N N 344 
TYR CA   C  N S 345 
TYR C    C  N N 346 
TYR O    O  N N 347 
TYR CB   C  N N 348 
TYR CG   C  Y N 349 
TYR CD1  C  Y N 350 
TYR CD2  C  Y N 351 
TYR CE1  C  Y N 352 
TYR CE2  C  Y N 353 
TYR CZ   C  Y N 354 
TYR OH   O  N N 355 
TYR OXT  O  N N 356 
TYR H    H  N N 357 
TYR H2   H  N N 358 
TYR HA   H  N N 359 
TYR HB2  H  N N 360 
TYR HB3  H  N N 361 
TYR HD1  H  N N 362 
TYR HD2  H  N N 363 
TYR HE1  H  N N 364 
TYR HE2  H  N N 365 
TYR HH   H  N N 366 
TYR HXT  H  N N 367 
VAL N    N  N N 368 
VAL CA   C  N S 369 
VAL C    C  N N 370 
VAL O    O  N N 371 
VAL CB   C  N N 372 
VAL CG1  C  N N 373 
VAL CG2  C  N N 374 
VAL OXT  O  N N 375 
VAL H    H  N N 376 
VAL H2   H  N N 377 
VAL HA   H  N N 378 
VAL HB   H  N N 379 
VAL HG11 H  N N 380 
VAL HG12 H  N N 381 
VAL HG13 H  N N 382 
VAL HG21 H  N N 383 
VAL HG22 H  N N 384 
VAL HG23 H  N N 385 
VAL HXT  H  N N 386 
# 
loop_
_chem_comp_bond.comp_id 
_chem_comp_bond.atom_id_1 
_chem_comp_bond.atom_id_2 
_chem_comp_bond.value_order 
_chem_comp_bond.pdbx_aromatic_flag 
_chem_comp_bond.pdbx_stereo_config 
_chem_comp_bond.pdbx_ordinal 
ACT C   O    doub N N 1   
ACT C   OXT  sing N N 2   
ACT C   CH3  sing N N 3   
ACT CH3 H1   sing N N 4   
ACT CH3 H2   sing N N 5   
ACT CH3 H3   sing N N 6   
ALA N   CA   sing N N 7   
ALA N   H    sing N N 8   
ALA N   H2   sing N N 9   
ALA CA  C    sing N N 10  
ALA CA  CB   sing N N 11  
ALA CA  HA   sing N N 12  
ALA C   O    doub N N 13  
ALA C   OXT  sing N N 14  
ALA CB  HB1  sing N N 15  
ALA CB  HB2  sing N N 16  
ALA CB  HB3  sing N N 17  
ALA OXT HXT  sing N N 18  
ARG N   CA   sing N N 19  
ARG N   H    sing N N 20  
ARG N   H2   sing N N 21  
ARG CA  C    sing N N 22  
ARG CA  CB   sing N N 23  
ARG CA  HA   sing N N 24  
ARG C   O    doub N N 25  
ARG C   OXT  sing N N 26  
ARG CB  CG   sing N N 27  
ARG CB  HB2  sing N N 28  
ARG CB  HB3  sing N N 29  
ARG CG  CD   sing N N 30  
ARG CG  HG2  sing N N 31  
ARG CG  HG3  sing N N 32  
ARG CD  NE   sing N N 33  
ARG CD  HD2  sing N N 34  
ARG CD  HD3  sing N N 35  
ARG NE  CZ   sing N N 36  
ARG NE  HE   sing N N 37  
ARG CZ  NH1  sing N N 38  
ARG CZ  NH2  doub N N 39  
ARG NH1 HH11 sing N N 40  
ARG NH1 HH12 sing N N 41  
ARG NH2 HH21 sing N N 42  
ARG NH2 HH22 sing N N 43  
ARG OXT HXT  sing N N 44  
ASN N   CA   sing N N 45  
ASN N   H    sing N N 46  
ASN N   H2   sing N N 47  
ASN CA  C    sing N N 48  
ASN CA  CB   sing N N 49  
ASN CA  HA   sing N N 50  
ASN C   O    doub N N 51  
ASN C   OXT  sing N N 52  
ASN CB  CG   sing N N 53  
ASN CB  HB2  sing N N 54  
ASN CB  HB3  sing N N 55  
ASN CG  OD1  doub N N 56  
ASN CG  ND2  sing N N 57  
ASN ND2 HD21 sing N N 58  
ASN ND2 HD22 sing N N 59  
ASN OXT HXT  sing N N 60  
ASP N   CA   sing N N 61  
ASP N   H    sing N N 62  
ASP N   H2   sing N N 63  
ASP CA  C    sing N N 64  
ASP CA  CB   sing N N 65  
ASP CA  HA   sing N N 66  
ASP C   O    doub N N 67  
ASP C   OXT  sing N N 68  
ASP CB  CG   sing N N 69  
ASP CB  HB2  sing N N 70  
ASP CB  HB3  sing N N 71  
ASP CG  OD1  doub N N 72  
ASP CG  OD2  sing N N 73  
ASP OD2 HD2  sing N N 74  
ASP OXT HXT  sing N N 75  
CYS N   CA   sing N N 76  
CYS N   H    sing N N 77  
CYS N   H2   sing N N 78  
CYS CA  C    sing N N 79  
CYS CA  CB   sing N N 80  
CYS CA  HA   sing N N 81  
CYS C   O    doub N N 82  
CYS C   OXT  sing N N 83  
CYS CB  SG   sing N N 84  
CYS CB  HB2  sing N N 85  
CYS CB  HB3  sing N N 86  
CYS SG  HG   sing N N 87  
CYS OXT HXT  sing N N 88  
GLN N   CA   sing N N 89  
GLN N   H    sing N N 90  
GLN N   H2   sing N N 91  
GLN CA  C    sing N N 92  
GLN CA  CB   sing N N 93  
GLN CA  HA   sing N N 94  
GLN C   O    doub N N 95  
GLN C   OXT  sing N N 96  
GLN CB  CG   sing N N 97  
GLN CB  HB2  sing N N 98  
GLN CB  HB3  sing N N 99  
GLN CG  CD   sing N N 100 
GLN CG  HG2  sing N N 101 
GLN CG  HG3  sing N N 102 
GLN CD  OE1  doub N N 103 
GLN CD  NE2  sing N N 104 
GLN NE2 HE21 sing N N 105 
GLN NE2 HE22 sing N N 106 
GLN OXT HXT  sing N N 107 
GLU N   CA   sing N N 108 
GLU N   H    sing N N 109 
GLU N   H2   sing N N 110 
GLU CA  C    sing N N 111 
GLU CA  CB   sing N N 112 
GLU CA  HA   sing N N 113 
GLU C   O    doub N N 114 
GLU C   OXT  sing N N 115 
GLU CB  CG   sing N N 116 
GLU CB  HB2  sing N N 117 
GLU CB  HB3  sing N N 118 
GLU CG  CD   sing N N 119 
GLU CG  HG2  sing N N 120 
GLU CG  HG3  sing N N 121 
GLU CD  OE1  doub N N 122 
GLU CD  OE2  sing N N 123 
GLU OE2 HE2  sing N N 124 
GLU OXT HXT  sing N N 125 
GLY N   CA   sing N N 126 
GLY N   H    sing N N 127 
GLY N   H2   sing N N 128 
GLY CA  C    sing N N 129 
GLY CA  HA2  sing N N 130 
GLY CA  HA3  sing N N 131 
GLY C   O    doub N N 132 
GLY C   OXT  sing N N 133 
GLY OXT HXT  sing N N 134 
HIS N   CA   sing N N 135 
HIS N   H    sing N N 136 
HIS N   H2   sing N N 137 
HIS CA  C    sing N N 138 
HIS CA  CB   sing N N 139 
HIS CA  HA   sing N N 140 
HIS C   O    doub N N 141 
HIS C   OXT  sing N N 142 
HIS CB  CG   sing N N 143 
HIS CB  HB2  sing N N 144 
HIS CB  HB3  sing N N 145 
HIS CG  ND1  sing Y N 146 
HIS CG  CD2  doub Y N 147 
HIS ND1 CE1  doub Y N 148 
HIS ND1 HD1  sing N N 149 
HIS CD2 NE2  sing Y N 150 
HIS CD2 HD2  sing N N 151 
HIS CE1 NE2  sing Y N 152 
HIS CE1 HE1  sing N N 153 
HIS NE2 HE2  sing N N 154 
HIS OXT HXT  sing N N 155 
HOH O   H1   sing N N 156 
HOH O   H2   sing N N 157 
ILE N   CA   sing N N 158 
ILE N   H    sing N N 159 
ILE N   H2   sing N N 160 
ILE CA  C    sing N N 161 
ILE CA  CB   sing N N 162 
ILE CA  HA   sing N N 163 
ILE C   O    doub N N 164 
ILE C   OXT  sing N N 165 
ILE CB  CG1  sing N N 166 
ILE CB  CG2  sing N N 167 
ILE CB  HB   sing N N 168 
ILE CG1 CD1  sing N N 169 
ILE CG1 HG12 sing N N 170 
ILE CG1 HG13 sing N N 171 
ILE CG2 HG21 sing N N 172 
ILE CG2 HG22 sing N N 173 
ILE CG2 HG23 sing N N 174 
ILE CD1 HD11 sing N N 175 
ILE CD1 HD12 sing N N 176 
ILE CD1 HD13 sing N N 177 
ILE OXT HXT  sing N N 178 
LEU N   CA   sing N N 179 
LEU N   H    sing N N 180 
LEU N   H2   sing N N 181 
LEU CA  C    sing N N 182 
LEU CA  CB   sing N N 183 
LEU CA  HA   sing N N 184 
LEU C   O    doub N N 185 
LEU C   OXT  sing N N 186 
LEU CB  CG   sing N N 187 
LEU CB  HB2  sing N N 188 
LEU CB  HB3  sing N N 189 
LEU CG  CD1  sing N N 190 
LEU CG  CD2  sing N N 191 
LEU CG  HG   sing N N 192 
LEU CD1 HD11 sing N N 193 
LEU CD1 HD12 sing N N 194 
LEU CD1 HD13 sing N N 195 
LEU CD2 HD21 sing N N 196 
LEU CD2 HD22 sing N N 197 
LEU CD2 HD23 sing N N 198 
LEU OXT HXT  sing N N 199 
LYS N   CA   sing N N 200 
LYS N   H    sing N N 201 
LYS N   H2   sing N N 202 
LYS CA  C    sing N N 203 
LYS CA  CB   sing N N 204 
LYS CA  HA   sing N N 205 
LYS C   O    doub N N 206 
LYS C   OXT  sing N N 207 
LYS CB  CG   sing N N 208 
LYS CB  HB2  sing N N 209 
LYS CB  HB3  sing N N 210 
LYS CG  CD   sing N N 211 
LYS CG  HG2  sing N N 212 
LYS CG  HG3  sing N N 213 
LYS CD  CE   sing N N 214 
LYS CD  HD2  sing N N 215 
LYS CD  HD3  sing N N 216 
LYS CE  NZ   sing N N 217 
LYS CE  HE2  sing N N 218 
LYS CE  HE3  sing N N 219 
LYS NZ  HZ1  sing N N 220 
LYS NZ  HZ2  sing N N 221 
LYS NZ  HZ3  sing N N 222 
LYS OXT HXT  sing N N 223 
MET N   CA   sing N N 224 
MET N   H    sing N N 225 
MET N   H2   sing N N 226 
MET CA  C    sing N N 227 
MET CA  CB   sing N N 228 
MET CA  HA   sing N N 229 
MET C   O    doub N N 230 
MET C   OXT  sing N N 231 
MET CB  CG   sing N N 232 
MET CB  HB2  sing N N 233 
MET CB  HB3  sing N N 234 
MET CG  SD   sing N N 235 
MET CG  HG2  sing N N 236 
MET CG  HG3  sing N N 237 
MET SD  CE   sing N N 238 
MET CE  HE1  sing N N 239 
MET CE  HE2  sing N N 240 
MET CE  HE3  sing N N 241 
MET OXT HXT  sing N N 242 
PHE N   CA   sing N N 243 
PHE N   H    sing N N 244 
PHE N   H2   sing N N 245 
PHE CA  C    sing N N 246 
PHE CA  CB   sing N N 247 
PHE CA  HA   sing N N 248 
PHE C   O    doub N N 249 
PHE C   OXT  sing N N 250 
PHE CB  CG   sing N N 251 
PHE CB  HB2  sing N N 252 
PHE CB  HB3  sing N N 253 
PHE CG  CD1  doub Y N 254 
PHE CG  CD2  sing Y N 255 
PHE CD1 CE1  sing Y N 256 
PHE CD1 HD1  sing N N 257 
PHE CD2 CE2  doub Y N 258 
PHE CD2 HD2  sing N N 259 
PHE CE1 CZ   doub Y N 260 
PHE CE1 HE1  sing N N 261 
PHE CE2 CZ   sing Y N 262 
PHE CE2 HE2  sing N N 263 
PHE CZ  HZ   sing N N 264 
PHE OXT HXT  sing N N 265 
S45 CL1 C7   sing N N 266 
S45 C7  C10  doub Y N 267 
S45 C7  C9   sing Y N 268 
S45 C10 C6   sing Y N 269 
S45 C6  C4   doub Y N 270 
S45 C4  C5   sing Y N 271 
S45 C4  C1   sing Y N 272 
S45 C5  C9   doub Y N 273 
S45 C1  N1   sing Y N 274 
S45 C1  N2   doub Y N 275 
S45 N1  C2   doub Y N 276 
S45 C2  O1   sing Y N 277 
S45 C2  C3   sing N N 278 
S45 O1  N2   sing Y N 279 
S45 C3  C11  sing N N 280 
S45 C3  C8   sing N N 281 
S45 C11 C13  sing N N 282 
S45 C13 C12  sing N N 283 
S45 C12 N3   sing N N 284 
S45 N3  C8   sing N N 285 
S45 C10 H10  sing N N 286 
S45 C6  H6   sing N N 287 
S45 C5  H5   sing N N 288 
S45 C9  H9   sing N N 289 
S45 C3  H3   sing N N 290 
S45 C11 H11  sing N N 291 
S45 C11 H11A sing N N 292 
S45 C13 H13  sing N N 293 
S45 C13 H13A sing N N 294 
S45 C12 H12  sing N N 295 
S45 C12 H12A sing N N 296 
S45 N3  HN3  sing N N 297 
S45 C8  H8   sing N N 298 
S45 C8  H8A  sing N N 299 
SER N   CA   sing N N 300 
SER N   H    sing N N 301 
SER N   H2   sing N N 302 
SER CA  C    sing N N 303 
SER CA  CB   sing N N 304 
SER CA  HA   sing N N 305 
SER C   O    doub N N 306 
SER C   OXT  sing N N 307 
SER CB  OG   sing N N 308 
SER CB  HB2  sing N N 309 
SER CB  HB3  sing N N 310 
SER OG  HG   sing N N 311 
SER OXT HXT  sing N N 312 
THR N   CA   sing N N 313 
THR N   H    sing N N 314 
THR N   H2   sing N N 315 
THR CA  C    sing N N 316 
THR CA  CB   sing N N 317 
THR CA  HA   sing N N 318 
THR C   O    doub N N 319 
THR C   OXT  sing N N 320 
THR CB  OG1  sing N N 321 
THR CB  CG2  sing N N 322 
THR CB  HB   sing N N 323 
THR OG1 HG1  sing N N 324 
THR CG2 HG21 sing N N 325 
THR CG2 HG22 sing N N 326 
THR CG2 HG23 sing N N 327 
THR OXT HXT  sing N N 328 
TYR N   CA   sing N N 329 
TYR N   H    sing N N 330 
TYR N   H2   sing N N 331 
TYR CA  C    sing N N 332 
TYR CA  CB   sing N N 333 
TYR CA  HA   sing N N 334 
TYR C   O    doub N N 335 
TYR C   OXT  sing N N 336 
TYR CB  CG   sing N N 337 
TYR CB  HB2  sing N N 338 
TYR CB  HB3  sing N N 339 
TYR CG  CD1  doub Y N 340 
TYR CG  CD2  sing Y N 341 
TYR CD1 CE1  sing Y N 342 
TYR CD1 HD1  sing N N 343 
TYR CD2 CE2  doub Y N 344 
TYR CD2 HD2  sing N N 345 
TYR CE1 CZ   doub Y N 346 
TYR CE1 HE1  sing N N 347 
TYR CE2 CZ   sing Y N 348 
TYR CE2 HE2  sing N N 349 
TYR CZ  OH   sing N N 350 
TYR OH  HH   sing N N 351 
TYR OXT HXT  sing N N 352 
VAL N   CA   sing N N 353 
VAL N   H    sing N N 354 
VAL N   H2   sing N N 355 
VAL CA  C    sing N N 356 
VAL CA  CB   sing N N 357 
VAL CA  HA   sing N N 358 
VAL C   O    doub N N 359 
VAL C   OXT  sing N N 360 
VAL CB  CG1  sing N N 361 
VAL CB  CG2  sing N N 362 
VAL CB  HB   sing N N 363 
VAL CG1 HG11 sing N N 364 
VAL CG1 HG12 sing N N 365 
VAL CG1 HG13 sing N N 366 
VAL CG2 HG21 sing N N 367 
VAL CG2 HG22 sing N N 368 
VAL CG2 HG23 sing N N 369 
VAL OXT HXT  sing N N 370 
# 
loop_
_pdbx_entity_nonpoly.entity_id 
_pdbx_entity_nonpoly.name 
_pdbx_entity_nonpoly.comp_id 
2 'CALCIUM ION'                                                CA  
3 '(3R)-3-[3-(4-chlorophenyl)-1,2,4-oxadiazol-5-yl]piperidine' S45 
4 'ACETATE ION'                                                ACT 
5 water                                                        HOH 
# 
_pdbx_initial_refinement_model.id               1 
_pdbx_initial_refinement_model.entity_id_list   ? 
_pdbx_initial_refinement_model.type             'experimental model' 
_pdbx_initial_refinement_model.source_name      PDB 
_pdbx_initial_refinement_model.accession_code   2H61 
_pdbx_initial_refinement_model.details          'PDB ENTRY 2H61' 
# 
